data_4BVC
# 
_entry.id   4BVC 
# 
_audit_conform.dict_name       mmcif_pdbx.dic 
_audit_conform.dict_version    5.398 
_audit_conform.dict_location   http://mmcif.pdb.org/dictionaries/ascii/mmcif_pdbx.dic 
# 
loop_
_database_2.database_id 
_database_2.database_code 
_database_2.pdbx_database_accession 
_database_2.pdbx_DOI 
PDB   4BVC         pdb_00004bvc 10.2210/pdb4bvc/pdb 
PDBE  EBI-57447    ?            ?                   
WWPDB D_1290057447 ?            ?                   
# 
loop_
_pdbx_audit_revision_history.ordinal 
_pdbx_audit_revision_history.data_content_type 
_pdbx_audit_revision_history.major_revision 
_pdbx_audit_revision_history.minor_revision 
_pdbx_audit_revision_history.revision_date 
1 'Structure model' 1 0 2014-07-09 
2 'Structure model' 1 1 2018-04-04 
3 'Structure model' 1 2 2023-12-20 
4 'Structure model' 1 3 2024-11-06 
# 
_pdbx_audit_revision_details.ordinal             1 
_pdbx_audit_revision_details.revision_ordinal    1 
_pdbx_audit_revision_details.data_content_type   'Structure model' 
_pdbx_audit_revision_details.provider            repository 
_pdbx_audit_revision_details.type                'Initial release' 
_pdbx_audit_revision_details.description         ? 
_pdbx_audit_revision_details.details             ? 
# 
loop_
_pdbx_audit_revision_group.ordinal 
_pdbx_audit_revision_group.revision_ordinal 
_pdbx_audit_revision_group.data_content_type 
_pdbx_audit_revision_group.group 
1 2 'Structure model' 'Data collection'        
2 3 'Structure model' 'Data collection'        
3 3 'Structure model' 'Database references'    
4 3 'Structure model' 'Derived calculations'   
5 3 'Structure model' Other                    
6 3 'Structure model' 'Refinement description' 
7 4 'Structure model' 'Structure summary'      
# 
loop_
_pdbx_audit_revision_category.ordinal 
_pdbx_audit_revision_category.revision_ordinal 
_pdbx_audit_revision_category.data_content_type 
_pdbx_audit_revision_category.category 
1 2 'Structure model' diffrn_source                 
2 3 'Structure model' chem_comp_atom                
3 3 'Structure model' chem_comp_bond                
4 3 'Structure model' database_2                    
5 3 'Structure model' pdbx_database_status          
6 3 'Structure model' pdbx_initial_refinement_model 
7 3 'Structure model' struct_site                   
8 4 'Structure model' pdbx_entry_details            
9 4 'Structure model' pdbx_modification_feature     
# 
loop_
_pdbx_audit_revision_item.ordinal 
_pdbx_audit_revision_item.revision_ordinal 
_pdbx_audit_revision_item.data_content_type 
_pdbx_audit_revision_item.item 
1 2 'Structure model' '_diffrn_source.type'                  
2 3 'Structure model' '_database_2.pdbx_DOI'                 
3 3 'Structure model' '_database_2.pdbx_database_accession'  
4 3 'Structure model' '_pdbx_database_status.status_code_sf' 
5 3 'Structure model' '_struct_site.pdbx_auth_asym_id'       
6 3 'Structure model' '_struct_site.pdbx_auth_comp_id'       
7 3 'Structure model' '_struct_site.pdbx_auth_seq_id'        
# 
_pdbx_database_status.status_code                     REL 
_pdbx_database_status.entry_id                        4BVC 
_pdbx_database_status.deposit_site                    PDBE 
_pdbx_database_status.process_site                    PDBE 
_pdbx_database_status.SG_entry                        . 
_pdbx_database_status.recvd_initial_deposition_date   2013-06-25 
_pdbx_database_status.pdb_format_compatible           Y 
_pdbx_database_status.status_code_sf                  REL 
_pdbx_database_status.status_code_mr                  ? 
_pdbx_database_status.status_code_cs                  ? 
_pdbx_database_status.methods_development_category    ? 
_pdbx_database_status.status_code_nmr_data            ? 
# 
loop_
_pdbx_database_related.db_name 
_pdbx_database_related.db_id 
_pdbx_database_related.content_type 
_pdbx_database_related.details 
PDB 4BV5 unspecified 'IDENTIFICATION OF SMALL MOLECULE INHIBITORS SELECTIVE FOR APO(A) KRINGLES KIV-7, KIV-10 AND KV.' 
PDB 4BV7 unspecified 'IDENTIFICATION OF SMALL MOLECULE INHIBITORS SELECTIVE FOR APO(A) KRINGLES KIV-7, KIV-10 AND KV.' 
PDB 4BVD unspecified 'IDENTIFICATION OF SMALL MOLECULE INHIBITORS SELECTIVE FOR APO(A) KRINGLES KIV-7, KIV-10 AND KV.' 
PDB 4BVV unspecified 'IDENTIFICATION OF SMALL MOLECULE INHIBITORS SELECTIVE FOR APO(A) KRINGLES KIV-7, KIV-10 AND KV.' 
PDB 4BVW unspecified 'IDENTIFICATION OF SMALL MOLECULE INHIBITORS SELECTIVE FOR APO(A) KRINGLES KIV-7, KIV-10 AND KV.' 
# 
loop_
_audit_author.name 
_audit_author.pdbx_ordinal 
'Sandmark, J.'           1  
'Althage, M.'            2  
'Andersson, G.M.K.'      3  
'Antonsson, T.'          4  
'Blaho, S.'              5  
'Bodin, C.'              6  
'Bostrom, J.'            7  
'Chen, Y.'               8  
'Dahlen, A.'             9  
'Eriksson, P.O.'         10 
'Evertsson, E.'          11 
'Fex, T.'                12 
'Fjellstrom, O.'         13 
'Gustafsson, D.'         14 
'Hallberg, C.'           15 
'Hicks, R.'              16 
'Jarkvist, E.'           17 
'Johansson, C.'          18 
'Kalies, I.'             19 
'Kang, D.'               20 
'Svalstedt Karlsson, B.' 21 
'Kartberg, F.'           22 
'Legnehed, A.'           23 
'Lindqvist, A.M.'        24 
'Martinsson, S.A.'       25 
'Moberg, A.'             26 
'Petersson, A.U.'        27 
'Ridderstrom, M.'        28 
'Thelin, A.'             29 
'Tigerstrom, A.'         30 
'Vinblad, J.'            31 
'Xu, B.'                 32 
'Knecht, W.'             33 
# 
_citation.id                        primary 
_citation.title                     
'Small Molecules Used to Decipher the Pathophysiological Roles of the Kringle Domains Kiv-7, - 10 and Kv of Apolipoprotein(A)' 
_citation.journal_abbrev            'To be Published' 
_citation.journal_volume            ? 
_citation.page_first                ? 
_citation.page_last                 ? 
_citation.year                      ? 
_citation.journal_id_ASTM           ? 
_citation.country                   ? 
_citation.journal_id_ISSN           ? 
_citation.journal_id_CSD            0353 
_citation.book_publisher            ? 
_citation.pdbx_database_id_PubMed   ? 
_citation.pdbx_database_id_DOI      ? 
# 
loop_
_citation_author.citation_id 
_citation_author.name 
_citation_author.ordinal 
_citation_author.identifier_ORCID 
primary 'Sandmark, J.'           1  ? 
primary 'Althage, M.'            2  ? 
primary 'Andersson, G.M.K.'      3  ? 
primary 'Antonsson, T.'          4  ? 
primary 'Blaho, S.'              5  ? 
primary 'Bodin, C.'              6  ? 
primary 'Bostrom, J.'            7  ? 
primary 'Chen, Y.'               8  ? 
primary 'Dahlen, A.'             9  ? 
primary 'Eriksson, P.O.'         10 ? 
primary 'Evertsson, E.'          11 ? 
primary 'Fex, T.'                12 ? 
primary 'Fjellstrom, O.'         13 ? 
primary 'Gustafsson, D.'         14 ? 
primary 'Hallberg, C.'           15 ? 
primary 'Hicks, R.'              16 ? 
primary 'Jarkvist, E.'           17 ? 
primary 'Johansson, C.'          18 ? 
primary 'Kalies, I.'             19 ? 
primary 'Kang, D.'               20 ? 
primary 'Svalstedt Karlsson, B.' 21 ? 
primary 'Kartberg, F.'           22 ? 
primary 'Legnehed, A.'           23 ? 
primary 'Lindqvist, A.M.'        24 ? 
primary 'Martinsson, S.A.'       25 ? 
primary 'Moberg, A.'             26 ? 
primary 'Petersson, A.U.'        27 ? 
primary 'Ridderstrom, M.'        28 ? 
primary 'Thelin, A.'             29 ? 
primary 'Tigerstrom, A.'         30 ? 
primary 'Vinblad, J.'            31 ? 
primary 'Xu, B.'                 32 ? 
primary 'Knecht, W.'             33 ? 
# 
loop_
_entity.id 
_entity.type 
_entity.src_method 
_entity.pdbx_description 
_entity.formula_weight 
_entity.pdbx_number_of_molecules 
_entity.pdbx_ec 
_entity.pdbx_mutation 
_entity.pdbx_fragment 
_entity.details 
1 polymer     man 'APOLIPOPROTEIN(A)'                                                  9156.078 1   3.4.21.- YES 
'KRINGLE DOMAIN IV-10, RESIDUES 4123-4201' ? 
2 non-polymer syn 'CHLORIDE ION'                                                       35.453   1   ?        ?   ? ? 
3 non-polymer syn '3-(4-PIPERIDYL)-N-[2-(TRIFLUOROMETHOXY)PHENYL]SULFONYL-PROPANAMIDE' 380.383  1   ?        ?   ? ? 
4 non-polymer syn 'DI(HYDROXYETHYL)ETHER'                                              106.120  1   ?        ?   ? ? 
5 water       nat water                                                                18.015   110 ?        ?   ? ? 
# 
_entity_name_com.entity_id   1 
_entity_name_com.name        'APOLIPOPROTEIN A, APO(A), LP(A)' 
# 
_entity_poly.entity_id                      1 
_entity_poly.type                           'polypeptide(L)' 
_entity_poly.nstd_linkage                   no 
_entity_poly.nstd_monomer                   no 
_entity_poly.pdbx_seq_one_letter_code       QCYHGNGQSYRGTFSTTVTGRTCQSWSSMTPHRHQRTPENYPNDGLTMNYCRNPDADTGPWCFTMDPSIRWEYCALTRC 
_entity_poly.pdbx_seq_one_letter_code_can   QCYHGNGQSYRGTFSTTVTGRTCQSWSSMTPHRHQRTPENYPNDGLTMNYCRNPDADTGPWCFTMDPSIRWEYCALTRC 
_entity_poly.pdbx_strand_id                 A 
_entity_poly.pdbx_target_identifier         ? 
# 
loop_
_pdbx_entity_nonpoly.entity_id 
_pdbx_entity_nonpoly.name 
_pdbx_entity_nonpoly.comp_id 
2 'CHLORIDE ION'                                                       CL  
3 '3-(4-PIPERIDYL)-N-[2-(TRIFLUOROMETHOXY)PHENYL]SULFONYL-PROPANAMIDE' BV5 
4 'DI(HYDROXYETHYL)ETHER'                                              PEG 
5 water                                                                HOH 
# 
loop_
_entity_poly_seq.entity_id 
_entity_poly_seq.num 
_entity_poly_seq.mon_id 
_entity_poly_seq.hetero 
1 1  GLN n 
1 2  CYS n 
1 3  TYR n 
1 4  HIS n 
1 5  GLY n 
1 6  ASN n 
1 7  GLY n 
1 8  GLN n 
1 9  SER n 
1 10 TYR n 
1 11 ARG n 
1 12 GLY n 
1 13 THR n 
1 14 PHE n 
1 15 SER n 
1 16 THR n 
1 17 THR n 
1 18 VAL n 
1 19 THR n 
1 20 GLY n 
1 21 ARG n 
1 22 THR n 
1 23 CYS n 
1 24 GLN n 
1 25 SER n 
1 26 TRP n 
1 27 SER n 
1 28 SER n 
1 29 MET n 
1 30 THR n 
1 31 PRO n 
1 32 HIS n 
1 33 ARG n 
1 34 HIS n 
1 35 GLN n 
1 36 ARG n 
1 37 THR n 
1 38 PRO n 
1 39 GLU n 
1 40 ASN n 
1 41 TYR n 
1 42 PRO n 
1 43 ASN n 
1 44 ASP n 
1 45 GLY n 
1 46 LEU n 
1 47 THR n 
1 48 MET n 
1 49 ASN n 
1 50 TYR n 
1 51 CYS n 
1 52 ARG n 
1 53 ASN n 
1 54 PRO n 
1 55 ASP n 
1 56 ALA n 
1 57 ASP n 
1 58 THR n 
1 59 GLY n 
1 60 PRO n 
1 61 TRP n 
1 62 CYS n 
1 63 PHE n 
1 64 THR n 
1 65 MET n 
1 66 ASP n 
1 67 PRO n 
1 68 SER n 
1 69 ILE n 
1 70 ARG n 
1 71 TRP n 
1 72 GLU n 
1 73 TYR n 
1 74 CYS n 
1 75 ALA n 
1 76 LEU n 
1 77 THR n 
1 78 ARG n 
1 79 CYS n 
# 
_entity_src_gen.entity_id                          1 
_entity_src_gen.pdbx_src_id                        1 
_entity_src_gen.pdbx_alt_source_flag               sample 
_entity_src_gen.pdbx_seq_type                      ? 
_entity_src_gen.pdbx_beg_seq_num                   ? 
_entity_src_gen.pdbx_end_seq_num                   ? 
_entity_src_gen.gene_src_common_name               HUMAN 
_entity_src_gen.gene_src_genus                     ? 
_entity_src_gen.pdbx_gene_src_gene                 ? 
_entity_src_gen.gene_src_species                   ? 
_entity_src_gen.gene_src_strain                    ? 
_entity_src_gen.gene_src_tissue                    ? 
_entity_src_gen.gene_src_tissue_fraction           ? 
_entity_src_gen.gene_src_details                   ? 
_entity_src_gen.pdbx_gene_src_fragment             ? 
_entity_src_gen.pdbx_gene_src_scientific_name      'HOMO SAPIENS' 
_entity_src_gen.pdbx_gene_src_ncbi_taxonomy_id     9606 
_entity_src_gen.pdbx_gene_src_variant              ? 
_entity_src_gen.pdbx_gene_src_cell_line            ? 
_entity_src_gen.pdbx_gene_src_atcc                 ? 
_entity_src_gen.pdbx_gene_src_organ                ? 
_entity_src_gen.pdbx_gene_src_organelle            ? 
_entity_src_gen.pdbx_gene_src_cell                 ? 
_entity_src_gen.pdbx_gene_src_cellular_location    ? 
_entity_src_gen.host_org_common_name               ? 
_entity_src_gen.pdbx_host_org_scientific_name      'KOMAGATAELLA PASTORIS' 
_entity_src_gen.pdbx_host_org_ncbi_taxonomy_id     4922 
_entity_src_gen.host_org_genus                     ? 
_entity_src_gen.pdbx_host_org_gene                 ? 
_entity_src_gen.pdbx_host_org_organ                ? 
_entity_src_gen.host_org_species                   ? 
_entity_src_gen.pdbx_host_org_tissue               ? 
_entity_src_gen.pdbx_host_org_tissue_fraction      ? 
_entity_src_gen.pdbx_host_org_strain               X-33 
_entity_src_gen.pdbx_host_org_variant              ? 
_entity_src_gen.pdbx_host_org_cell_line            ? 
_entity_src_gen.pdbx_host_org_atcc                 ? 
_entity_src_gen.pdbx_host_org_culture_collection   ? 
_entity_src_gen.pdbx_host_org_cell                 ? 
_entity_src_gen.pdbx_host_org_organelle            ? 
_entity_src_gen.pdbx_host_org_cellular_location    ? 
_entity_src_gen.pdbx_host_org_vector_type          PLASMID 
_entity_src_gen.pdbx_host_org_vector               ? 
_entity_src_gen.host_org_details                   ? 
_entity_src_gen.expression_system_id               ? 
_entity_src_gen.plasmid_name                       PPICZALPHAC 
_entity_src_gen.plasmid_details                    ? 
_entity_src_gen.pdbx_description                   ? 
# 
loop_
_chem_comp.id 
_chem_comp.type 
_chem_comp.mon_nstd_flag 
_chem_comp.name 
_chem_comp.pdbx_synonyms 
_chem_comp.formula 
_chem_comp.formula_weight 
ALA 'L-peptide linking' y ALANINE                                                              ? 'C3 H7 N O2'         89.093  
ARG 'L-peptide linking' y ARGININE                                                             ? 'C6 H15 N4 O2 1'     175.209 
ASN 'L-peptide linking' y ASPARAGINE                                                           ? 'C4 H8 N2 O3'        132.118 
ASP 'L-peptide linking' y 'ASPARTIC ACID'                                                      ? 'C4 H7 N O4'         133.103 
BV5 non-polymer         . '3-(4-PIPERIDYL)-N-[2-(TRIFLUOROMETHOXY)PHENYL]SULFONYL-PROPANAMIDE' ? 'C15 H19 F3 N2 O4 S' 380.383 
CL  non-polymer         . 'CHLORIDE ION'                                                       ? 'Cl -1'              35.453  
CYS 'L-peptide linking' y CYSTEINE                                                             ? 'C3 H7 N O2 S'       121.158 
GLN 'L-peptide linking' y GLUTAMINE                                                            ? 'C5 H10 N2 O3'       146.144 
GLU 'L-peptide linking' y 'GLUTAMIC ACID'                                                      ? 'C5 H9 N O4'         147.129 
GLY 'peptide linking'   y GLYCINE                                                              ? 'C2 H5 N O2'         75.067  
HIS 'L-peptide linking' y HISTIDINE                                                            ? 'C6 H10 N3 O2 1'     156.162 
HOH non-polymer         . WATER                                                                ? 'H2 O'               18.015  
ILE 'L-peptide linking' y ISOLEUCINE                                                           ? 'C6 H13 N O2'        131.173 
LEU 'L-peptide linking' y LEUCINE                                                              ? 'C6 H13 N O2'        131.173 
MET 'L-peptide linking' y METHIONINE                                                           ? 'C5 H11 N O2 S'      149.211 
PEG non-polymer         . 'DI(HYDROXYETHYL)ETHER'                                              ? 'C4 H10 O3'          106.120 
PHE 'L-peptide linking' y PHENYLALANINE                                                        ? 'C9 H11 N O2'        165.189 
PRO 'L-peptide linking' y PROLINE                                                              ? 'C5 H9 N O2'         115.130 
SER 'L-peptide linking' y SERINE                                                               ? 'C3 H7 N O3'         105.093 
THR 'L-peptide linking' y THREONINE                                                            ? 'C4 H9 N O3'         119.119 
TRP 'L-peptide linking' y TRYPTOPHAN                                                           ? 'C11 H12 N2 O2'      204.225 
TYR 'L-peptide linking' y TYROSINE                                                             ? 'C9 H11 N O3'        181.189 
VAL 'L-peptide linking' y VALINE                                                               ? 'C5 H11 N O2'        117.146 
# 
loop_
_pdbx_poly_seq_scheme.asym_id 
_pdbx_poly_seq_scheme.entity_id 
_pdbx_poly_seq_scheme.seq_id 
_pdbx_poly_seq_scheme.mon_id 
_pdbx_poly_seq_scheme.ndb_seq_num 
_pdbx_poly_seq_scheme.pdb_seq_num 
_pdbx_poly_seq_scheme.auth_seq_num 
_pdbx_poly_seq_scheme.pdb_mon_id 
_pdbx_poly_seq_scheme.auth_mon_id 
_pdbx_poly_seq_scheme.pdb_strand_id 
_pdbx_poly_seq_scheme.pdb_ins_code 
_pdbx_poly_seq_scheme.hetero 
A 1 1  GLN 1  0  0  GLN GLN A . n 
A 1 2  CYS 2  1  1  CYS CYS A . n 
A 1 3  TYR 3  2  2  TYR TYR A . n 
A 1 4  HIS 4  3  3  HIS HIS A . n 
A 1 5  GLY 5  4  4  GLY GLY A . n 
A 1 6  ASN 6  5  5  ASN ASN A . n 
A 1 7  GLY 7  6  6  GLY GLY A . n 
A 1 8  GLN 8  7  7  GLN GLN A . n 
A 1 9  SER 9  8  8  SER SER A . n 
A 1 10 TYR 10 9  9  TYR TYR A . n 
A 1 11 ARG 11 10 10 ARG ARG A . n 
A 1 12 GLY 12 11 11 GLY GLY A . n 
A 1 13 THR 13 12 12 THR THR A . n 
A 1 14 PHE 14 13 13 PHE PHE A . n 
A 1 15 SER 15 14 14 SER SER A . n 
A 1 16 THR 16 15 15 THR THR A . n 
A 1 17 THR 17 16 16 THR THR A . n 
A 1 18 VAL 18 17 17 VAL VAL A . n 
A 1 19 THR 19 18 18 THR THR A . n 
A 1 20 GLY 20 19 19 GLY GLY A . n 
A 1 21 ARG 21 20 20 ARG ARG A . n 
A 1 22 THR 22 21 21 THR THR A . n 
A 1 23 CYS 23 22 22 CYS CYS A . n 
A 1 24 GLN 24 23 23 GLN GLN A . n 
A 1 25 SER 25 24 24 SER SER A . n 
A 1 26 TRP 26 25 25 TRP TRP A . n 
A 1 27 SER 27 26 26 SER SER A . n 
A 1 28 SER 28 27 27 SER SER A . n 
A 1 29 MET 29 28 28 MET MET A . n 
A 1 30 THR 30 29 29 THR THR A . n 
A 1 31 PRO 31 30 30 PRO PRO A . n 
A 1 32 HIS 32 31 31 HIS HIS A . n 
A 1 33 ARG 33 32 32 ARG ARG A . n 
A 1 34 HIS 34 33 33 HIS HIS A . n 
A 1 35 GLN 35 34 34 GLN GLN A . n 
A 1 36 ARG 36 35 35 ARG ARG A . n 
A 1 37 THR 37 37 37 THR THR A . n 
A 1 38 PRO 38 38 38 PRO PRO A . n 
A 1 39 GLU 39 39 39 GLU GLU A . n 
A 1 40 ASN 40 40 40 ASN ASN A . n 
A 1 41 TYR 41 41 41 TYR TYR A . n 
A 1 42 PRO 42 42 42 PRO PRO A . n 
A 1 43 ASN 43 43 43 ASN ASN A . n 
A 1 44 ASP 44 44 44 ASP ASP A . n 
A 1 45 GLY 45 45 45 GLY GLY A . n 
A 1 46 LEU 46 46 46 LEU LEU A . n 
A 1 47 THR 47 47 47 THR THR A . n 
A 1 48 MET 48 48 48 MET MET A . n 
A 1 49 ASN 49 49 49 ASN ASN A . n 
A 1 50 TYR 50 50 50 TYR TYR A . n 
A 1 51 CYS 51 51 51 CYS CYS A . n 
A 1 52 ARG 52 52 52 ARG ARG A . n 
A 1 53 ASN 53 53 53 ASN ASN A . n 
A 1 54 PRO 54 54 54 PRO PRO A . n 
A 1 55 ASP 55 55 55 ASP ASP A . n 
A 1 56 ALA 56 56 56 ALA ALA A . n 
A 1 57 ASP 57 57 57 ASP ASP A . n 
A 1 58 THR 58 58 58 THR THR A . n 
A 1 59 GLY 59 60 60 GLY GLY A . n 
A 1 60 PRO 60 61 61 PRO PRO A . n 
A 1 61 TRP 61 62 62 TRP TRP A . n 
A 1 62 CYS 62 63 63 CYS CYS A . n 
A 1 63 PHE 63 64 64 PHE PHE A . n 
A 1 64 THR 64 65 65 THR THR A . n 
A 1 65 MET 65 66 66 MET MET A . n 
A 1 66 ASP 66 67 67 ASP ASP A . n 
A 1 67 PRO 67 68 68 PRO PRO A . n 
A 1 68 SER 68 69 69 SER SER A . n 
A 1 69 ILE 69 70 70 ILE ILE A . n 
A 1 70 ARG 70 71 71 ARG ARG A . n 
A 1 71 TRP 71 72 72 TRP TRP A . n 
A 1 72 GLU 72 73 73 GLU GLU A . n 
A 1 73 TYR 73 74 74 TYR TYR A . n 
A 1 74 CYS 74 75 75 CYS CYS A . n 
A 1 75 ALA 75 76 76 ALA ALA A . n 
A 1 76 LEU 76 77 77 LEU LEU A . n 
A 1 77 THR 77 78 78 THR THR A . n 
A 1 78 ARG 78 79 79 ARG ARG A . n 
A 1 79 CYS 79 80 80 CYS CYS A . n 
# 
loop_
_pdbx_nonpoly_scheme.asym_id 
_pdbx_nonpoly_scheme.entity_id 
_pdbx_nonpoly_scheme.mon_id 
_pdbx_nonpoly_scheme.ndb_seq_num 
_pdbx_nonpoly_scheme.pdb_seq_num 
_pdbx_nonpoly_scheme.auth_seq_num 
_pdbx_nonpoly_scheme.pdb_mon_id 
_pdbx_nonpoly_scheme.auth_mon_id 
_pdbx_nonpoly_scheme.pdb_strand_id 
_pdbx_nonpoly_scheme.pdb_ins_code 
B 2 CL  1   1081 1081 CL  CL  A . 
C 3 BV5 1   1082 1082 BV5 BV5 A . 
D 4 PEG 1   1083 1083 PEG PEG A . 
E 5 HOH 1   2001 2001 HOH HOH A . 
E 5 HOH 2   2002 2002 HOH HOH A . 
E 5 HOH 3   2003 2003 HOH HOH A . 
E 5 HOH 4   2004 2004 HOH HOH A . 
E 5 HOH 5   2005 2005 HOH HOH A . 
E 5 HOH 6   2006 2006 HOH HOH A . 
E 5 HOH 7   2007 2007 HOH HOH A . 
E 5 HOH 8   2008 2008 HOH HOH A . 
E 5 HOH 9   2009 2009 HOH HOH A . 
E 5 HOH 10  2010 2010 HOH HOH A . 
E 5 HOH 11  2011 2011 HOH HOH A . 
E 5 HOH 12  2012 2012 HOH HOH A . 
E 5 HOH 13  2013 2013 HOH HOH A . 
E 5 HOH 14  2014 2014 HOH HOH A . 
E 5 HOH 15  2015 2015 HOH HOH A . 
E 5 HOH 16  2016 2016 HOH HOH A . 
E 5 HOH 17  2017 2017 HOH HOH A . 
E 5 HOH 18  2018 2018 HOH HOH A . 
E 5 HOH 19  2019 2019 HOH HOH A . 
E 5 HOH 20  2020 2020 HOH HOH A . 
E 5 HOH 21  2021 2021 HOH HOH A . 
E 5 HOH 22  2022 2022 HOH HOH A . 
E 5 HOH 23  2023 2023 HOH HOH A . 
E 5 HOH 24  2024 2024 HOH HOH A . 
E 5 HOH 25  2025 2025 HOH HOH A . 
E 5 HOH 26  2026 2026 HOH HOH A . 
E 5 HOH 27  2027 2027 HOH HOH A . 
E 5 HOH 28  2028 2028 HOH HOH A . 
E 5 HOH 29  2029 2029 HOH HOH A . 
E 5 HOH 30  2030 2030 HOH HOH A . 
E 5 HOH 31  2031 2031 HOH HOH A . 
E 5 HOH 32  2032 2032 HOH HOH A . 
E 5 HOH 33  2033 2033 HOH HOH A . 
E 5 HOH 34  2034 2034 HOH HOH A . 
E 5 HOH 35  2035 2035 HOH HOH A . 
E 5 HOH 36  2036 2036 HOH HOH A . 
E 5 HOH 37  2037 2037 HOH HOH A . 
E 5 HOH 38  2038 2038 HOH HOH A . 
E 5 HOH 39  2039 2039 HOH HOH A . 
E 5 HOH 40  2040 2040 HOH HOH A . 
E 5 HOH 41  2041 2041 HOH HOH A . 
E 5 HOH 42  2042 2042 HOH HOH A . 
E 5 HOH 43  2043 2043 HOH HOH A . 
E 5 HOH 44  2044 2044 HOH HOH A . 
E 5 HOH 45  2045 2045 HOH HOH A . 
E 5 HOH 46  2046 2046 HOH HOH A . 
E 5 HOH 47  2047 2047 HOH HOH A . 
E 5 HOH 48  2048 2048 HOH HOH A . 
E 5 HOH 49  2049 2049 HOH HOH A . 
E 5 HOH 50  2050 2050 HOH HOH A . 
E 5 HOH 51  2051 2051 HOH HOH A . 
E 5 HOH 52  2052 2052 HOH HOH A . 
E 5 HOH 53  2053 2053 HOH HOH A . 
E 5 HOH 54  2054 2054 HOH HOH A . 
E 5 HOH 55  2055 2055 HOH HOH A . 
E 5 HOH 56  2056 2056 HOH HOH A . 
E 5 HOH 57  2057 2057 HOH HOH A . 
E 5 HOH 58  2058 2058 HOH HOH A . 
E 5 HOH 59  2059 2059 HOH HOH A . 
E 5 HOH 60  2060 2060 HOH HOH A . 
E 5 HOH 61  2061 2061 HOH HOH A . 
E 5 HOH 62  2062 2062 HOH HOH A . 
E 5 HOH 63  2063 2063 HOH HOH A . 
E 5 HOH 64  2064 2064 HOH HOH A . 
E 5 HOH 65  2065 2065 HOH HOH A . 
E 5 HOH 66  2066 2066 HOH HOH A . 
E 5 HOH 67  2067 2067 HOH HOH A . 
E 5 HOH 68  2068 2068 HOH HOH A . 
E 5 HOH 69  2069 2069 HOH HOH A . 
E 5 HOH 70  2070 2070 HOH HOH A . 
E 5 HOH 71  2071 2071 HOH HOH A . 
E 5 HOH 72  2072 2072 HOH HOH A . 
E 5 HOH 73  2073 2073 HOH HOH A . 
E 5 HOH 74  2074 2074 HOH HOH A . 
E 5 HOH 75  2075 2075 HOH HOH A . 
E 5 HOH 76  2076 2076 HOH HOH A . 
E 5 HOH 77  2077 2077 HOH HOH A . 
E 5 HOH 78  2078 2078 HOH HOH A . 
E 5 HOH 79  2079 2079 HOH HOH A . 
E 5 HOH 80  2080 2080 HOH HOH A . 
E 5 HOH 81  2081 2081 HOH HOH A . 
E 5 HOH 82  2082 2082 HOH HOH A . 
E 5 HOH 83  2083 2083 HOH HOH A . 
E 5 HOH 84  2084 2084 HOH HOH A . 
E 5 HOH 85  2085 2085 HOH HOH A . 
E 5 HOH 86  2086 2086 HOH HOH A . 
E 5 HOH 87  2087 2087 HOH HOH A . 
E 5 HOH 88  2088 2088 HOH HOH A . 
E 5 HOH 89  2089 2089 HOH HOH A . 
E 5 HOH 90  2090 2090 HOH HOH A . 
E 5 HOH 91  2091 2091 HOH HOH A . 
E 5 HOH 92  2092 2092 HOH HOH A . 
E 5 HOH 93  2093 2093 HOH HOH A . 
E 5 HOH 94  2094 2094 HOH HOH A . 
E 5 HOH 95  2095 2095 HOH HOH A . 
E 5 HOH 96  2096 2096 HOH HOH A . 
E 5 HOH 97  2097 2097 HOH HOH A . 
E 5 HOH 98  2098 2098 HOH HOH A . 
E 5 HOH 99  2099 2099 HOH HOH A . 
E 5 HOH 100 2100 2100 HOH HOH A . 
E 5 HOH 101 2101 2101 HOH HOH A . 
E 5 HOH 102 2102 2102 HOH HOH A . 
E 5 HOH 103 2103 2103 HOH HOH A . 
E 5 HOH 104 2104 2104 HOH HOH A . 
E 5 HOH 105 2105 2105 HOH HOH A . 
E 5 HOH 106 2106 2106 HOH HOH A . 
E 5 HOH 107 2107 2107 HOH HOH A . 
E 5 HOH 108 2108 2108 HOH HOH A . 
E 5 HOH 109 2109 2109 HOH HOH A . 
E 5 HOH 110 2110 2110 HOH HOH A . 
# 
loop_
_software.name 
_software.classification 
_software.version 
_software.citation_id 
_software.pdbx_ordinal 
REFMAC refinement       5.7.0029 ? 1 
MOSFLM 'data reduction' .        ? 2 
SCALA  'data scaling'   .        ? 3 
PHASER phasing          .        ? 4 
# 
_cell.entry_id           4BVC 
_cell.length_a           24.550 
_cell.length_b           45.690 
_cell.length_c           55.110 
_cell.angle_alpha        90.00 
_cell.angle_beta         90.00 
_cell.angle_gamma        90.00 
_cell.Z_PDB              4 
_cell.pdbx_unique_axis   ? 
# 
_symmetry.entry_id                         4BVC 
_symmetry.space_group_name_H-M             'P 21 21 21' 
_symmetry.pdbx_full_space_group_name_H-M   ? 
_symmetry.cell_setting                     ? 
_symmetry.Int_Tables_number                19 
# 
_exptl.entry_id          4BVC 
_exptl.method            'X-RAY DIFFRACTION' 
_exptl.crystals_number   1 
# 
_exptl_crystal.id                    1 
_exptl_crystal.density_meas          ? 
_exptl_crystal.density_Matthews      1.7 
_exptl_crystal.density_percent_sol   28 
_exptl_crystal.description           NONE 
# 
_exptl_crystal_grow.crystal_id      1 
_exptl_crystal_grow.method          ? 
_exptl_crystal_grow.temp            ? 
_exptl_crystal_grow.temp_details    ? 
_exptl_crystal_grow.pH              8.5 
_exptl_crystal_grow.pdbx_pH_range   ? 
_exptl_crystal_grow.pdbx_details    '8% PEG8000, 0.1M TRIS PH8.5, 0.2M LISO4' 
# 
_diffrn.id                     1 
_diffrn.ambient_temp           100 
_diffrn.ambient_temp_details   ? 
_diffrn.crystal_id             1 
# 
_diffrn_detector.diffrn_id              1 
_diffrn_detector.detector               CCD 
_diffrn_detector.type                   'RIGAKU CCD-A200-CU' 
_diffrn_detector.pdbx_collection_date   2012-09-12 
_diffrn_detector.details                MIRRORS 
# 
_diffrn_radiation.diffrn_id                        1 
_diffrn_radiation.wavelength_id                    1 
_diffrn_radiation.pdbx_monochromatic_or_laue_m_l   M 
_diffrn_radiation.monochromator                    ? 
_diffrn_radiation.pdbx_diffrn_protocol             'SINGLE WAVELENGTH' 
_diffrn_radiation.pdbx_scattering_type             x-ray 
# 
_diffrn_radiation_wavelength.id           1 
_diffrn_radiation_wavelength.wavelength   1.5418 
_diffrn_radiation_wavelength.wt           1.0 
# 
_diffrn_source.diffrn_id                   1 
_diffrn_source.source                      'ROTATING ANODE' 
_diffrn_source.type                        'RIGAKU FR-E+' 
_diffrn_source.pdbx_synchrotron_site       ? 
_diffrn_source.pdbx_synchrotron_beamline   ? 
_diffrn_source.pdbx_wavelength             1.5418 
_diffrn_source.pdbx_wavelength_list        ? 
# 
_reflns.pdbx_diffrn_id               1 
_reflns.pdbx_ordinal                 1 
_reflns.entry_id                     4BVC 
_reflns.observed_criterion_sigma_I   2.0 
_reflns.observed_criterion_sigma_F   ? 
_reflns.d_resolution_low             24.60 
_reflns.d_resolution_high            1.60 
_reflns.number_obs                   8006 
_reflns.number_all                   ? 
_reflns.percent_possible_obs         93.0 
_reflns.pdbx_Rmerge_I_obs            0.09 
_reflns.pdbx_Rsym_value              ? 
_reflns.pdbx_netI_over_sigmaI        13.00 
_reflns.B_iso_Wilson_estimate        ? 
_reflns.pdbx_redundancy              5.9 
# 
_reflns_shell.pdbx_diffrn_id         1 
_reflns_shell.pdbx_ordinal           1 
_reflns_shell.d_res_high             1.60 
_reflns_shell.d_res_low              1.64 
_reflns_shell.percent_possible_all   57.0 
_reflns_shell.Rmerge_I_obs           0.49 
_reflns_shell.pdbx_Rsym_value        ? 
_reflns_shell.meanI_over_sigI_obs    1.70 
_reflns_shell.pdbx_redundancy        2.7 
# 
_refine.pdbx_refine_id                           'X-RAY DIFFRACTION' 
_refine.entry_id                                 4BVC 
_refine.pdbx_diffrn_id                           1 
_refine.pdbx_TLS_residual_ADP_flag               ? 
_refine.ls_number_reflns_obs                     7366 
_refine.ls_number_reflns_all                     ? 
_refine.pdbx_ls_sigma_I                          ? 
_refine.pdbx_ls_sigma_F                          . 
_refine.pdbx_data_cutoff_high_absF               ? 
_refine.pdbx_data_cutoff_low_absF                ? 
_refine.pdbx_data_cutoff_high_rms_absF           ? 
_refine.ls_d_res_low                             23.61 
_refine.ls_d_res_high                            1.60 
_refine.ls_percent_reflns_obs                    89.29 
_refine.ls_R_factor_obs                          0.15879 
_refine.ls_R_factor_all                          ? 
_refine.ls_R_factor_R_work                       0.15706 
_refine.ls_R_factor_R_free                       0.19419 
_refine.ls_R_factor_R_free_error                 ? 
_refine.ls_R_factor_R_free_error_details         ? 
_refine.ls_percent_reflns_R_free                 4.7 
_refine.ls_number_reflns_R_free                  365 
_refine.ls_number_parameters                     ? 
_refine.ls_number_restraints                     ? 
_refine.occupancy_min                            ? 
_refine.occupancy_max                            ? 
_refine.correlation_coeff_Fo_to_Fc               0.965 
_refine.correlation_coeff_Fo_to_Fc_free          0.925 
_refine.B_iso_mean                               11.817 
_refine.aniso_B[1][1]                            0.05 
_refine.aniso_B[2][2]                            -0.40 
_refine.aniso_B[3][3]                            0.35 
_refine.aniso_B[1][2]                            0.00 
_refine.aniso_B[1][3]                            0.00 
_refine.aniso_B[2][3]                            0.00 
_refine.solvent_model_details                    MASK 
_refine.solvent_model_param_ksol                 ? 
_refine.solvent_model_param_bsol                 ? 
_refine.pdbx_solvent_vdw_probe_radii             1.20 
_refine.pdbx_solvent_ion_probe_radii             0.80 
_refine.pdbx_solvent_shrinkage_radii             0.80 
_refine.pdbx_ls_cross_valid_method               THROUGHOUT 
_refine.details                                  'HYDROGENS HAVE BEEN ADDED IN THE RIDING POSITIONS.' 
_refine.pdbx_starting_model                      'PDB ENTRY 3KIV' 
_refine.pdbx_method_to_determine_struct          'MOLECULAR REPLACEMENT' 
_refine.pdbx_isotropic_thermal_model             ? 
_refine.pdbx_stereochemistry_target_values       'MAXIMUM LIKELIHOOD' 
_refine.pdbx_stereochem_target_val_spec_case     ? 
_refine.pdbx_R_Free_selection_details            RANDOM 
_refine.pdbx_overall_ESU_R                       0.115 
_refine.pdbx_overall_ESU_R_Free                  0.107 
_refine.overall_SU_ML                            ? 
_refine.pdbx_overall_phase_error                 ? 
_refine.overall_SU_B                             ? 
_refine.overall_SU_R_Cruickshank_DPI             ? 
_refine.pdbx_overall_SU_R_free_Cruickshank_DPI   ? 
_refine.pdbx_overall_SU_R_Blow_DPI               ? 
_refine.pdbx_overall_SU_R_free_Blow_DPI          ? 
# 
_refine_hist.pdbx_refine_id                   'X-RAY DIFFRACTION' 
_refine_hist.cycle_id                         LAST 
_refine_hist.pdbx_number_atoms_protein        638 
_refine_hist.pdbx_number_atoms_nucleic_acid   0 
_refine_hist.pdbx_number_atoms_ligand         33 
_refine_hist.number_atoms_solvent             110 
_refine_hist.number_atoms_total               781 
_refine_hist.d_res_high                       1.60 
_refine_hist.d_res_low                        23.61 
# 
loop_
_refine_ls_restr.type 
_refine_ls_restr.dev_ideal 
_refine_ls_restr.dev_ideal_target 
_refine_ls_restr.weight 
_refine_ls_restr.number 
_refine_ls_restr.pdbx_refine_id 
_refine_ls_restr.pdbx_restraint_function 
r_bond_refined_d             0.015  0.019  ? 699  'X-RAY DIFFRACTION' ? 
r_bond_other_d               0.000  0.020  ? 568  'X-RAY DIFFRACTION' ? 
r_angle_refined_deg          1.714  1.954  ? 952  'X-RAY DIFFRACTION' ? 
r_angle_other_deg            3.654  3.009  ? 1300 'X-RAY DIFFRACTION' ? 
r_dihedral_angle_1_deg       5.808  5.000  ? 78   'X-RAY DIFFRACTION' ? 
r_dihedral_angle_2_deg       34.505 22.500 ? 36   'X-RAY DIFFRACTION' ? 
r_dihedral_angle_3_deg       13.145 15.000 ? 96   'X-RAY DIFFRACTION' ? 
r_dihedral_angle_4_deg       7.421  15.000 ? 7    'X-RAY DIFFRACTION' ? 
r_chiral_restr               0.079  0.200  ? 89   'X-RAY DIFFRACTION' ? 
r_gen_planes_refined         0.005  0.021  ? 794  'X-RAY DIFFRACTION' ? 
r_gen_planes_other           0.005  0.020  ? 177  'X-RAY DIFFRACTION' ? 
r_nbd_refined                ?      ?      ? ?    'X-RAY DIFFRACTION' ? 
r_nbd_other                  ?      ?      ? ?    'X-RAY DIFFRACTION' ? 
r_nbtor_refined              ?      ?      ? ?    'X-RAY DIFFRACTION' ? 
r_nbtor_other                ?      ?      ? ?    'X-RAY DIFFRACTION' ? 
r_xyhbond_nbd_refined        ?      ?      ? ?    'X-RAY DIFFRACTION' ? 
r_xyhbond_nbd_other          ?      ?      ? ?    'X-RAY DIFFRACTION' ? 
r_metal_ion_refined          ?      ?      ? ?    'X-RAY DIFFRACTION' ? 
r_metal_ion_other            ?      ?      ? ?    'X-RAY DIFFRACTION' ? 
r_symmetry_vdw_refined       ?      ?      ? ?    'X-RAY DIFFRACTION' ? 
r_symmetry_vdw_other         ?      ?      ? ?    'X-RAY DIFFRACTION' ? 
r_symmetry_hbond_refined     ?      ?      ? ?    'X-RAY DIFFRACTION' ? 
r_symmetry_hbond_other       ?      ?      ? ?    'X-RAY DIFFRACTION' ? 
r_symmetry_metal_ion_refined ?      ?      ? ?    'X-RAY DIFFRACTION' ? 
r_symmetry_metal_ion_other   ?      ?      ? ?    'X-RAY DIFFRACTION' ? 
r_mcbond_it                  ?      ?      ? ?    'X-RAY DIFFRACTION' ? 
r_mcbond_other               ?      ?      ? ?    'X-RAY DIFFRACTION' ? 
r_mcangle_it                 ?      ?      ? ?    'X-RAY DIFFRACTION' ? 
r_mcangle_other              ?      ?      ? ?    'X-RAY DIFFRACTION' ? 
r_scbond_it                  ?      ?      ? ?    'X-RAY DIFFRACTION' ? 
r_scbond_other               ?      ?      ? ?    'X-RAY DIFFRACTION' ? 
r_scangle_it                 ?      ?      ? ?    'X-RAY DIFFRACTION' ? 
r_scangle_other              ?      ?      ? ?    'X-RAY DIFFRACTION' ? 
r_long_range_B_refined       ?      ?      ? ?    'X-RAY DIFFRACTION' ? 
r_long_range_B_other         ?      ?      ? ?    'X-RAY DIFFRACTION' ? 
r_rigid_bond_restr           ?      ?      ? ?    'X-RAY DIFFRACTION' ? 
r_sphericity_free            ?      ?      ? ?    'X-RAY DIFFRACTION' ? 
r_sphericity_bonded          ?      ?      ? ?    'X-RAY DIFFRACTION' ? 
# 
_refine_ls_shell.pdbx_refine_id                   'X-RAY DIFFRACTION' 
_refine_ls_shell.pdbx_total_number_of_bins_used   20 
_refine_ls_shell.d_res_high                       1.600 
_refine_ls_shell.d_res_low                        1.642 
_refine_ls_shell.number_reflns_R_work             293 
_refine_ls_shell.R_factor_R_work                  0.323 
_refine_ls_shell.percent_reflns_obs               47.30 
_refine_ls_shell.R_factor_R_free                  0.347 
_refine_ls_shell.R_factor_R_free_error            ? 
_refine_ls_shell.percent_reflns_R_free            ? 
_refine_ls_shell.number_reflns_R_free             13 
_refine_ls_shell.number_reflns_all                ? 
_refine_ls_shell.R_factor_all                     ? 
# 
_struct.entry_id                  4BVC 
_struct.title                     'Identification of small molecule inhibitors selective for apo(a) kringles KIV-7, KIV-10 and KV.' 
_struct.pdbx_model_details        ? 
_struct.pdbx_CASP_flag            ? 
_struct.pdbx_model_type_details   ? 
# 
_struct_keywords.entry_id        4BVC 
_struct_keywords.pdbx_keywords   HYDROLASE 
_struct_keywords.text            'HYDROLASE, LIPOPROTEIN(A), CARDIOVASCULAR DISEASE, DRUG DISCOVERY, OPTICAL BIOSENSORS' 
# 
loop_
_struct_asym.id 
_struct_asym.pdbx_blank_PDB_chainid_flag 
_struct_asym.pdbx_modified 
_struct_asym.entity_id 
_struct_asym.details 
A N N 1 ? 
B N N 2 ? 
C N N 3 ? 
D N N 4 ? 
E N N 5 ? 
# 
_struct_ref.id                         1 
_struct_ref.db_name                    UNP 
_struct_ref.db_code                    APOA_HUMAN 
_struct_ref.entity_id                  1 
_struct_ref.pdbx_seq_one_letter_code   ? 
_struct_ref.pdbx_align_begin           ? 
_struct_ref.pdbx_db_accession          P08519 
_struct_ref.pdbx_db_isoform            ? 
# 
_struct_ref_seq.align_id                      1 
_struct_ref_seq.ref_id                        1 
_struct_ref_seq.pdbx_PDB_id_code              4BVC 
_struct_ref_seq.pdbx_strand_id                A 
_struct_ref_seq.seq_align_beg                 1 
_struct_ref_seq.pdbx_seq_align_beg_ins_code   ? 
_struct_ref_seq.seq_align_end                 79 
_struct_ref_seq.pdbx_seq_align_end_ins_code   ? 
_struct_ref_seq.pdbx_db_accession             P08519 
_struct_ref_seq.db_align_beg                  4123 
_struct_ref_seq.pdbx_db_align_beg_ins_code    ? 
_struct_ref_seq.db_align_end                  4201 
_struct_ref_seq.pdbx_db_align_end_ins_code    ? 
_struct_ref_seq.pdbx_auth_seq_align_beg       0 
_struct_ref_seq.pdbx_auth_seq_align_end       80 
# 
_struct_ref_seq_dif.align_id                     1 
_struct_ref_seq_dif.pdbx_pdb_id_code             4BVC 
_struct_ref_seq_dif.mon_id                       ALA 
_struct_ref_seq_dif.pdbx_pdb_strand_id           A 
_struct_ref_seq_dif.seq_num                      75 
_struct_ref_seq_dif.pdbx_pdb_ins_code            ? 
_struct_ref_seq_dif.pdbx_seq_db_name             UNP 
_struct_ref_seq_dif.pdbx_seq_db_accession_code   P08519 
_struct_ref_seq_dif.db_mon_id                    ASN 
_struct_ref_seq_dif.pdbx_seq_db_seq_num          4197 
_struct_ref_seq_dif.details                      'engineered mutation' 
_struct_ref_seq_dif.pdbx_auth_seq_num            76 
_struct_ref_seq_dif.pdbx_ordinal                 1 
# 
_pdbx_struct_assembly.id                   1 
_pdbx_struct_assembly.details              author_and_software_defined_assembly 
_pdbx_struct_assembly.method_details       PISA 
_pdbx_struct_assembly.oligomeric_details   monomeric 
_pdbx_struct_assembly.oligomeric_count     1 
# 
_pdbx_struct_assembly_gen.assembly_id       1 
_pdbx_struct_assembly_gen.oper_expression   1 
_pdbx_struct_assembly_gen.asym_id_list      A,B,C,D,E 
# 
_pdbx_struct_oper_list.id                   1 
_pdbx_struct_oper_list.type                 'identity operation' 
_pdbx_struct_oper_list.name                 1_555 
_pdbx_struct_oper_list.symmetry_operation   x,y,z 
_pdbx_struct_oper_list.matrix[1][1]         1.0000000000 
_pdbx_struct_oper_list.matrix[1][2]         0.0000000000 
_pdbx_struct_oper_list.matrix[1][3]         0.0000000000 
_pdbx_struct_oper_list.vector[1]            0.0000000000 
_pdbx_struct_oper_list.matrix[2][1]         0.0000000000 
_pdbx_struct_oper_list.matrix[2][2]         1.0000000000 
_pdbx_struct_oper_list.matrix[2][3]         0.0000000000 
_pdbx_struct_oper_list.vector[2]            0.0000000000 
_pdbx_struct_oper_list.matrix[3][1]         0.0000000000 
_pdbx_struct_oper_list.matrix[3][2]         0.0000000000 
_pdbx_struct_oper_list.matrix[3][3]         1.0000000000 
_pdbx_struct_oper_list.vector[3]            0.0000000000 
# 
_struct_biol.id   1 
# 
loop_
_struct_conn.id 
_struct_conn.conn_type_id 
_struct_conn.pdbx_leaving_atom_flag 
_struct_conn.pdbx_PDB_id 
_struct_conn.ptnr1_label_asym_id 
_struct_conn.ptnr1_label_comp_id 
_struct_conn.ptnr1_label_seq_id 
_struct_conn.ptnr1_label_atom_id 
_struct_conn.pdbx_ptnr1_label_alt_id 
_struct_conn.pdbx_ptnr1_PDB_ins_code 
_struct_conn.pdbx_ptnr1_standard_comp_id 
_struct_conn.ptnr1_symmetry 
_struct_conn.ptnr2_label_asym_id 
_struct_conn.ptnr2_label_comp_id 
_struct_conn.ptnr2_label_seq_id 
_struct_conn.ptnr2_label_atom_id 
_struct_conn.pdbx_ptnr2_label_alt_id 
_struct_conn.pdbx_ptnr2_PDB_ins_code 
_struct_conn.ptnr1_auth_asym_id 
_struct_conn.ptnr1_auth_comp_id 
_struct_conn.ptnr1_auth_seq_id 
_struct_conn.ptnr2_auth_asym_id 
_struct_conn.ptnr2_auth_comp_id 
_struct_conn.ptnr2_auth_seq_id 
_struct_conn.ptnr2_symmetry 
_struct_conn.pdbx_ptnr3_label_atom_id 
_struct_conn.pdbx_ptnr3_label_seq_id 
_struct_conn.pdbx_ptnr3_label_comp_id 
_struct_conn.pdbx_ptnr3_label_asym_id 
_struct_conn.pdbx_ptnr3_label_alt_id 
_struct_conn.pdbx_ptnr3_PDB_ins_code 
_struct_conn.details 
_struct_conn.pdbx_dist_value 
_struct_conn.pdbx_value_order 
_struct_conn.pdbx_role 
disulf1 disulf ? ? A CYS 2  SG ? ? ? 1_555 A CYS 79 SG ? ? A CYS 1  A CYS 80 1_555 ? ? ? ? ? ? ? 2.020 ? ? 
disulf2 disulf ? ? A CYS 23 SG ? ? ? 1_555 A CYS 62 SG ? ? A CYS 22 A CYS 63 1_555 ? ? ? ? ? ? ? 2.033 ? ? 
disulf3 disulf ? ? A CYS 51 SG ? ? ? 1_555 A CYS 74 SG ? ? A CYS 51 A CYS 75 1_555 ? ? ? ? ? ? ? 2.016 ? ? 
# 
_struct_conn_type.id          disulf 
_struct_conn_type.criteria    ? 
_struct_conn_type.reference   ? 
# 
loop_
_pdbx_modification_feature.ordinal 
_pdbx_modification_feature.label_comp_id 
_pdbx_modification_feature.label_asym_id 
_pdbx_modification_feature.label_seq_id 
_pdbx_modification_feature.label_alt_id 
_pdbx_modification_feature.modified_residue_label_comp_id 
_pdbx_modification_feature.modified_residue_label_asym_id 
_pdbx_modification_feature.modified_residue_label_seq_id 
_pdbx_modification_feature.modified_residue_label_alt_id 
_pdbx_modification_feature.auth_comp_id 
_pdbx_modification_feature.auth_asym_id 
_pdbx_modification_feature.auth_seq_id 
_pdbx_modification_feature.PDB_ins_code 
_pdbx_modification_feature.symmetry 
_pdbx_modification_feature.modified_residue_auth_comp_id 
_pdbx_modification_feature.modified_residue_auth_asym_id 
_pdbx_modification_feature.modified_residue_auth_seq_id 
_pdbx_modification_feature.modified_residue_PDB_ins_code 
_pdbx_modification_feature.modified_residue_symmetry 
_pdbx_modification_feature.comp_id_linking_atom 
_pdbx_modification_feature.modified_residue_id_linking_atom 
_pdbx_modification_feature.modified_residue_id 
_pdbx_modification_feature.ref_pcm_id 
_pdbx_modification_feature.ref_comp_id 
_pdbx_modification_feature.type 
_pdbx_modification_feature.category 
1 CYS A 2  ? CYS A 79 ? CYS A 1  ? 1_555 CYS A 80 ? 1_555 SG SG . . . None 'Disulfide bridge' 
2 CYS A 23 ? CYS A 62 ? CYS A 22 ? 1_555 CYS A 63 ? 1_555 SG SG . . . None 'Disulfide bridge' 
3 CYS A 51 ? CYS A 74 ? CYS A 51 ? 1_555 CYS A 75 ? 1_555 SG SG . . . None 'Disulfide bridge' 
# 
_struct_mon_prot_cis.pdbx_id                1 
_struct_mon_prot_cis.label_comp_id          THR 
_struct_mon_prot_cis.label_seq_id           30 
_struct_mon_prot_cis.label_asym_id          A 
_struct_mon_prot_cis.label_alt_id           . 
_struct_mon_prot_cis.pdbx_PDB_ins_code      ? 
_struct_mon_prot_cis.auth_comp_id           THR 
_struct_mon_prot_cis.auth_seq_id            29 
_struct_mon_prot_cis.auth_asym_id           A 
_struct_mon_prot_cis.pdbx_label_comp_id_2   PRO 
_struct_mon_prot_cis.pdbx_label_seq_id_2    31 
_struct_mon_prot_cis.pdbx_label_asym_id_2   A 
_struct_mon_prot_cis.pdbx_PDB_ins_code_2    ? 
_struct_mon_prot_cis.pdbx_auth_comp_id_2    PRO 
_struct_mon_prot_cis.pdbx_auth_seq_id_2     30 
_struct_mon_prot_cis.pdbx_auth_asym_id_2    A 
_struct_mon_prot_cis.pdbx_PDB_model_num     1 
_struct_mon_prot_cis.pdbx_omega_angle       -0.22 
# 
_struct_sheet.id               AA 
_struct_sheet.type             ? 
_struct_sheet.number_strands   2 
_struct_sheet.details          ? 
# 
_struct_sheet_order.sheet_id     AA 
_struct_sheet_order.range_id_1   1 
_struct_sheet_order.range_id_2   2 
_struct_sheet_order.offset       ? 
_struct_sheet_order.sense        anti-parallel 
# 
loop_
_struct_sheet_range.sheet_id 
_struct_sheet_range.id 
_struct_sheet_range.beg_label_comp_id 
_struct_sheet_range.beg_label_asym_id 
_struct_sheet_range.beg_label_seq_id 
_struct_sheet_range.pdbx_beg_PDB_ins_code 
_struct_sheet_range.end_label_comp_id 
_struct_sheet_range.end_label_asym_id 
_struct_sheet_range.end_label_seq_id 
_struct_sheet_range.pdbx_end_PDB_ins_code 
_struct_sheet_range.beg_auth_comp_id 
_struct_sheet_range.beg_auth_asym_id 
_struct_sheet_range.beg_auth_seq_id 
_struct_sheet_range.end_auth_comp_id 
_struct_sheet_range.end_auth_asym_id 
_struct_sheet_range.end_auth_seq_id 
AA 1 TRP A 61 ? PHE A 63 ? TRP A 62 PHE A 64 
AA 2 TRP A 71 ? TYR A 73 ? TRP A 72 TYR A 74 
# 
_pdbx_struct_sheet_hbond.sheet_id                AA 
_pdbx_struct_sheet_hbond.range_id_1              1 
_pdbx_struct_sheet_hbond.range_id_2              2 
_pdbx_struct_sheet_hbond.range_1_label_atom_id   N 
_pdbx_struct_sheet_hbond.range_1_label_comp_id   CYS 
_pdbx_struct_sheet_hbond.range_1_label_asym_id   A 
_pdbx_struct_sheet_hbond.range_1_label_seq_id    62 
_pdbx_struct_sheet_hbond.range_1_PDB_ins_code    ? 
_pdbx_struct_sheet_hbond.range_1_auth_atom_id    N 
_pdbx_struct_sheet_hbond.range_1_auth_comp_id    CYS 
_pdbx_struct_sheet_hbond.range_1_auth_asym_id    A 
_pdbx_struct_sheet_hbond.range_1_auth_seq_id     63 
_pdbx_struct_sheet_hbond.range_2_label_atom_id   O 
_pdbx_struct_sheet_hbond.range_2_label_comp_id   GLU 
_pdbx_struct_sheet_hbond.range_2_label_asym_id   A 
_pdbx_struct_sheet_hbond.range_2_label_seq_id    72 
_pdbx_struct_sheet_hbond.range_2_PDB_ins_code    ? 
_pdbx_struct_sheet_hbond.range_2_auth_atom_id    O 
_pdbx_struct_sheet_hbond.range_2_auth_comp_id    GLU 
_pdbx_struct_sheet_hbond.range_2_auth_asym_id    A 
_pdbx_struct_sheet_hbond.range_2_auth_seq_id     73 
# 
loop_
_struct_site.id 
_struct_site.pdbx_evidence_code 
_struct_site.pdbx_auth_asym_id 
_struct_site.pdbx_auth_comp_id 
_struct_site.pdbx_auth_seq_id 
_struct_site.pdbx_auth_ins_code 
_struct_site.pdbx_num_residues 
_struct_site.details 
AC1 Software A CL  1081 ? 3  'BINDING SITE FOR RESIDUE CL A 1081'  
AC2 Software A BV5 1082 ? 14 'BINDING SITE FOR RESIDUE BV5 A 1082' 
AC3 Software A PEG 1083 ? 9  'BINDING SITE FOR RESIDUE PEG A 1083' 
# 
loop_
_struct_site_gen.id 
_struct_site_gen.site_id 
_struct_site_gen.pdbx_num_res 
_struct_site_gen.label_comp_id 
_struct_site_gen.label_asym_id 
_struct_site_gen.label_seq_id 
_struct_site_gen.pdbx_auth_ins_code 
_struct_site_gen.auth_comp_id 
_struct_site_gen.auth_asym_id 
_struct_site_gen.auth_seq_id 
_struct_site_gen.label_atom_id 
_struct_site_gen.label_alt_id 
_struct_site_gen.symmetry 
_struct_site_gen.details 
1  AC1 3  HIS A 4  ? HIS A 3    . ? 1_555 ? 
2  AC1 3  TYR A 10 ? TYR A 9    . ? 1_555 ? 
3  AC1 3  HOH E .  ? HOH A 2006 . ? 1_555 ? 
4  AC2 14 HIS A 34 ? HIS A 33   . ? 1_555 ? 
5  AC2 14 GLN A 35 ? GLN A 34   . ? 1_555 ? 
6  AC2 14 ARG A 36 ? ARG A 35   . ? 1_555 ? 
7  AC2 14 TYR A 41 ? TYR A 41   . ? 1_555 ? 
8  AC2 14 ASP A 55 ? ASP A 55   . ? 1_555 ? 
9  AC2 14 ASP A 57 ? ASP A 57   . ? 1_555 ? 
10 AC2 14 TRP A 61 ? TRP A 62   . ? 1_555 ? 
11 AC2 14 PHE A 63 ? PHE A 64   . ? 1_555 ? 
12 AC2 14 ASP A 66 ? ASP A 67   . ? 4_445 ? 
13 AC2 14 PRO A 67 ? PRO A 68   . ? 4_445 ? 
14 AC2 14 SER A 68 ? SER A 69   . ? 4_445 ? 
15 AC2 14 ARG A 70 ? ARG A 71   . ? 1_555 ? 
16 AC2 14 HOH E .  ? HOH A 2068 . ? 1_555 ? 
17 AC2 14 HOH E .  ? HOH A 2069 . ? 1_555 ? 
18 AC3 9  PRO A 31 ? PRO A 30   . ? 4_445 ? 
19 AC3 9  HIS A 32 ? HIS A 31   . ? 4_445 ? 
20 AC3 9  ARG A 33 ? ARG A 32   . ? 4_445 ? 
21 AC3 9  ARG A 70 ? ARG A 71   . ? 4_445 ? 
22 AC3 9  TRP A 71 ? TRP A 72   . ? 1_555 ? 
23 AC3 9  HOH E .  ? HOH A 2061 . ? 4_445 ? 
24 AC3 9  HOH E .  ? HOH A 2097 . ? 1_555 ? 
25 AC3 9  HOH E .  ? HOH A 2098 . ? 1_555 ? 
26 AC3 9  HOH E .  ? HOH A 2110 . ? 1_555 ? 
# 
_pdbx_entry_details.entry_id                   4BVC 
_pdbx_entry_details.compound_details           ? 
_pdbx_entry_details.source_details             ? 
_pdbx_entry_details.nonpolymer_details         ? 
_pdbx_entry_details.sequence_details           ? 
_pdbx_entry_details.has_ligand_of_interest     ? 
_pdbx_entry_details.has_protein_modification   Y 
# 
loop_
_pdbx_validate_rmsd_bond.id 
_pdbx_validate_rmsd_bond.PDB_model_num 
_pdbx_validate_rmsd_bond.auth_atom_id_1 
_pdbx_validate_rmsd_bond.auth_asym_id_1 
_pdbx_validate_rmsd_bond.auth_comp_id_1 
_pdbx_validate_rmsd_bond.auth_seq_id_1 
_pdbx_validate_rmsd_bond.PDB_ins_code_1 
_pdbx_validate_rmsd_bond.label_alt_id_1 
_pdbx_validate_rmsd_bond.auth_atom_id_2 
_pdbx_validate_rmsd_bond.auth_asym_id_2 
_pdbx_validate_rmsd_bond.auth_comp_id_2 
_pdbx_validate_rmsd_bond.auth_seq_id_2 
_pdbx_validate_rmsd_bond.PDB_ins_code_2 
_pdbx_validate_rmsd_bond.label_alt_id_2 
_pdbx_validate_rmsd_bond.bond_value 
_pdbx_validate_rmsd_bond.bond_target_value 
_pdbx_validate_rmsd_bond.bond_deviation 
_pdbx_validate_rmsd_bond.bond_standard_deviation 
_pdbx_validate_rmsd_bond.linker_flag 
1 1 N A GLU 39 ? ? CA A GLU 39 ? A 1.617 1.459 0.158 0.020 N 
2 1 N A GLU 39 ? ? CA A GLU 39 ? B 1.685 1.459 0.226 0.020 N 
# 
_pdbx_validate_rmsd_angle.id                         1 
_pdbx_validate_rmsd_angle.PDB_model_num              1 
_pdbx_validate_rmsd_angle.auth_atom_id_1             CB 
_pdbx_validate_rmsd_angle.auth_asym_id_1             A 
_pdbx_validate_rmsd_angle.auth_comp_id_1             GLU 
_pdbx_validate_rmsd_angle.auth_seq_id_1              39 
_pdbx_validate_rmsd_angle.PDB_ins_code_1             ? 
_pdbx_validate_rmsd_angle.label_alt_id_1             B 
_pdbx_validate_rmsd_angle.auth_atom_id_2             CA 
_pdbx_validate_rmsd_angle.auth_asym_id_2             A 
_pdbx_validate_rmsd_angle.auth_comp_id_2             GLU 
_pdbx_validate_rmsd_angle.auth_seq_id_2              39 
_pdbx_validate_rmsd_angle.PDB_ins_code_2             ? 
_pdbx_validate_rmsd_angle.label_alt_id_2             B 
_pdbx_validate_rmsd_angle.auth_atom_id_3             C 
_pdbx_validate_rmsd_angle.auth_asym_id_3             A 
_pdbx_validate_rmsd_angle.auth_comp_id_3             GLU 
_pdbx_validate_rmsd_angle.auth_seq_id_3              39 
_pdbx_validate_rmsd_angle.PDB_ins_code_3             ? 
_pdbx_validate_rmsd_angle.label_alt_id_3             ? 
_pdbx_validate_rmsd_angle.angle_value                124.39 
_pdbx_validate_rmsd_angle.angle_target_value         110.40 
_pdbx_validate_rmsd_angle.angle_deviation            13.99 
_pdbx_validate_rmsd_angle.angle_standard_deviation   2.00 
_pdbx_validate_rmsd_angle.linker_flag                N 
# 
loop_
_pdbx_validate_torsion.id 
_pdbx_validate_torsion.PDB_model_num 
_pdbx_validate_torsion.auth_comp_id 
_pdbx_validate_torsion.auth_asym_id 
_pdbx_validate_torsion.auth_seq_id 
_pdbx_validate_torsion.PDB_ins_code 
_pdbx_validate_torsion.label_alt_id 
_pdbx_validate_torsion.phi 
_pdbx_validate_torsion.psi 
1 1 SER A 14 ? ? -148.68 36.33   
2 1 MET A 48 ? ? 43.17   -124.49 
3 1 ASP A 57 ? ? -77.29  -163.56 
# 
_pdbx_distant_solvent_atoms.id                                1 
_pdbx_distant_solvent_atoms.PDB_model_num                     1 
_pdbx_distant_solvent_atoms.auth_atom_id                      O 
_pdbx_distant_solvent_atoms.label_alt_id                      ? 
_pdbx_distant_solvent_atoms.auth_asym_id                      A 
_pdbx_distant_solvent_atoms.auth_comp_id                      HOH 
_pdbx_distant_solvent_atoms.auth_seq_id                       2025 
_pdbx_distant_solvent_atoms.PDB_ins_code                      ? 
_pdbx_distant_solvent_atoms.neighbor_macromolecule_distance   6.26 
_pdbx_distant_solvent_atoms.neighbor_ligand_distance          . 
# 
loop_
_chem_comp_atom.comp_id 
_chem_comp_atom.atom_id 
_chem_comp_atom.type_symbol 
_chem_comp_atom.pdbx_aromatic_flag 
_chem_comp_atom.pdbx_stereo_config 
_chem_comp_atom.pdbx_ordinal 
ALA N    N  N N 1   
ALA CA   C  N S 2   
ALA C    C  N N 3   
ALA O    O  N N 4   
ALA CB   C  N N 5   
ALA OXT  O  N N 6   
ALA H    H  N N 7   
ALA H2   H  N N 8   
ALA HA   H  N N 9   
ALA HB1  H  N N 10  
ALA HB2  H  N N 11  
ALA HB3  H  N N 12  
ALA HXT  H  N N 13  
ARG N    N  N N 14  
ARG CA   C  N S 15  
ARG C    C  N N 16  
ARG O    O  N N 17  
ARG CB   C  N N 18  
ARG CG   C  N N 19  
ARG CD   C  N N 20  
ARG NE   N  N N 21  
ARG CZ   C  N N 22  
ARG NH1  N  N N 23  
ARG NH2  N  N N 24  
ARG OXT  O  N N 25  
ARG H    H  N N 26  
ARG H2   H  N N 27  
ARG HA   H  N N 28  
ARG HB2  H  N N 29  
ARG HB3  H  N N 30  
ARG HG2  H  N N 31  
ARG HG3  H  N N 32  
ARG HD2  H  N N 33  
ARG HD3  H  N N 34  
ARG HE   H  N N 35  
ARG HH11 H  N N 36  
ARG HH12 H  N N 37  
ARG HH21 H  N N 38  
ARG HH22 H  N N 39  
ARG HXT  H  N N 40  
ASN N    N  N N 41  
ASN CA   C  N S 42  
ASN C    C  N N 43  
ASN O    O  N N 44  
ASN CB   C  N N 45  
ASN CG   C  N N 46  
ASN OD1  O  N N 47  
ASN ND2  N  N N 48  
ASN OXT  O  N N 49  
ASN H    H  N N 50  
ASN H2   H  N N 51  
ASN HA   H  N N 52  
ASN HB2  H  N N 53  
ASN HB3  H  N N 54  
ASN HD21 H  N N 55  
ASN HD22 H  N N 56  
ASN HXT  H  N N 57  
ASP N    N  N N 58  
ASP CA   C  N S 59  
ASP C    C  N N 60  
ASP O    O  N N 61  
ASP CB   C  N N 62  
ASP CG   C  N N 63  
ASP OD1  O  N N 64  
ASP OD2  O  N N 65  
ASP OXT  O  N N 66  
ASP H    H  N N 67  
ASP H2   H  N N 68  
ASP HA   H  N N 69  
ASP HB2  H  N N 70  
ASP HB3  H  N N 71  
ASP HD2  H  N N 72  
ASP HXT  H  N N 73  
BV5 C1   C  Y N 74  
BV5 C2   C  Y N 75  
BV5 C3   C  Y N 76  
BV5 C4   C  Y N 77  
BV5 C5   C  Y N 78  
BV5 C6   C  Y N 79  
BV5 O7   O  N N 80  
BV5 C8   C  N N 81  
BV5 F9   F  N N 82  
BV5 F10  F  N N 83  
BV5 F11  F  N N 84  
BV5 S12  S  N N 85  
BV5 O13  O  N N 86  
BV5 O14  O  N N 87  
BV5 N15  N  N N 88  
BV5 C16  C  N N 89  
BV5 O17  O  N N 90  
BV5 C18  C  N N 91  
BV5 C19  C  N N 92  
BV5 C20  C  N N 93  
BV5 C21  C  N N 94  
BV5 C22  C  N N 95  
BV5 N23  N  N N 96  
BV5 C24  C  N N 97  
BV5 C25  C  N N 98  
BV5 H1   H  N N 99  
BV5 H2   H  N N 100 
BV5 H6   H  N N 101 
BV5 H3   H  N N 102 
BV5 H15  H  N N 103 
BV5 H181 H  N N 104 
BV5 H182 H  N N 105 
BV5 H191 H  N N 106 
BV5 H192 H  N N 107 
BV5 H20  H  N N 108 
BV5 H211 H  N N 109 
BV5 H212 H  N N 110 
BV5 H251 H  N N 111 
BV5 H252 H  N N 112 
BV5 H221 H  N N 113 
BV5 H222 H  N N 114 
BV5 H23  H  N N 115 
BV5 H241 H  N N 116 
BV5 H242 H  N N 117 
CL  CL   CL N N 118 
CYS N    N  N N 119 
CYS CA   C  N R 120 
CYS C    C  N N 121 
CYS O    O  N N 122 
CYS CB   C  N N 123 
CYS SG   S  N N 124 
CYS OXT  O  N N 125 
CYS H    H  N N 126 
CYS H2   H  N N 127 
CYS HA   H  N N 128 
CYS HB2  H  N N 129 
CYS HB3  H  N N 130 
CYS HG   H  N N 131 
CYS HXT  H  N N 132 
GLN N    N  N N 133 
GLN CA   C  N S 134 
GLN C    C  N N 135 
GLN O    O  N N 136 
GLN CB   C  N N 137 
GLN CG   C  N N 138 
GLN CD   C  N N 139 
GLN OE1  O  N N 140 
GLN NE2  N  N N 141 
GLN OXT  O  N N 142 
GLN H    H  N N 143 
GLN H2   H  N N 144 
GLN HA   H  N N 145 
GLN HB2  H  N N 146 
GLN HB3  H  N N 147 
GLN HG2  H  N N 148 
GLN HG3  H  N N 149 
GLN HE21 H  N N 150 
GLN HE22 H  N N 151 
GLN HXT  H  N N 152 
GLU N    N  N N 153 
GLU CA   C  N S 154 
GLU C    C  N N 155 
GLU O    O  N N 156 
GLU CB   C  N N 157 
GLU CG   C  N N 158 
GLU CD   C  N N 159 
GLU OE1  O  N N 160 
GLU OE2  O  N N 161 
GLU OXT  O  N N 162 
GLU H    H  N N 163 
GLU H2   H  N N 164 
GLU HA   H  N N 165 
GLU HB2  H  N N 166 
GLU HB3  H  N N 167 
GLU HG2  H  N N 168 
GLU HG3  H  N N 169 
GLU HE2  H  N N 170 
GLU HXT  H  N N 171 
GLY N    N  N N 172 
GLY CA   C  N N 173 
GLY C    C  N N 174 
GLY O    O  N N 175 
GLY OXT  O  N N 176 
GLY H    H  N N 177 
GLY H2   H  N N 178 
GLY HA2  H  N N 179 
GLY HA3  H  N N 180 
GLY HXT  H  N N 181 
HIS N    N  N N 182 
HIS CA   C  N S 183 
HIS C    C  N N 184 
HIS O    O  N N 185 
HIS CB   C  N N 186 
HIS CG   C  Y N 187 
HIS ND1  N  Y N 188 
HIS CD2  C  Y N 189 
HIS CE1  C  Y N 190 
HIS NE2  N  Y N 191 
HIS OXT  O  N N 192 
HIS H    H  N N 193 
HIS H2   H  N N 194 
HIS HA   H  N N 195 
HIS HB2  H  N N 196 
HIS HB3  H  N N 197 
HIS HD1  H  N N 198 
HIS HD2  H  N N 199 
HIS HE1  H  N N 200 
HIS HE2  H  N N 201 
HIS HXT  H  N N 202 
HOH O    O  N N 203 
HOH H1   H  N N 204 
HOH H2   H  N N 205 
ILE N    N  N N 206 
ILE CA   C  N S 207 
ILE C    C  N N 208 
ILE O    O  N N 209 
ILE CB   C  N S 210 
ILE CG1  C  N N 211 
ILE CG2  C  N N 212 
ILE CD1  C  N N 213 
ILE OXT  O  N N 214 
ILE H    H  N N 215 
ILE H2   H  N N 216 
ILE HA   H  N N 217 
ILE HB   H  N N 218 
ILE HG12 H  N N 219 
ILE HG13 H  N N 220 
ILE HG21 H  N N 221 
ILE HG22 H  N N 222 
ILE HG23 H  N N 223 
ILE HD11 H  N N 224 
ILE HD12 H  N N 225 
ILE HD13 H  N N 226 
ILE HXT  H  N N 227 
LEU N    N  N N 228 
LEU CA   C  N S 229 
LEU C    C  N N 230 
LEU O    O  N N 231 
LEU CB   C  N N 232 
LEU CG   C  N N 233 
LEU CD1  C  N N 234 
LEU CD2  C  N N 235 
LEU OXT  O  N N 236 
LEU H    H  N N 237 
LEU H2   H  N N 238 
LEU HA   H  N N 239 
LEU HB2  H  N N 240 
LEU HB3  H  N N 241 
LEU HG   H  N N 242 
LEU HD11 H  N N 243 
LEU HD12 H  N N 244 
LEU HD13 H  N N 245 
LEU HD21 H  N N 246 
LEU HD22 H  N N 247 
LEU HD23 H  N N 248 
LEU HXT  H  N N 249 
MET N    N  N N 250 
MET CA   C  N S 251 
MET C    C  N N 252 
MET O    O  N N 253 
MET CB   C  N N 254 
MET CG   C  N N 255 
MET SD   S  N N 256 
MET CE   C  N N 257 
MET OXT  O  N N 258 
MET H    H  N N 259 
MET H2   H  N N 260 
MET HA   H  N N 261 
MET HB2  H  N N 262 
MET HB3  H  N N 263 
MET HG2  H  N N 264 
MET HG3  H  N N 265 
MET HE1  H  N N 266 
MET HE2  H  N N 267 
MET HE3  H  N N 268 
MET HXT  H  N N 269 
PEG C1   C  N N 270 
PEG O1   O  N N 271 
PEG C2   C  N N 272 
PEG O2   O  N N 273 
PEG C3   C  N N 274 
PEG C4   C  N N 275 
PEG O4   O  N N 276 
PEG H11  H  N N 277 
PEG H12  H  N N 278 
PEG HO1  H  N N 279 
PEG H21  H  N N 280 
PEG H22  H  N N 281 
PEG H31  H  N N 282 
PEG H32  H  N N 283 
PEG H41  H  N N 284 
PEG H42  H  N N 285 
PEG HO4  H  N N 286 
PHE N    N  N N 287 
PHE CA   C  N S 288 
PHE C    C  N N 289 
PHE O    O  N N 290 
PHE CB   C  N N 291 
PHE CG   C  Y N 292 
PHE CD1  C  Y N 293 
PHE CD2  C  Y N 294 
PHE CE1  C  Y N 295 
PHE CE2  C  Y N 296 
PHE CZ   C  Y N 297 
PHE OXT  O  N N 298 
PHE H    H  N N 299 
PHE H2   H  N N 300 
PHE HA   H  N N 301 
PHE HB2  H  N N 302 
PHE HB3  H  N N 303 
PHE HD1  H  N N 304 
PHE HD2  H  N N 305 
PHE HE1  H  N N 306 
PHE HE2  H  N N 307 
PHE HZ   H  N N 308 
PHE HXT  H  N N 309 
PRO N    N  N N 310 
PRO CA   C  N S 311 
PRO C    C  N N 312 
PRO O    O  N N 313 
PRO CB   C  N N 314 
PRO CG   C  N N 315 
PRO CD   C  N N 316 
PRO OXT  O  N N 317 
PRO H    H  N N 318 
PRO HA   H  N N 319 
PRO HB2  H  N N 320 
PRO HB3  H  N N 321 
PRO HG2  H  N N 322 
PRO HG3  H  N N 323 
PRO HD2  H  N N 324 
PRO HD3  H  N N 325 
PRO HXT  H  N N 326 
SER N    N  N N 327 
SER CA   C  N S 328 
SER C    C  N N 329 
SER O    O  N N 330 
SER CB   C  N N 331 
SER OG   O  N N 332 
SER OXT  O  N N 333 
SER H    H  N N 334 
SER H2   H  N N 335 
SER HA   H  N N 336 
SER HB2  H  N N 337 
SER HB3  H  N N 338 
SER HG   H  N N 339 
SER HXT  H  N N 340 
THR N    N  N N 341 
THR CA   C  N S 342 
THR C    C  N N 343 
THR O    O  N N 344 
THR CB   C  N R 345 
THR OG1  O  N N 346 
THR CG2  C  N N 347 
THR OXT  O  N N 348 
THR H    H  N N 349 
THR H2   H  N N 350 
THR HA   H  N N 351 
THR HB   H  N N 352 
THR HG1  H  N N 353 
THR HG21 H  N N 354 
THR HG22 H  N N 355 
THR HG23 H  N N 356 
THR HXT  H  N N 357 
TRP N    N  N N 358 
TRP CA   C  N S 359 
TRP C    C  N N 360 
TRP O    O  N N 361 
TRP CB   C  N N 362 
TRP CG   C  Y N 363 
TRP CD1  C  Y N 364 
TRP CD2  C  Y N 365 
TRP NE1  N  Y N 366 
TRP CE2  C  Y N 367 
TRP CE3  C  Y N 368 
TRP CZ2  C  Y N 369 
TRP CZ3  C  Y N 370 
TRP CH2  C  Y N 371 
TRP OXT  O  N N 372 
TRP H    H  N N 373 
TRP H2   H  N N 374 
TRP HA   H  N N 375 
TRP HB2  H  N N 376 
TRP HB3  H  N N 377 
TRP HD1  H  N N 378 
TRP HE1  H  N N 379 
TRP HE3  H  N N 380 
TRP HZ2  H  N N 381 
TRP HZ3  H  N N 382 
TRP HH2  H  N N 383 
TRP HXT  H  N N 384 
TYR N    N  N N 385 
TYR CA   C  N S 386 
TYR C    C  N N 387 
TYR O    O  N N 388 
TYR CB   C  N N 389 
TYR CG   C  Y N 390 
TYR CD1  C  Y N 391 
TYR CD2  C  Y N 392 
TYR CE1  C  Y N 393 
TYR CE2  C  Y N 394 
TYR CZ   C  Y N 395 
TYR OH   O  N N 396 
TYR OXT  O  N N 397 
TYR H    H  N N 398 
TYR H2   H  N N 399 
TYR HA   H  N N 400 
TYR HB2  H  N N 401 
TYR HB3  H  N N 402 
TYR HD1  H  N N 403 
TYR HD2  H  N N 404 
TYR HE1  H  N N 405 
TYR HE2  H  N N 406 
TYR HH   H  N N 407 
TYR HXT  H  N N 408 
VAL N    N  N N 409 
VAL CA   C  N S 410 
VAL C    C  N N 411 
VAL O    O  N N 412 
VAL CB   C  N N 413 
VAL CG1  C  N N 414 
VAL CG2  C  N N 415 
VAL OXT  O  N N 416 
VAL H    H  N N 417 
VAL H2   H  N N 418 
VAL HA   H  N N 419 
VAL HB   H  N N 420 
VAL HG11 H  N N 421 
VAL HG12 H  N N 422 
VAL HG13 H  N N 423 
VAL HG21 H  N N 424 
VAL HG22 H  N N 425 
VAL HG23 H  N N 426 
VAL HXT  H  N N 427 
# 
loop_
_chem_comp_bond.comp_id 
_chem_comp_bond.atom_id_1 
_chem_comp_bond.atom_id_2 
_chem_comp_bond.value_order 
_chem_comp_bond.pdbx_aromatic_flag 
_chem_comp_bond.pdbx_stereo_config 
_chem_comp_bond.pdbx_ordinal 
ALA N   CA   sing N N 1   
ALA N   H    sing N N 2   
ALA N   H2   sing N N 3   
ALA CA  C    sing N N 4   
ALA CA  CB   sing N N 5   
ALA CA  HA   sing N N 6   
ALA C   O    doub N N 7   
ALA C   OXT  sing N N 8   
ALA CB  HB1  sing N N 9   
ALA CB  HB2  sing N N 10  
ALA CB  HB3  sing N N 11  
ALA OXT HXT  sing N N 12  
ARG N   CA   sing N N 13  
ARG N   H    sing N N 14  
ARG N   H2   sing N N 15  
ARG CA  C    sing N N 16  
ARG CA  CB   sing N N 17  
ARG CA  HA   sing N N 18  
ARG C   O    doub N N 19  
ARG C   OXT  sing N N 20  
ARG CB  CG   sing N N 21  
ARG CB  HB2  sing N N 22  
ARG CB  HB3  sing N N 23  
ARG CG  CD   sing N N 24  
ARG CG  HG2  sing N N 25  
ARG CG  HG3  sing N N 26  
ARG CD  NE   sing N N 27  
ARG CD  HD2  sing N N 28  
ARG CD  HD3  sing N N 29  
ARG NE  CZ   sing N N 30  
ARG NE  HE   sing N N 31  
ARG CZ  NH1  sing N N 32  
ARG CZ  NH2  doub N N 33  
ARG NH1 HH11 sing N N 34  
ARG NH1 HH12 sing N N 35  
ARG NH2 HH21 sing N N 36  
ARG NH2 HH22 sing N N 37  
ARG OXT HXT  sing N N 38  
ASN N   CA   sing N N 39  
ASN N   H    sing N N 40  
ASN N   H2   sing N N 41  
ASN CA  C    sing N N 42  
ASN CA  CB   sing N N 43  
ASN CA  HA   sing N N 44  
ASN C   O    doub N N 45  
ASN C   OXT  sing N N 46  
ASN CB  CG   sing N N 47  
ASN CB  HB2  sing N N 48  
ASN CB  HB3  sing N N 49  
ASN CG  OD1  doub N N 50  
ASN CG  ND2  sing N N 51  
ASN ND2 HD21 sing N N 52  
ASN ND2 HD22 sing N N 53  
ASN OXT HXT  sing N N 54  
ASP N   CA   sing N N 55  
ASP N   H    sing N N 56  
ASP N   H2   sing N N 57  
ASP CA  C    sing N N 58  
ASP CA  CB   sing N N 59  
ASP CA  HA   sing N N 60  
ASP C   O    doub N N 61  
ASP C   OXT  sing N N 62  
ASP CB  CG   sing N N 63  
ASP CB  HB2  sing N N 64  
ASP CB  HB3  sing N N 65  
ASP CG  OD1  doub N N 66  
ASP CG  OD2  sing N N 67  
ASP OD2 HD2  sing N N 68  
ASP OXT HXT  sing N N 69  
BV5 C1  C2   sing Y N 70  
BV5 C1  C6   doub Y N 71  
BV5 C2  C3   doub Y N 72  
BV5 C3  C4   sing Y N 73  
BV5 C4  C5   doub Y N 74  
BV5 C4  S12  sing N N 75  
BV5 C5  C6   sing Y N 76  
BV5 C5  O7   sing N N 77  
BV5 O7  C8   sing N N 78  
BV5 C8  F9   sing N N 79  
BV5 C8  F10  sing N N 80  
BV5 C8  F11  sing N N 81  
BV5 S12 O13  doub N N 82  
BV5 S12 O14  doub N N 83  
BV5 S12 N15  sing N N 84  
BV5 N15 C16  sing N N 85  
BV5 C16 O17  doub N N 86  
BV5 C16 C18  sing N N 87  
BV5 C18 C19  sing N N 88  
BV5 C19 C20  sing N N 89  
BV5 C20 C21  sing N N 90  
BV5 C20 C25  sing N N 91  
BV5 C21 C22  sing N N 92  
BV5 C22 N23  sing N N 93  
BV5 N23 C24  sing N N 94  
BV5 C24 C25  sing N N 95  
BV5 C1  H1   sing N N 96  
BV5 C2  H2   sing N N 97  
BV5 C6  H6   sing N N 98  
BV5 C3  H3   sing N N 99  
BV5 N15 H15  sing N N 100 
BV5 C18 H181 sing N N 101 
BV5 C18 H182 sing N N 102 
BV5 C19 H191 sing N N 103 
BV5 C19 H192 sing N N 104 
BV5 C20 H20  sing N N 105 
BV5 C21 H211 sing N N 106 
BV5 C21 H212 sing N N 107 
BV5 C25 H251 sing N N 108 
BV5 C25 H252 sing N N 109 
BV5 C22 H221 sing N N 110 
BV5 C22 H222 sing N N 111 
BV5 N23 H23  sing N N 112 
BV5 C24 H241 sing N N 113 
BV5 C24 H242 sing N N 114 
CYS N   CA   sing N N 115 
CYS N   H    sing N N 116 
CYS N   H2   sing N N 117 
CYS CA  C    sing N N 118 
CYS CA  CB   sing N N 119 
CYS CA  HA   sing N N 120 
CYS C   O    doub N N 121 
CYS C   OXT  sing N N 122 
CYS CB  SG   sing N N 123 
CYS CB  HB2  sing N N 124 
CYS CB  HB3  sing N N 125 
CYS SG  HG   sing N N 126 
CYS OXT HXT  sing N N 127 
GLN N   CA   sing N N 128 
GLN N   H    sing N N 129 
GLN N   H2   sing N N 130 
GLN CA  C    sing N N 131 
GLN CA  CB   sing N N 132 
GLN CA  HA   sing N N 133 
GLN C   O    doub N N 134 
GLN C   OXT  sing N N 135 
GLN CB  CG   sing N N 136 
GLN CB  HB2  sing N N 137 
GLN CB  HB3  sing N N 138 
GLN CG  CD   sing N N 139 
GLN CG  HG2  sing N N 140 
GLN CG  HG3  sing N N 141 
GLN CD  OE1  doub N N 142 
GLN CD  NE2  sing N N 143 
GLN NE2 HE21 sing N N 144 
GLN NE2 HE22 sing N N 145 
GLN OXT HXT  sing N N 146 
GLU N   CA   sing N N 147 
GLU N   H    sing N N 148 
GLU N   H2   sing N N 149 
GLU CA  C    sing N N 150 
GLU CA  CB   sing N N 151 
GLU CA  HA   sing N N 152 
GLU C   O    doub N N 153 
GLU C   OXT  sing N N 154 
GLU CB  CG   sing N N 155 
GLU CB  HB2  sing N N 156 
GLU CB  HB3  sing N N 157 
GLU CG  CD   sing N N 158 
GLU CG  HG2  sing N N 159 
GLU CG  HG3  sing N N 160 
GLU CD  OE1  doub N N 161 
GLU CD  OE2  sing N N 162 
GLU OE2 HE2  sing N N 163 
GLU OXT HXT  sing N N 164 
GLY N   CA   sing N N 165 
GLY N   H    sing N N 166 
GLY N   H2   sing N N 167 
GLY CA  C    sing N N 168 
GLY CA  HA2  sing N N 169 
GLY CA  HA3  sing N N 170 
GLY C   O    doub N N 171 
GLY C   OXT  sing N N 172 
GLY OXT HXT  sing N N 173 
HIS N   CA   sing N N 174 
HIS N   H    sing N N 175 
HIS N   H2   sing N N 176 
HIS CA  C    sing N N 177 
HIS CA  CB   sing N N 178 
HIS CA  HA   sing N N 179 
HIS C   O    doub N N 180 
HIS C   OXT  sing N N 181 
HIS CB  CG   sing N N 182 
HIS CB  HB2  sing N N 183 
HIS CB  HB3  sing N N 184 
HIS CG  ND1  sing Y N 185 
HIS CG  CD2  doub Y N 186 
HIS ND1 CE1  doub Y N 187 
HIS ND1 HD1  sing N N 188 
HIS CD2 NE2  sing Y N 189 
HIS CD2 HD2  sing N N 190 
HIS CE1 NE2  sing Y N 191 
HIS CE1 HE1  sing N N 192 
HIS NE2 HE2  sing N N 193 
HIS OXT HXT  sing N N 194 
HOH O   H1   sing N N 195 
HOH O   H2   sing N N 196 
ILE N   CA   sing N N 197 
ILE N   H    sing N N 198 
ILE N   H2   sing N N 199 
ILE CA  C    sing N N 200 
ILE CA  CB   sing N N 201 
ILE CA  HA   sing N N 202 
ILE C   O    doub N N 203 
ILE C   OXT  sing N N 204 
ILE CB  CG1  sing N N 205 
ILE CB  CG2  sing N N 206 
ILE CB  HB   sing N N 207 
ILE CG1 CD1  sing N N 208 
ILE CG1 HG12 sing N N 209 
ILE CG1 HG13 sing N N 210 
ILE CG2 HG21 sing N N 211 
ILE CG2 HG22 sing N N 212 
ILE CG2 HG23 sing N N 213 
ILE CD1 HD11 sing N N 214 
ILE CD1 HD12 sing N N 215 
ILE CD1 HD13 sing N N 216 
ILE OXT HXT  sing N N 217 
LEU N   CA   sing N N 218 
LEU N   H    sing N N 219 
LEU N   H2   sing N N 220 
LEU CA  C    sing N N 221 
LEU CA  CB   sing N N 222 
LEU CA  HA   sing N N 223 
LEU C   O    doub N N 224 
LEU C   OXT  sing N N 225 
LEU CB  CG   sing N N 226 
LEU CB  HB2  sing N N 227 
LEU CB  HB3  sing N N 228 
LEU CG  CD1  sing N N 229 
LEU CG  CD2  sing N N 230 
LEU CG  HG   sing N N 231 
LEU CD1 HD11 sing N N 232 
LEU CD1 HD12 sing N N 233 
LEU CD1 HD13 sing N N 234 
LEU CD2 HD21 sing N N 235 
LEU CD2 HD22 sing N N 236 
LEU CD2 HD23 sing N N 237 
LEU OXT HXT  sing N N 238 
MET N   CA   sing N N 239 
MET N   H    sing N N 240 
MET N   H2   sing N N 241 
MET CA  C    sing N N 242 
MET CA  CB   sing N N 243 
MET CA  HA   sing N N 244 
MET C   O    doub N N 245 
MET C   OXT  sing N N 246 
MET CB  CG   sing N N 247 
MET CB  HB2  sing N N 248 
MET CB  HB3  sing N N 249 
MET CG  SD   sing N N 250 
MET CG  HG2  sing N N 251 
MET CG  HG3  sing N N 252 
MET SD  CE   sing N N 253 
MET CE  HE1  sing N N 254 
MET CE  HE2  sing N N 255 
MET CE  HE3  sing N N 256 
MET OXT HXT  sing N N 257 
PEG C1  O1   sing N N 258 
PEG C1  C2   sing N N 259 
PEG C1  H11  sing N N 260 
PEG C1  H12  sing N N 261 
PEG O1  HO1  sing N N 262 
PEG C2  O2   sing N N 263 
PEG C2  H21  sing N N 264 
PEG C2  H22  sing N N 265 
PEG O2  C3   sing N N 266 
PEG C3  C4   sing N N 267 
PEG C3  H31  sing N N 268 
PEG C3  H32  sing N N 269 
PEG C4  O4   sing N N 270 
PEG C4  H41  sing N N 271 
PEG C4  H42  sing N N 272 
PEG O4  HO4  sing N N 273 
PHE N   CA   sing N N 274 
PHE N   H    sing N N 275 
PHE N   H2   sing N N 276 
PHE CA  C    sing N N 277 
PHE CA  CB   sing N N 278 
PHE CA  HA   sing N N 279 
PHE C   O    doub N N 280 
PHE C   OXT  sing N N 281 
PHE CB  CG   sing N N 282 
PHE CB  HB2  sing N N 283 
PHE CB  HB3  sing N N 284 
PHE CG  CD1  doub Y N 285 
PHE CG  CD2  sing Y N 286 
PHE CD1 CE1  sing Y N 287 
PHE CD1 HD1  sing N N 288 
PHE CD2 CE2  doub Y N 289 
PHE CD2 HD2  sing N N 290 
PHE CE1 CZ   doub Y N 291 
PHE CE1 HE1  sing N N 292 
PHE CE2 CZ   sing Y N 293 
PHE CE2 HE2  sing N N 294 
PHE CZ  HZ   sing N N 295 
PHE OXT HXT  sing N N 296 
PRO N   CA   sing N N 297 
PRO N   CD   sing N N 298 
PRO N   H    sing N N 299 
PRO CA  C    sing N N 300 
PRO CA  CB   sing N N 301 
PRO CA  HA   sing N N 302 
PRO C   O    doub N N 303 
PRO C   OXT  sing N N 304 
PRO CB  CG   sing N N 305 
PRO CB  HB2  sing N N 306 
PRO CB  HB3  sing N N 307 
PRO CG  CD   sing N N 308 
PRO CG  HG2  sing N N 309 
PRO CG  HG3  sing N N 310 
PRO CD  HD2  sing N N 311 
PRO CD  HD3  sing N N 312 
PRO OXT HXT  sing N N 313 
SER N   CA   sing N N 314 
SER N   H    sing N N 315 
SER N   H2   sing N N 316 
SER CA  C    sing N N 317 
SER CA  CB   sing N N 318 
SER CA  HA   sing N N 319 
SER C   O    doub N N 320 
SER C   OXT  sing N N 321 
SER CB  OG   sing N N 322 
SER CB  HB2  sing N N 323 
SER CB  HB3  sing N N 324 
SER OG  HG   sing N N 325 
SER OXT HXT  sing N N 326 
THR N   CA   sing N N 327 
THR N   H    sing N N 328 
THR N   H2   sing N N 329 
THR CA  C    sing N N 330 
THR CA  CB   sing N N 331 
THR CA  HA   sing N N 332 
THR C   O    doub N N 333 
THR C   OXT  sing N N 334 
THR CB  OG1  sing N N 335 
THR CB  CG2  sing N N 336 
THR CB  HB   sing N N 337 
THR OG1 HG1  sing N N 338 
THR CG2 HG21 sing N N 339 
THR CG2 HG22 sing N N 340 
THR CG2 HG23 sing N N 341 
THR OXT HXT  sing N N 342 
TRP N   CA   sing N N 343 
TRP N   H    sing N N 344 
TRP N   H2   sing N N 345 
TRP CA  C    sing N N 346 
TRP CA  CB   sing N N 347 
TRP CA  HA   sing N N 348 
TRP C   O    doub N N 349 
TRP C   OXT  sing N N 350 
TRP CB  CG   sing N N 351 
TRP CB  HB2  sing N N 352 
TRP CB  HB3  sing N N 353 
TRP CG  CD1  doub Y N 354 
TRP CG  CD2  sing Y N 355 
TRP CD1 NE1  sing Y N 356 
TRP CD1 HD1  sing N N 357 
TRP CD2 CE2  doub Y N 358 
TRP CD2 CE3  sing Y N 359 
TRP NE1 CE2  sing Y N 360 
TRP NE1 HE1  sing N N 361 
TRP CE2 CZ2  sing Y N 362 
TRP CE3 CZ3  doub Y N 363 
TRP CE3 HE3  sing N N 364 
TRP CZ2 CH2  doub Y N 365 
TRP CZ2 HZ2  sing N N 366 
TRP CZ3 CH2  sing Y N 367 
TRP CZ3 HZ3  sing N N 368 
TRP CH2 HH2  sing N N 369 
TRP OXT HXT  sing N N 370 
TYR N   CA   sing N N 371 
TYR N   H    sing N N 372 
TYR N   H2   sing N N 373 
TYR CA  C    sing N N 374 
TYR CA  CB   sing N N 375 
TYR CA  HA   sing N N 376 
TYR C   O    doub N N 377 
TYR C   OXT  sing N N 378 
TYR CB  CG   sing N N 379 
TYR CB  HB2  sing N N 380 
TYR CB  HB3  sing N N 381 
TYR CG  CD1  doub Y N 382 
TYR CG  CD2  sing Y N 383 
TYR CD1 CE1  sing Y N 384 
TYR CD1 HD1  sing N N 385 
TYR CD2 CE2  doub Y N 386 
TYR CD2 HD2  sing N N 387 
TYR CE1 CZ   doub Y N 388 
TYR CE1 HE1  sing N N 389 
TYR CE2 CZ   sing Y N 390 
TYR CE2 HE2  sing N N 391 
TYR CZ  OH   sing N N 392 
TYR OH  HH   sing N N 393 
TYR OXT HXT  sing N N 394 
VAL N   CA   sing N N 395 
VAL N   H    sing N N 396 
VAL N   H2   sing N N 397 
VAL CA  C    sing N N 398 
VAL CA  CB   sing N N 399 
VAL CA  HA   sing N N 400 
VAL C   O    doub N N 401 
VAL C   OXT  sing N N 402 
VAL CB  CG1  sing N N 403 
VAL CB  CG2  sing N N 404 
VAL CB  HB   sing N N 405 
VAL CG1 HG11 sing N N 406 
VAL CG1 HG12 sing N N 407 
VAL CG1 HG13 sing N N 408 
VAL CG2 HG21 sing N N 409 
VAL CG2 HG22 sing N N 410 
VAL CG2 HG23 sing N N 411 
VAL OXT HXT  sing N N 412 
# 
_pdbx_initial_refinement_model.id               1 
_pdbx_initial_refinement_model.entity_id_list   ? 
_pdbx_initial_refinement_model.type             'experimental model' 
_pdbx_initial_refinement_model.source_name      PDB 
_pdbx_initial_refinement_model.accession_code   3KIV 
_pdbx_initial_refinement_model.details          'PDB ENTRY 3KIV' 
# 
_atom_sites.entry_id                    4BVC 
_atom_sites.fract_transf_matrix[1][1]   -0.01824625 
_atom_sites.fract_transf_matrix[1][2]   0.03626977 
_atom_sites.fract_transf_matrix[1][3]   -0.00327951 
_atom_sites.fract_transf_matrix[2][1]   -0.00938885 
_atom_sites.fract_transf_matrix[2][2]   -0.00295565 
_atom_sites.fract_transf_matrix[2][3]   0.01954877 
_atom_sites.fract_transf_matrix[3][1]   0.01423424 
_atom_sites.fract_transf_matrix[3][2]   0.00788679 
_atom_sites.fract_transf_matrix[3][3]   0.00802883 
_atom_sites.fract_transf_vector[1]      -0.236931 
_atom_sites.fract_transf_vector[2]      -0.138134 
_atom_sites.fract_transf_vector[3]      0.222816 
# 
loop_
_atom_type.symbol 
C  
CL 
F  
N  
O  
S  
# 
loop_
_atom_site.group_PDB 
_atom_site.id 
_atom_site.type_symbol 
_atom_site.label_atom_id 
_atom_site.label_alt_id 
_atom_site.label_comp_id 
_atom_site.label_asym_id 
_atom_site.label_entity_id 
_atom_site.label_seq_id 
_atom_site.pdbx_PDB_ins_code 
_atom_site.Cartn_x 
_atom_site.Cartn_y 
_atom_site.Cartn_z 
_atom_site.occupancy 
_atom_site.B_iso_or_equiv 
_atom_site.pdbx_formal_charge 
_atom_site.auth_seq_id 
_atom_site.auth_comp_id 
_atom_site.auth_asym_id 
_atom_site.auth_atom_id 
_atom_site.pdbx_PDB_model_num 
ATOM   1   N  N   . GLN A 1 1  ? 13.132  5.319   3.636   1.00 29.55 ? 0    GLN A N   1 
ATOM   2   C  CA  . GLN A 1 1  ? 13.643  4.094   4.326   1.00 28.75 ? 0    GLN A CA  1 
ATOM   3   C  C   . GLN A 1 1  ? 13.586  2.895   3.391   1.00 26.75 ? 0    GLN A C   1 
ATOM   4   O  O   . GLN A 1 1  ? 12.969  2.942   2.328   1.00 27.99 ? 0    GLN A O   1 
ATOM   5   C  CB  . GLN A 1 1  ? 12.801  3.748   5.559   1.00 30.09 ? 0    GLN A CB  1 
ATOM   6   C  CG  . GLN A 1 1  ? 12.477  4.898   6.496   1.00 31.11 ? 0    GLN A CG  1 
ATOM   7   C  CD  . GLN A 1 1  ? 11.027  4.868   6.939   1.00 31.81 ? 0    GLN A CD  1 
ATOM   8   O  OE1 . GLN A 1 1  ? 10.201  5.612   6.418   1.00 33.58 ? 0    GLN A OE1 1 
ATOM   9   N  NE2 . GLN A 1 1  ? 10.703  3.985   7.882   1.00 31.29 ? 0    GLN A NE2 1 
ATOM   10  N  N   . CYS A 1 2  ? 14.222  1.813   3.813   1.00 23.81 ? 1    CYS A N   1 
ATOM   11  C  CA  . CYS A 1 2  ? 14.065  0.522   3.173   1.00 21.78 ? 1    CYS A CA  1 
ATOM   12  C  C   . CYS A 1 2  ? 13.070  -0.260  4.019   1.00 19.45 ? 1    CYS A C   1 
ATOM   13  O  O   . CYS A 1 2  ? 12.740  0.169   5.129   1.00 20.03 ? 1    CYS A O   1 
ATOM   14  C  CB  . CYS A 1 2  ? 15.407  -0.201  3.127   1.00 21.50 ? 1    CYS A CB  1 
ATOM   15  S  SG  . CYS A 1 2  ? 16.212  -0.286  4.737   1.00 21.79 ? 1    CYS A SG  1 
ATOM   16  N  N   . TYR A 1 3  ? 12.597  -1.398  3.511   1.00 16.97 ? 2    TYR A N   1 
ATOM   17  C  CA  . TYR A 1 3  ? 11.737  -2.293  4.307   1.00 15.54 ? 2    TYR A CA  1 
ATOM   18  C  C   . TYR A 1 3  ? 12.447  -3.604  4.668   1.00 14.95 ? 2    TYR A C   1 
ATOM   19  O  O   . TYR A 1 3  ? 13.243  -4.121  3.885   1.00 14.09 ? 2    TYR A O   1 
ATOM   20  C  CB  . TYR A 1 3  ? 10.413  -2.574  3.586   1.00 14.85 ? 2    TYR A CB  1 
ATOM   21  C  CG  . TYR A 1 3  ? 10.522  -3.392  2.315   1.00 14.33 ? 2    TYR A CG  1 
ATOM   22  C  CD1 . TYR A 1 3  ? 10.494  -4.789  2.349   1.00 14.01 ? 2    TYR A CD1 1 
ATOM   23  C  CD2 . TYR A 1 3  ? 10.630  -2.770  1.077   1.00 13.98 ? 2    TYR A CD2 1 
ATOM   24  C  CE1 . TYR A 1 3  ? 10.589  -5.537  1.188   1.00 13.87 ? 2    TYR A CE1 1 
ATOM   25  C  CE2 . TYR A 1 3  ? 10.724  -3.510  -0.088  1.00 14.10 ? 2    TYR A CE2 1 
ATOM   26  C  CZ  . TYR A 1 3  ? 10.701  -4.890  -0.030  1.00 14.09 ? 2    TYR A CZ  1 
ATOM   27  O  OH  . TYR A 1 3  ? 10.788  -5.612  -1.196  1.00 14.51 ? 2    TYR A OH  1 
ATOM   28  N  N   . HIS A 1 4  ? 12.141  -4.130  5.854   1.00 14.87 ? 3    HIS A N   1 
ATOM   29  C  CA  . HIS A 1 4  ? 12.733  -5.381  6.339   1.00 15.09 ? 3    HIS A CA  1 
ATOM   30  C  C   . HIS A 1 4  ? 11.896  -6.595  5.936   1.00 14.31 ? 3    HIS A C   1 
ATOM   31  O  O   . HIS A 1 4  ? 10.667  -6.553  5.981   1.00 13.96 ? 3    HIS A O   1 
ATOM   32  C  CB  . HIS A 1 4  ? 12.883  -5.339  7.864   1.00 15.94 ? 3    HIS A CB  1 
ATOM   33  C  CG  . HIS A 1 4  ? 13.818  -4.275  8.345   1.00 16.87 ? 3    HIS A CG  1 
ATOM   34  N  ND1 . HIS A 1 4  ? 15.190  -4.393  8.254   1.00 17.66 ? 3    HIS A ND1 1 
ATOM   35  C  CD2 . HIS A 1 4  ? 13.582  -3.069  8.915   1.00 17.60 ? 3    HIS A CD2 1 
ATOM   36  C  CE1 . HIS A 1 4  ? 15.758  -3.307  8.747   1.00 17.74 ? 3    HIS A CE1 1 
ATOM   37  N  NE2 . HIS A 1 4  ? 14.805  -2.487  9.155   1.00 18.06 ? 3    HIS A NE2 1 
ATOM   38  N  N   . GLY A 1 5  ? 12.570  -7.676  5.547   1.00 13.67 ? 4    GLY A N   1 
ATOM   39  C  CA  . GLY A 1 5  ? 11.898  -8.927  5.199   1.00 13.36 ? 4    GLY A CA  1 
ATOM   40  C  C   . GLY A 1 5  ? 10.918  -8.720  4.061   1.00 13.01 ? 4    GLY A C   1 
ATOM   41  O  O   . GLY A 1 5  ? 11.289  -8.182  3.017   1.00 13.02 ? 4    GLY A O   1 
ATOM   42  N  N   . ASN A 1 6  ? 9.667   -9.128  4.264   1.00 12.41 ? 5    ASN A N   1 
ATOM   43  C  CA  . ASN A 1 6  ? 8.629   -8.942  3.238   1.00 12.06 ? 5    ASN A CA  1 
ATOM   44  C  C   . ASN A 1 6  ? 7.883   -7.614  3.351   1.00 12.10 ? 5    ASN A C   1 
ATOM   45  O  O   . ASN A 1 6  ? 6.971   -7.349  2.567   1.00 12.01 ? 5    ASN A O   1 
ATOM   46  C  CB  . ASN A 1 6  ? 7.643   -10.123 3.205   1.00 11.74 ? 5    ASN A CB  1 
ATOM   47  C  CG  . ASN A 1 6  ? 6.752   -10.201 4.435   1.00 11.45 ? 5    ASN A CG  1 
ATOM   48  O  OD1 . ASN A 1 6  ? 6.792   -9.341  5.313   1.00 11.09 ? 5    ASN A OD1 1 
ATOM   49  N  ND2 . ASN A 1 6  ? 5.934   -11.249 4.498   1.00 11.22 ? 5    ASN A ND2 1 
ATOM   50  N  N   . GLY A 1 7  ? 8.262   -6.796  4.330   1.00 12.18 ? 6    GLY A N   1 
ATOM   51  C  CA  . GLY A 1 7  ? 7.746   -5.443  4.463   1.00 12.31 ? 6    GLY A CA  1 
ATOM   52  C  C   . GLY A 1 7  ? 6.473   -5.315  5.268   1.00 12.67 ? 6    GLY A C   1 
ATOM   53  O  O   . GLY A 1 7  ? 5.907   -4.226  5.342   1.00 12.18 ? 6    GLY A O   1 
ATOM   54  N  N   . GLN A 1 8  ? 6.031   -6.409  5.896   1.00 12.99 ? 7    GLN A N   1 
ATOM   55  C  CA  . GLN A 1 8  ? 4.794   -6.395  6.685   1.00 13.72 ? 7    GLN A CA  1 
ATOM   56  C  C   . GLN A 1 8  ? 4.854   -5.335  7.788   1.00 13.12 ? 7    GLN A C   1 
ATOM   57  O  O   . GLN A 1 8  ? 3.827   -4.741  8.135   1.00 13.28 ? 7    GLN A O   1 
ATOM   58  C  CB  . GLN A 1 8  ? 4.514   -7.792  7.280   1.00 14.94 ? 7    GLN A CB  1 
ATOM   59  C  CG  . GLN A 1 8  ? 3.158   -7.959  7.975   1.00 16.38 ? 7    GLN A CG  1 
ATOM   60  C  CD  . GLN A 1 8  ? 2.146   -8.788  7.180   1.00 17.48 ? 7    GLN A CD  1 
ATOM   61  O  OE1 . GLN A 1 8  ? 2.511   -9.722  6.464   1.00 18.52 ? 7    GLN A OE1 1 
ATOM   62  N  NE2 . GLN A 1 8  ? 0.858   -8.459  7.326   1.00 18.00 ? 7    GLN A NE2 1 
ATOM   63  N  N   . SER A 1 9  ? 6.056   -5.083  8.317   1.00 12.59 ? 8    SER A N   1 
ATOM   64  C  CA  . SER A 1 9  ? 6.247   -4.148  9.433   1.00 12.48 ? 8    SER A CA  1 
ATOM   65  C  C   . SER A 1 9  ? 6.573   -2.719  9.006   1.00 11.82 ? 8    SER A C   1 
ATOM   66  O  O   . SER A 1 9  ? 6.703   -1.838  9.861   1.00 11.88 ? 8    SER A O   1 
ATOM   67  C  CB  . SER A 1 9  ? 7.356   -4.646  10.379  1.00 12.73 ? 8    SER A CB  1 
ATOM   68  O  OG  . SER A 1 9  ? 7.176   -6.018  10.729  1.00 13.51 ? 8    SER A OG  1 
ATOM   69  N  N   . TYR A 1 10 ? 6.695   -2.479  7.698   1.00 11.25 ? 9    TYR A N   1 
ATOM   70  C  CA  . TYR A 1 10 ? 6.984   -1.137  7.183   1.00 10.79 ? 9    TYR A CA  1 
ATOM   71  C  C   . TYR A 1 10 ? 5.876   -0.158  7.547   1.00 10.55 ? 9    TYR A C   1 
ATOM   72  O  O   . TYR A 1 10 ? 4.691   -0.446  7.347   1.00 10.56 ? 9    TYR A O   1 
ATOM   73  C  CB  . TYR A 1 10 ? 7.186   -1.167  5.666   1.00 10.68 ? 9    TYR A CB  1 
ATOM   74  C  CG  . TYR A 1 10 ? 7.352   0.197   5.039   1.00 10.51 ? 9    TYR A CG  1 
ATOM   75  C  CD1 . TYR A 1 10 ? 8.567   0.871   5.090   1.00 10.45 ? 9    TYR A CD1 1 
ATOM   76  C  CD2 . TYR A 1 10 ? 6.292   0.810   4.383   1.00 10.35 ? 9    TYR A CD2 1 
ATOM   77  C  CE1 . TYR A 1 10 ? 8.717   2.123   4.507   1.00 10.45 ? 9    TYR A CE1 1 
ATOM   78  C  CE2 . TYR A 1 10 ? 6.429   2.062   3.801   1.00 10.33 ? 9    TYR A CE2 1 
ATOM   79  C  CZ  . TYR A 1 10 ? 7.644   2.713   3.862   1.00 10.50 ? 9    TYR A CZ  1 
ATOM   80  O  OH  . TYR A 1 10 ? 7.793   3.966   3.287   1.00 10.51 ? 9    TYR A OH  1 
ATOM   81  N  N   . ARG A 1 11 ? 6.269   0.988   8.097   1.00 10.36 ? 10   ARG A N   1 
ATOM   82  C  CA  . ARG A 1 11 ? 5.320   2.016   8.508   1.00 10.17 ? 10   ARG A CA  1 
ATOM   83  C  C   . ARG A 1 11 ? 5.746   3.417   8.064   1.00 9.95  ? 10   ARG A C   1 
ATOM   84  O  O   . ARG A 1 11 ? 5.314   4.408   8.648   1.00 9.92  ? 10   ARG A O   1 
ATOM   85  C  CB  . ARG A 1 11 ? 5.128   1.980   10.027  1.00 10.30 ? 10   ARG A CB  1 
ATOM   86  C  CG  . ARG A 1 11 ? 4.454   0.721   10.539  1.00 10.35 ? 10   ARG A CG  1 
ATOM   87  C  CD  . ARG A 1 11 ? 3.003   0.634   10.097  1.00 10.54 ? 10   ARG A CD  1 
ATOM   88  N  NE  . ARG A 1 11 ? 2.314   -0.512  10.686  1.00 10.71 ? 10   ARG A NE  1 
ATOM   89  C  CZ  . ARG A 1 11 ? 2.374   -1.762  10.231  1.00 10.83 ? 10   ARG A CZ  1 
ATOM   90  N  NH1 . ARG A 1 11 ? 3.093   -2.076  9.156   1.00 10.81 ? 10   ARG A NH1 1 
ATOM   91  N  NH2 . ARG A 1 11 ? 1.696   -2.718  10.855  1.00 11.19 ? 10   ARG A NH2 1 
ATOM   92  N  N   . GLY A 1 12 ? 6.566   3.496   7.019   1.00 9.76  ? 11   GLY A N   1 
ATOM   93  C  CA  . GLY A 1 12 ? 6.994   4.783   6.463   1.00 9.68  ? 11   GLY A CA  1 
ATOM   94  C  C   . GLY A 1 12 ? 5.897   5.458   5.655   1.00 9.53  ? 11   GLY A C   1 
ATOM   95  O  O   . GLY A 1 12 ? 4.768   4.966   5.580   1.00 9.65  ? 11   GLY A O   1 
ATOM   96  N  N   . THR A 1 13 ? 6.239   6.589   5.044   1.00 9.31  ? 12   THR A N   1 
ATOM   97  C  CA  . THR A 1 13 ? 5.255   7.459   4.416   1.00 9.24  ? 12   THR A CA  1 
ATOM   98  C  C   . THR A 1 13 ? 5.364   7.478   2.885   1.00 8.92  ? 12   THR A C   1 
ATOM   99  O  O   . THR A 1 13 ? 4.793   8.348   2.232   1.00 9.04  ? 12   THR A O   1 
ATOM   100 C  CB  . THR A 1 13 ? 5.383   8.904   4.951   1.00 9.44  ? 12   THR A CB  1 
ATOM   101 O  OG1 . THR A 1 13 ? 6.658   9.435   4.576   1.00 9.56  ? 12   THR A OG1 1 
ATOM   102 C  CG2 . THR A 1 13 ? 5.230   8.939   6.478   1.00 9.47  ? 12   THR A CG2 1 
ATOM   103 N  N   . PHE A 1 14 ? 6.089   6.522   2.319   1.00 8.71  ? 13   PHE A N   1 
ATOM   104 C  CA  . PHE A 1 14 ? 6.243   6.437   0.873   1.00 8.44  ? 13   PHE A CA  1 
ATOM   105 C  C   . PHE A 1 14 ? 4.911   5.980   0.276   1.00 8.19  ? 13   PHE A C   1 
ATOM   106 O  O   . PHE A 1 14 ? 4.204   5.160   0.877   1.00 8.03  ? 13   PHE A O   1 
ATOM   107 C  CB  . PHE A 1 14 ? 7.375   5.477   0.508   1.00 8.61  ? 13   PHE A CB  1 
ATOM   108 C  CG  . PHE A 1 14 ? 7.952   5.703   -0.867  1.00 8.68  ? 13   PHE A CG  1 
ATOM   109 C  CD1 . PHE A 1 14 ? 8.818   6.762   -1.103  1.00 8.81  ? 13   PHE A CD1 1 
ATOM   110 C  CD2 . PHE A 1 14 ? 7.654   4.844   -1.916  1.00 8.74  ? 13   PHE A CD2 1 
ATOM   111 C  CE1 . PHE A 1 14 ? 9.359   6.970   -2.362  1.00 8.84  ? 13   PHE A CE1 1 
ATOM   112 C  CE2 . PHE A 1 14 ? 8.195   5.048   -3.174  1.00 8.80  ? 13   PHE A CE2 1 
ATOM   113 C  CZ  . PHE A 1 14 ? 9.050   6.113   -3.397  1.00 8.83  ? 13   PHE A CZ  1 
ATOM   114 N  N   . SER A 1 15 ? 4.575   6.523   -0.891  1.00 7.83  ? 14   SER A N   1 
ATOM   115 C  CA  . SER A 1 15 ? 3.253   6.327   -1.490  1.00 7.73  ? 14   SER A CA  1 
ATOM   116 C  C   . SER A 1 15 ? 3.298   6.335   -3.035  1.00 7.44  ? 14   SER A C   1 
ATOM   117 O  O   . SER A 1 15 ? 2.367   6.796   -3.698  1.00 7.35  ? 14   SER A O   1 
ATOM   118 C  CB  . SER A 1 15 ? 2.283   7.385   -0.942  1.00 7.80  ? 14   SER A CB  1 
ATOM   119 O  OG  . SER A 1 15 ? 2.737   8.695   -1.222  1.00 8.04  ? 14   SER A OG  1 
ATOM   120 N  N   . THR A 1 16 ? 4.372   5.778   -3.592  1.00 7.28  ? 15   THR A N   1 
ATOM   121 C  CA  . THR A 1 16 ? 4.595   5.785   -5.035  1.00 7.20  ? 15   THR A CA  1 
ATOM   122 C  C   . THR A 1 16 ? 4.936   4.376   -5.526  1.00 7.08  ? 15   THR A C   1 
ATOM   123 O  O   . THR A 1 16 ? 5.714   3.664   -4.897  1.00 7.07  ? 15   THR A O   1 
ATOM   124 C  CB  . THR A 1 16 ? 5.725   6.766   -5.407  1.00 7.23  ? 15   THR A CB  1 
ATOM   125 O  OG1 . THR A 1 16 ? 5.412   8.066   -4.882  1.00 7.42  ? 15   THR A OG1 1 
ATOM   126 C  CG2 . THR A 1 16 ? 5.893   6.858   -6.921  1.00 7.26  ? 15   THR A CG2 1 
ATOM   127 N  N   . THR A 1 17 ? 4.359   3.983   -6.655  1.00 7.00  ? 16   THR A N   1 
ATOM   128 C  CA  . THR A 1 17 ? 4.558   2.627   -7.172  1.00 7.04  ? 16   THR A CA  1 
ATOM   129 C  C   . THR A 1 17 ? 5.816   2.528   -8.034  1.00 7.17  ? 16   THR A C   1 
ATOM   130 O  O   . THR A 1 17 ? 6.440   3.534   -8.376  1.00 7.05  ? 16   THR A O   1 
ATOM   131 C  CB  . THR A 1 17 ? 3.363   2.116   -8.000  1.00 6.96  ? 16   THR A CB  1 
ATOM   132 O  OG1 . THR A 1 17 ? 3.374   2.736   -9.293  1.00 6.95  ? 16   THR A OG1 1 
ATOM   133 C  CG2 . THR A 1 17 ? 2.039   2.357   -7.291  1.00 6.92  ? 16   THR A CG2 1 
ATOM   134 N  N   . VAL A 1 18 ? 6.162   1.292   -8.385  1.00 7.43  ? 17   VAL A N   1 
ATOM   135 C  CA  . VAL A 1 18 ? 7.314   0.994   -9.245  1.00 7.60  ? 17   VAL A CA  1 
ATOM   136 C  C   . VAL A 1 18 ? 7.247   1.641   -10.634 1.00 7.63  ? 17   VAL A C   1 
ATOM   137 O  O   . VAL A 1 18 ? 8.288   1.830   -11.271 1.00 7.96  ? 17   VAL A O   1 
ATOM   138 C  CB  . VAL A 1 18 ? 7.538   -0.534  -9.405  1.00 7.76  ? 17   VAL A CB  1 
ATOM   139 C  CG1 . VAL A 1 18 ? 7.967   -1.162  -8.087  1.00 7.95  ? 17   VAL A CG1 1 
ATOM   140 C  CG2 . VAL A 1 18 ? 6.302   -1.232  -9.956  1.00 7.81  ? 17   VAL A CG2 1 
ATOM   141 N  N   . THR A 1 19 ? 6.042   1.972   -11.103 1.00 7.44  ? 18   THR A N   1 
ATOM   142 C  CA  . THR A 1 19 ? 5.864   2.619   -12.413 1.00 7.32  ? 18   THR A CA  1 
ATOM   143 C  C   . THR A 1 19 ? 5.602   4.125   -12.300 1.00 7.30  ? 18   THR A C   1 
ATOM   144 O  O   . THR A 1 19 ? 5.292   4.781   -13.299 1.00 7.28  ? 18   THR A O   1 
ATOM   145 C  CB  . THR A 1 19 ? 4.730   1.962   -13.224 1.00 7.31  ? 18   THR A CB  1 
ATOM   146 O  OG1 . THR A 1 19 ? 3.515   1.995   -12.466 1.00 7.25  ? 18   THR A OG1 1 
ATOM   147 C  CG2 . THR A 1 19 ? 5.088   0.527   -13.575 1.00 7.37  ? 18   THR A CG2 1 
ATOM   148 N  N   . GLY A 1 20 ? 5.734   4.660   -11.086 1.00 7.13  ? 19   GLY A N   1 
ATOM   149 C  CA  . GLY A 1 20 ? 5.561   6.089   -10.841 1.00 7.12  ? 19   GLY A CA  1 
ATOM   150 C  C   . GLY A 1 20 ? 4.128   6.519   -10.590 1.00 7.03  ? 19   GLY A C   1 
ATOM   151 O  O   . GLY A 1 20 ? 3.833   7.711   -10.584 1.00 7.08  ? 19   GLY A O   1 
ATOM   152 N  N   . ARG A 1 21 ? 3.237   5.558   -10.364 1.00 7.00  ? 20   ARG A N   1 
ATOM   153 C  CA  . ARG A 1 21 ? 1.848   5.875   -10.048 1.00 6.96  ? 20   ARG A CA  1 
ATOM   154 C  C   . ARG A 1 21 ? 1.709   6.175   -8.559  1.00 6.90  ? 20   ARG A C   1 
ATOM   155 O  O   . ARG A 1 21 ? 2.557   5.801   -7.747  1.00 6.83  ? 20   ARG A O   1 
ATOM   156 C  CB  . ARG A 1 21 ? 0.923   4.745   -10.485 1.00 7.08  ? 20   ARG A CB  1 
ATOM   157 C  CG  . ARG A 1 21 ? 0.853   4.593   -12.002 1.00 7.24  ? 20   ARG A CG  1 
ATOM   158 C  CD  . ARG A 1 21 ? 0.154   3.316   -12.411 1.00 7.39  ? 20   ARG A CD  1 
ATOM   159 N  NE  . ARG A 1 21 ? -0.208  3.305   -13.828 1.00 7.60  ? 20   ARG A NE  1 
ATOM   160 C  CZ  . ARG A 1 21 ? 0.456   2.687   -14.803 1.00 7.68  ? 20   ARG A CZ  1 
ATOM   161 N  NH1 . ARG A 1 21 ? 1.569   2.002   -14.562 1.00 7.78  ? 20   ARG A NH1 1 
ATOM   162 N  NH2 . ARG A 1 21 ? -0.015  2.748   -16.049 1.00 7.90  ? 20   ARG A NH2 1 
ATOM   163 N  N   . THR A 1 22 ? 0.641   6.882   -8.222  1.00 6.93  ? 21   THR A N   1 
ATOM   164 C  CA  . THR A 1 22 ? 0.378   7.306   -6.857  1.00 6.95  ? 21   THR A CA  1 
ATOM   165 C  C   . THR A 1 22 ? -0.565  6.334   -6.163  1.00 6.81  ? 21   THR A C   1 
ATOM   166 O  O   . THR A 1 22 ? -1.553  5.870   -6.747  1.00 6.75  ? 21   THR A O   1 
ATOM   167 C  CB  . THR A 1 22 ? -0.214  8.724   -6.857  1.00 7.13  ? 21   THR A CB  1 
ATOM   168 O  OG1 . THR A 1 22 ? 0.791   9.634   -7.311  1.00 7.30  ? 21   THR A OG1 1 
ATOM   169 C  CG2 . THR A 1 22 ? -0.686  9.143   -5.471  1.00 7.19  ? 21   THR A CG2 1 
ATOM   170 N  N   . CYS A 1 23 ? -0.253  6.030   -4.907  1.00 6.75  ? 22   CYS A N   1 
ATOM   171 C  CA  . CYS A 1 23 ? -1.100  5.154   -4.106  1.00 6.69  ? 22   CYS A CA  1 
ATOM   172 C  C   . CYS A 1 23 ? -2.448  5.792   -3.804  1.00 6.74  ? 22   CYS A C   1 
ATOM   173 O  O   . CYS A 1 23 ? -2.534  6.977   -3.476  1.00 6.77  ? 22   CYS A O   1 
ATOM   174 C  CB  . CYS A 1 23 ? -0.412  4.792   -2.791  1.00 6.60  ? 22   CYS A CB  1 
ATOM   175 S  SG  . CYS A 1 23 ? 1.063   3.786   -3.015  1.00 6.54  ? 22   CYS A SG  1 
ATOM   176 N  N   . GLN A 1 24 ? -3.492  4.987   -3.939  1.00 6.79  ? 23   GLN A N   1 
ATOM   177 C  CA  . GLN A 1 24 ? -4.830  5.333   -3.487  1.00 6.85  ? 23   GLN A CA  1 
ATOM   178 C  C   . GLN A 1 24 ? -4.869  5.208   -1.969  1.00 6.89  ? 23   GLN A C   1 
ATOM   179 O  O   . GLN A 1 24 ? -4.166  4.367   -1.390  1.00 6.87  ? 23   GLN A O   1 
ATOM   180 C  CB  . GLN A 1 24 ? -5.845  4.377   -4.124  1.00 6.94  ? 23   GLN A CB  1 
ATOM   181 C  CG  . GLN A 1 24 ? -7.295  4.609   -3.724  1.00 7.03  ? 23   GLN A CG  1 
ATOM   182 C  CD  . GLN A 1 24 ? -8.244  3.617   -4.378  1.00 7.16  ? 23   GLN A CD  1 
ATOM   183 O  OE1 . GLN A 1 24 ? -8.178  3.380   -5.585  1.00 7.25  ? 23   GLN A OE1 1 
ATOM   184 N  NE2 . GLN A 1 24 ? -9.124  3.024   -3.584  1.00 7.21  ? 23   GLN A NE2 1 
ATOM   185 N  N   . SER A 1 25 ? -5.676  6.042   -1.319  1.00 6.92  ? 24   SER A N   1 
ATOM   186 C  CA  . SER A 1 25 ? -5.851  5.940   0.127   1.00 7.09  ? 24   SER A CA  1 
ATOM   187 C  C   . SER A 1 25 ? -6.620  4.667   0.482   1.00 7.07  ? 24   SER A C   1 
ATOM   188 O  O   . SER A 1 25 ? -7.591  4.319   -0.187  1.00 7.13  ? 24   SER A O   1 
ATOM   189 C  CB  . SER A 1 25 ? -6.584  7.163   0.682   1.00 7.16  ? 24   SER A CB  1 
ATOM   190 O  OG  . SER A 1 25 ? -5.828  8.355   0.502   1.00 7.38  ? 24   SER A OG  1 
ATOM   191 N  N   . TRP A 1 26 ? -6.182  3.990   1.540   1.00 7.09  ? 25   TRP A N   1 
ATOM   192 C  CA  . TRP A 1 26 ? -6.778  2.713   1.953   1.00 7.21  ? 25   TRP A CA  1 
ATOM   193 C  C   . TRP A 1 26 ? -8.248  2.860   2.362   1.00 7.55  ? 25   TRP A C   1 
ATOM   194 O  O   . TRP A 1 26 ? -9.043  1.951   2.176   1.00 7.83  ? 25   TRP A O   1 
ATOM   195 C  CB  . TRP A 1 26 ? -5.987  2.104   3.112   1.00 7.10  ? 25   TRP A CB  1 
ATOM   196 C  CG  . TRP A 1 26 ? -4.551  1.845   2.789   1.00 6.93  ? 25   TRP A CG  1 
ATOM   197 C  CD1 . TRP A 1 26 ? -3.480  2.643   3.090   1.00 6.90  ? 25   TRP A CD1 1 
ATOM   198 C  CD2 . TRP A 1 26 ? -4.025  0.711   2.098   1.00 6.85  ? 25   TRP A CD2 1 
ATOM   199 N  NE1 . TRP A 1 26 ? -2.323  2.078   2.624   1.00 6.87  ? 25   TRP A NE1 1 
ATOM   200 C  CE2 . TRP A 1 26 ? -2.628  0.889   2.012   1.00 6.81  ? 25   TRP A CE2 1 
ATOM   201 C  CE3 . TRP A 1 26 ? -4.599  -0.439  1.543   1.00 6.83  ? 25   TRP A CE3 1 
ATOM   202 C  CZ2 . TRP A 1 26 ? -1.799  -0.041  1.393   1.00 6.79  ? 25   TRP A CZ2 1 
ATOM   203 C  CZ3 . TRP A 1 26 ? -3.772  -1.362  0.932   1.00 6.78  ? 25   TRP A CZ3 1 
ATOM   204 C  CH2 . TRP A 1 26 ? -2.389  -1.160  0.866   1.00 6.77  ? 25   TRP A CH2 1 
ATOM   205 N  N   . SER A 1 27 ? -8.603  4.009   2.917   1.00 7.95  ? 26   SER A N   1 
ATOM   206 C  CA  . SER A 1 27 ? -9.978  4.259   3.334   1.00 8.35  ? 26   SER A CA  1 
ATOM   207 C  C   . SER A 1 27 ? -10.913 4.579   2.152   1.00 8.72  ? 26   SER A C   1 
ATOM   208 O  O   . SER A 1 27 ? -12.138 4.548   2.305   1.00 9.19  ? 26   SER A O   1 
ATOM   209 C  CB  . SER A 1 27 ? -10.015 5.407   4.346   1.00 8.30  ? 26   SER A CB  1 
ATOM   210 O  OG  . SER A 1 27 ? -9.770  6.642   3.705   1.00 8.35  ? 26   SER A OG  1 
ATOM   211 N  N   . SER A 1 28 ? -10.342 4.910   0.994   1.00 8.98  ? 27   SER A N   1 
ATOM   212 C  CA  . SER A 1 28 ? -11.129 5.328   -0.162  1.00 9.17  ? 27   SER A CA  1 
ATOM   213 C  C   . SER A 1 28 ? -11.523 4.148   -1.044  1.00 9.42  ? 27   SER A C   1 
ATOM   214 O  O   . SER A 1 28 ? -10.786 3.166   -1.143  1.00 9.12  ? 27   SER A O   1 
ATOM   215 C  CB  . SER A 1 28 ? -10.360 6.339   -1.007  1.00 9.28  ? 27   SER A CB  1 
ATOM   216 O  OG  . SER A 1 28 ? -11.122 6.710   -2.137  1.00 9.38  ? 27   SER A OG  1 
ATOM   217 N  N   . MET A 1 29 ? -12.682 4.272   -1.690  1.00 9.95  ? 28   MET A N   1 
ATOM   218 C  CA  . MET A 1 29 ? -13.183 3.262   -2.624  1.00 10.44 ? 28   MET A CA  1 
ATOM   219 C  C   . MET A 1 29 ? -13.051 3.697   -4.080  1.00 10.72 ? 28   MET A C   1 
ATOM   220 O  O   . MET A 1 29 ? -13.609 3.049   -4.964  1.00 10.75 ? 28   MET A O   1 
ATOM   221 C  CB  . MET A 1 29 ? -14.658 2.954   -2.337  1.00 10.75 ? 28   MET A CB  1 
ATOM   222 C  CG  . MET A 1 29 ? -14.926 2.325   -0.984  1.00 11.05 ? 28   MET A CG  1 
ATOM   223 S  SD  . MET A 1 29 ? -14.223 0.671   -0.833  1.00 11.42 ? 28   MET A SD  1 
ATOM   224 C  CE  . MET A 1 29 ? -12.904 0.929   0.346   1.00 11.45 ? 28   MET A CE  1 
ATOM   225 N  N   . THR A 1 30 ? -12.320 4.782   -4.340  1.00 10.96 ? 29   THR A N   1 
ATOM   226 C  CA  . THR A 1 30 ? -12.153 5.277   -5.707  1.00 11.40 ? 29   THR A CA  1 
ATOM   227 C  C   . THR A 1 30 ? -10.683 5.626   -5.983  1.00 11.28 ? 29   THR A C   1 
ATOM   228 O  O   . THR A 1 30 ? -10.002 6.174   -5.112  1.00 11.54 ? 29   THR A O   1 
ATOM   229 C  CB  . THR A 1 30 ? -13.093 6.473   -5.993  1.00 11.82 ? 29   THR A CB  1 
ATOM   230 O  OG1 . THR A 1 30 ? -13.083 6.781   -7.393  1.00 12.35 ? 29   THR A OG1 1 
ATOM   231 C  CG2 . THR A 1 30 ? -12.704 7.714   -5.185  1.00 12.07 ? 29   THR A CG2 1 
ATOM   232 N  N   . PRO A 1 31 ? -10.175 5.283   -7.181  1.00 11.12 ? 30   PRO A N   1 
ATOM   233 C  CA  . PRO A 1 31 ? -10.856 4.598   -8.291  1.00 11.22 ? 30   PRO A CA  1 
ATOM   234 C  C   . PRO A 1 31 ? -11.138 3.103   -8.086  1.00 11.21 ? 30   PRO A C   1 
ATOM   235 O  O   . PRO A 1 31 ? -11.909 2.523   -8.859  1.00 11.82 ? 30   PRO A O   1 
ATOM   236 C  CB  . PRO A 1 31 ? -9.900  4.809   -9.477  1.00 11.14 ? 30   PRO A CB  1 
ATOM   237 C  CG  . PRO A 1 31 ? -8.566  5.055   -8.863  1.00 11.07 ? 30   PRO A CG  1 
ATOM   238 C  CD  . PRO A 1 31 ? -8.839  5.772   -7.572  1.00 11.06 ? 30   PRO A CD  1 
ATOM   239 N  N   . HIS A 1 32 ? -10.536 2.482   -7.074  1.00 11.05 ? 31   HIS A N   1 
ATOM   240 C  CA  . HIS A 1 32 ? -10.704 1.039   -6.863  1.00 10.81 ? 31   HIS A CA  1 
ATOM   241 C  C   . HIS A 1 32 ? -11.494 0.738   -5.603  1.00 11.15 ? 31   HIS A C   1 
ATOM   242 O  O   . HIS A 1 32 ? -11.122 1.155   -4.513  1.00 10.83 ? 31   HIS A O   1 
ATOM   243 C  CB  . HIS A 1 32 ? -9.346  0.328   -6.824  1.00 10.58 ? 31   HIS A CB  1 
ATOM   244 C  CG  . HIS A 1 32 ? -8.468  0.667   -7.983  1.00 10.39 ? 31   HIS A CG  1 
ATOM   245 N  ND1 . HIS A 1 32 ? -8.699  0.209   -9.260  1.00 10.34 ? 31   HIS A ND1 1 
ATOM   246 C  CD2 . HIS A 1 32 ? -7.374  1.454   -8.065  1.00 10.10 ? 31   HIS A CD2 1 
ATOM   247 C  CE1 . HIS A 1 32 ? -7.788  0.694   -10.080 1.00 10.22 ? 31   HIS A CE1 1 
ATOM   248 N  NE2 . HIS A 1 32 ? -6.962  1.448   -9.377  1.00 10.18 ? 31   HIS A NE2 1 
ATOM   249 N  N   . ARG A 1 33 ? -12.592 0.007   -5.775  1.00 11.65 ? 32   ARG A N   1 
ATOM   250 C  CA  . ARG A 1 33 ? -13.376 -0.504  -4.662  1.00 12.28 ? 32   ARG A CA  1 
ATOM   251 C  C   . ARG A 1 33 ? -12.675 -1.749  -4.154  1.00 12.06 ? 32   ARG A C   1 
ATOM   252 O  O   . ARG A 1 33 ? -12.282 -2.622  -4.929  1.00 12.01 ? 32   ARG A O   1 
ATOM   253 C  CB  . ARG A 1 33 ? -14.822 -0.825  -5.074  1.00 13.15 ? 32   ARG A CB  1 
ATOM   254 C  CG  . ARG A 1 33 ? -15.721 -1.246  -3.920  1.00 14.26 ? 32   ARG A CG  1 
ATOM   255 C  CD  . ARG A 1 33 ? -17.210 -1.135  -4.255  1.00 15.06 ? 32   ARG A CD  1 
ATOM   256 N  NE  . ARG A 1 33 ? -17.593 0.255   -4.509  1.00 16.09 ? 32   ARG A NE  1 
ATOM   257 C  CZ  . ARG A 1 33 ? -17.923 1.158   -3.580  1.00 16.67 ? 32   ARG A CZ  1 
ATOM   258 N  NH1 . ARG A 1 33 ? -17.968 0.843   -2.280  1.00 16.97 ? 32   ARG A NH1 1 
ATOM   259 N  NH2 . ARG A 1 33 ? -18.221 2.398   -3.965  1.00 17.39 ? 32   ARG A NH2 1 
ATOM   260 N  N   . HIS A 1 34 ? -12.509 -1.821  -2.841  1.00 11.87 ? 33   HIS A N   1 
ATOM   261 C  CA  . HIS A 1 34 ? -11.748 -2.891  -2.226  1.00 11.80 ? 33   HIS A CA  1 
ATOM   262 C  C   . HIS A 1 34 ? -12.170 -3.044  -0.774  1.00 12.16 ? 33   HIS A C   1 
ATOM   263 O  O   . HIS A 1 34 ? -12.970 -2.255  -0.272  1.00 12.28 ? 33   HIS A O   1 
ATOM   264 C  CB  . HIS A 1 34 ? -10.258 -2.563  -2.302  1.00 11.50 ? 33   HIS A CB  1 
ATOM   265 C  CG  . HIS A 1 34 ? -9.868  -1.391  -1.460  1.00 11.22 ? 33   HIS A CG  1 
ATOM   266 N  ND1 . HIS A 1 34 ? -9.421  -1.528  -0.166  1.00 11.17 ? 33   HIS A ND1 1 
ATOM   267 C  CD2 . HIS A 1 34 ? -9.905  -0.062  -1.704  1.00 11.17 ? 33   HIS A CD2 1 
ATOM   268 C  CE1 . HIS A 1 34 ? -9.169  -0.336  0.341   1.00 11.03 ? 33   HIS A CE1 1 
ATOM   269 N  NE2 . HIS A 1 34 ? -9.459  0.571   -0.571  1.00 11.00 ? 33   HIS A NE2 1 
ATOM   270 N  N   . GLN A 1 35 ? -11.600 -4.031  -0.109  1.00 12.48 ? 34   GLN A N   1 
ATOM   271 C  CA  . GLN A 1 35 ? -11.971 -4.371  1.252   1.00 13.09 ? 34   GLN A CA  1 
ATOM   272 C  C   . GLN A 1 35 ? -10.844 -4.142  2.243   1.00 13.32 ? 34   GLN A C   1 
ATOM   273 O  O   . GLN A 1 35 ? -11.002 -4.361  3.419   1.00 13.62 ? 34   GLN A O   1 
ATOM   274 C  CB  . GLN A 1 35 ? -12.415 -5.835  1.323   1.00 13.31 ? 34   GLN A CB  1 
ATOM   275 C  CG  . GLN A 1 35 ? -13.718 -6.083  0.584   1.00 13.63 ? 34   GLN A CG  1 
ATOM   276 C  CD  . GLN A 1 35 ? -14.020 -7.547  0.441   1.00 13.97 ? 34   GLN A CD  1 
ATOM   277 O  OE1 . GLN A 1 35 ? -14.341 -8.212  1.407   1.00 14.38 ? 34   GLN A OE1 1 
ATOM   278 N  NE2 . GLN A 1 35 ? -13.899 -8.052  -0.774  1.00 14.09 ? 34   GLN A NE2 1 
ATOM   279 N  N   . ARG A 1 36 ? -9.687  -3.753  1.738   1.00 13.31 ? 35   ARG A N   1 
ATOM   280 C  CA  . ARG A 1 36 ? -8.505  -3.629  2.570   1.00 13.38 ? 35   ARG A CA  1 
ATOM   281 C  C   . ARG A 1 36 ? -8.462  -2.247  3.229   1.00 13.19 ? 35   ARG A C   1 
ATOM   282 O  O   . ARG A 1 36 ? -7.583  -1.453  2.975   1.00 12.96 ? 35   ARG A O   1 
ATOM   283 C  CB  . ARG A 1 36 ? -7.254  -3.878  1.728   1.00 13.59 ? 35   ARG A CB  1 
ATOM   284 C  CG  . ARG A 1 36 ? -5.974  -3.889  2.515   1.00 13.89 ? 35   ARG A CG  1 
ATOM   285 C  CD  . ARG A 1 36 ? -5.946  -5.031  3.516   1.00 14.23 ? 35   ARG A CD  1 
ATOM   286 N  NE  . ARG A 1 36 ? -5.914  -6.341  2.876   1.00 14.44 ? 35   ARG A NE  1 
ATOM   287 C  CZ  . ARG A 1 36 ? -5.749  -7.473  3.543   1.00 14.97 ? 35   ARG A CZ  1 
ATOM   288 N  NH1 . ARG A 1 36 ? -5.619  -7.434  4.852   1.00 15.07 ? 35   ARG A NH1 1 
ATOM   289 N  NH2 . ARG A 1 36 ? -5.724  -8.631  2.910   1.00 14.82 ? 35   ARG A NH2 1 
ATOM   290 N  N   . THR A 1 37 ? -9.448  -1.994  4.073   1.00 12.00 ? 37   THR A N   1 
ATOM   291 C  CA  . THR A 1 37 ? -9.571  -0.724  4.746   1.00 11.97 ? 37   THR A CA  1 
ATOM   292 C  C   . THR A 1 37 ? -9.072  -0.757  6.186   1.00 11.85 ? 37   THR A C   1 
ATOM   293 O  O   . THR A 1 37 ? -9.007  -1.768  6.802   1.00 11.69 ? 37   THR A O   1 
ATOM   294 C  CB  . THR A 1 37 ? -11.027 -0.270  4.776   1.00 11.98 ? 37   THR A CB  1 
ATOM   295 O  OG1 . THR A 1 37 ? -11.768 -1.203  5.548   1.00 12.09 ? 37   THR A OG1 1 
ATOM   296 C  CG2 . THR A 1 37 ? -11.584 -0.190  3.383   1.00 12.03 ? 37   THR A CG2 1 
ATOM   297 N  N   . PRO A 1 38 ? -8.677  0.502   6.670   1.00 11.76 ? 38   PRO A N   1 
ATOM   298 C  CA  . PRO A 1 38 ? -8.241  0.487   8.078   1.00 11.98 ? 38   PRO A CA  1 
ATOM   299 C  C   . PRO A 1 38 ? -9.373  0.066   9.010   1.00 12.59 ? 38   PRO A C   1 
ATOM   300 O  O   . PRO A 1 38 ? -9.147  -0.516  10.054  1.00 11.90 ? 38   PRO A O   1 
ATOM   301 C  CB  . PRO A 1 38 ? -7.860  1.949   8.369   1.00 11.80 ? 38   PRO A CB  1 
ATOM   302 C  CG  . PRO A 1 38 ? -8.521  2.775   7.328   1.00 11.81 ? 38   PRO A CG  1 
ATOM   303 C  CD  . PRO A 1 38 ? -8.442  1.932   6.119   1.00 11.75 ? 38   PRO A CD  1 
ATOM   304 N  N   . GLU A 1 39 ? -10.586 0.404   8.605   1.00 13.44 ? 39   GLU A N   1 
ATOM   305 C  CA  A GLU A 1 39 ? -11.780 -0.188  9.522   0.50 13.80 ? 39   GLU A CA  1 
ATOM   306 C  CA  B GLU A 1 39 ? -11.974 -0.187  9.355   0.50 13.96 ? 39   GLU A CA  1 
ATOM   307 C  C   . GLU A 1 39 ? -11.794 -1.755  9.721   1.00 13.91 ? 39   GLU A C   1 
ATOM   308 O  O   . GLU A 1 39 ? -11.984 -2.361  10.747  1.00 14.06 ? 39   GLU A O   1 
ATOM   309 C  CB  A GLU A 1 39 ? -13.134 0.278   8.979   0.50 14.04 ? 39   GLU A CB  1 
ATOM   310 C  CB  B GLU A 1 39 ? -13.238 0.417   8.726   0.50 14.46 ? 39   GLU A CB  1 
ATOM   311 C  CG  A GLU A 1 39 ? -13.242 1.766   8.731   0.50 14.29 ? 39   GLU A CG  1 
ATOM   312 C  CG  B GLU A 1 39 ? -14.436 0.396   9.660   0.50 15.04 ? 39   GLU A CG  1 
ATOM   313 C  CD  A GLU A 1 39 ? -12.949 2.123   7.290   0.50 14.38 ? 39   GLU A CD  1 
ATOM   314 C  CD  B GLU A 1 39 ? -15.775 0.356   8.934   0.50 15.28 ? 39   GLU A CD  1 
ATOM   315 O  OE1 A GLU A 1 39 ? -13.883 2.061   6.464   0.50 15.18 ? 39   GLU A OE1 1 
ATOM   316 O  OE1 B GLU A 1 39 ? -15.780 0.557   7.708   0.50 15.67 ? 39   GLU A OE1 1 
ATOM   317 O  OE2 A GLU A 1 39 ? -11.788 2.437   6.979   0.50 13.88 ? 39   GLU A OE2 1 
ATOM   318 O  OE2 B GLU A 1 39 ? -16.825 0.131   9.582   0.50 15.57 ? 39   GLU A OE2 1 
ATOM   319 N  N   . ASN A 1 40 ? -11.565 -2.339  8.543   1.00 13.93 ? 40   ASN A N   1 
ATOM   320 C  CA  . ASN A 1 40 ? -11.594 -3.786  8.399   1.00 13.85 ? 40   ASN A CA  1 
ATOM   321 C  C   . ASN A 1 40 ? -10.324 -4.421  8.936   1.00 13.54 ? 40   ASN A C   1 
ATOM   322 O  O   . ASN A 1 40 ? -10.355 -5.528  9.402   1.00 13.82 ? 40   ASN A O   1 
ATOM   323 C  CB  . ASN A 1 40 ? -11.832 -4.228  6.937   1.00 14.13 ? 40   ASN A CB  1 
ATOM   324 C  CG  . ASN A 1 40 ? -13.233 -3.928  6.439   1.00 14.38 ? 40   ASN A CG  1 
ATOM   325 O  OD1 . ASN A 1 40 ? -14.143 -3.699  7.212   1.00 14.81 ? 40   ASN A OD1 1 
ATOM   326 N  ND2 . ASN A 1 40 ? -13.403 -3.940  5.131   1.00 14.50 ? 40   ASN A ND2 1 
ATOM   327 N  N   . TYR A 1 41 ? -9.215  -3.689  8.870   1.00 13.02 ? 41   TYR A N   1 
ATOM   328 C  CA  . TYR A 1 41 ? -7.887  -4.184  9.229   1.00 12.56 ? 41   TYR A CA  1 
ATOM   329 C  C   . TYR A 1 41 ? -7.144  -3.188  10.135  1.00 12.20 ? 41   TYR A C   1 
ATOM   330 O  O   . TYR A 1 41 ? -6.220  -2.505  9.689   1.00 11.76 ? 41   TYR A O   1 
ATOM   331 C  CB  . TYR A 1 41 ? -7.109  -4.478  7.940   1.00 12.80 ? 41   TYR A CB  1 
ATOM   332 C  CG  . TYR A 1 41 ? -7.763  -5.597  7.160   1.00 13.06 ? 41   TYR A CG  1 
ATOM   333 C  CD1 . TYR A 1 41 ? -7.585  -6.918  7.545   1.00 13.32 ? 41   TYR A CD1 1 
ATOM   334 C  CD2 . TYR A 1 41 ? -8.617  -5.334  6.090   1.00 13.17 ? 41   TYR A CD2 1 
ATOM   335 C  CE1 . TYR A 1 41 ? -8.201  -7.956  6.869   1.00 13.52 ? 41   TYR A CE1 1 
ATOM   336 C  CE2 . TYR A 1 41 ? -9.242  -6.368  5.402   1.00 13.36 ? 41   TYR A CE2 1 
ATOM   337 C  CZ  . TYR A 1 41 ? -9.031  -7.676  5.796   1.00 13.74 ? 41   TYR A CZ  1 
ATOM   338 O  OH  . TYR A 1 41 ? -9.649  -8.713  5.125   1.00 14.33 ? 41   TYR A OH  1 
ATOM   339 N  N   . PRO A 1 42 ? -7.534  -3.119  11.427  1.00 12.02 ? 42   PRO A N   1 
ATOM   340 C  CA  . PRO A 1 42 ? -7.049  -1.999  12.239  1.00 11.96 ? 42   PRO A CA  1 
ATOM   341 C  C   . PRO A 1 42 ? -5.594  -2.028  12.677  1.00 12.00 ? 42   PRO A C   1 
ATOM   342 O  O   . PRO A 1 42 ? -5.103  -1.007  13.143  1.00 11.96 ? 42   PRO A O   1 
ATOM   343 C  CB  . PRO A 1 42 ? -7.942  -2.038  13.492  1.00 11.98 ? 42   PRO A CB  1 
ATOM   344 C  CG  . PRO A 1 42 ? -8.965  -3.095  13.261  1.00 12.06 ? 42   PRO A CG  1 
ATOM   345 C  CD  . PRO A 1 42 ? -8.430  -4.000  12.196  1.00 12.02 ? 42   PRO A CD  1 
ATOM   346 N  N   . ASN A 1 43 ? -4.901  -3.154  12.553  1.00 12.29 ? 43   ASN A N   1 
ATOM   347 C  CA  . ASN A 1 43 ? -3.526  -3.210  13.055  1.00 12.53 ? 43   ASN A CA  1 
ATOM   348 C  C   . ASN A 1 43 ? -2.459  -3.296  11.981  1.00 12.17 ? 43   ASN A C   1 
ATOM   349 O  O   . ASN A 1 43 ? -1.303  -3.572  12.278  1.00 12.05 ? 43   ASN A O   1 
ATOM   350 C  CB  . ASN A 1 43 ? -3.393  -4.341  14.071  1.00 13.20 ? 43   ASN A CB  1 
ATOM   351 C  CG  . ASN A 1 43 ? -4.350  -4.170  15.234  1.00 13.76 ? 43   ASN A CG  1 
ATOM   352 O  OD1 . ASN A 1 43 ? -4.444  -3.090  15.819  1.00 14.88 ? 43   ASN A OD1 1 
ATOM   353 N  ND2 . ASN A 1 43 ? -5.091  -5.211  15.548  1.00 14.53 ? 43   ASN A ND2 1 
ATOM   354 N  N   . ASP A 1 44 ? -2.839  -3.000  10.743  1.00 11.92 ? 44   ASP A N   1 
ATOM   355 C  CA  . ASP A 1 44 ? -1.923  -3.104  9.612   1.00 11.72 ? 44   ASP A CA  1 
ATOM   356 C  C   . ASP A 1 44 ? -1.372  -1.749  9.165   1.00 11.21 ? 44   ASP A C   1 
ATOM   357 O  O   . ASP A 1 44 ? -0.621  -1.671  8.193   1.00 11.16 ? 44   ASP A O   1 
ATOM   358 C  CB  . ASP A 1 44 ? -2.617  -3.828  8.462   1.00 12.13 ? 44   ASP A CB  1 
ATOM   359 C  CG  . ASP A 1 44 ? -2.953  -5.263  8.807   1.00 12.66 ? 44   ASP A CG  1 
ATOM   360 O  OD1 . ASP A 1 44 ? -2.073  -5.973  9.322   1.00 13.05 ? 44   ASP A OD1 1 
ATOM   361 O  OD2 . ASP A 1 44 ? -4.098  -5.686  8.569   1.00 13.36 ? 44   ASP A OD2 1 
ATOM   362 N  N   . GLY A 1 45 ? -1.725  -0.689  9.891   1.00 10.55 ? 45   GLY A N   1 
ATOM   363 C  CA  . GLY A 1 45 ? -1.163  0.638   9.648   1.00 10.02 ? 45   GLY A CA  1 
ATOM   364 C  C   . GLY A 1 45 ? -1.614  1.278   8.346   1.00 9.42  ? 45   GLY A C   1 
ATOM   365 O  O   . GLY A 1 45 ? -0.832  1.992   7.710   1.00 9.22  ? 45   GLY A O   1 
ATOM   366 N  N   . LEU A 1 46 ? -2.873  1.057   7.967   1.00 8.92  ? 46   LEU A N   1 
ATOM   367 C  CA  . LEU A 1 46 ? -3.388  1.490   6.666   1.00 8.68  ? 46   LEU A CA  1 
ATOM   368 C  C   . LEU A 1 46 ? -3.783  2.966   6.697   1.00 8.53  ? 46   LEU A C   1 
ATOM   369 O  O   . LEU A 1 46 ? -4.941  3.341   6.442   1.00 8.32  ? 46   LEU A O   1 
ATOM   370 C  CB  . LEU A 1 46 ? -4.555  0.598   6.232   1.00 8.74  ? 46   LEU A CB  1 
ATOM   371 C  CG  . LEU A 1 46 ? -4.274  -0.908  6.206   1.00 8.80  ? 46   LEU A CG  1 
ATOM   372 C  CD1 . LEU A 1 46 ? -5.497  -1.647  5.686   1.00 8.74  ? 46   LEU A CD1 1 
ATOM   373 C  CD2 . LEU A 1 46 ? -3.053  -1.223  5.344   1.00 8.87  ? 46   LEU A CD2 1 
ATOM   374 N  N   . THR A 1 47 ? -2.770  3.780   6.988   1.00 8.29  ? 47   THR A N   1 
ATOM   375 C  CA  . THR A 1 47 ? -2.870  5.217   7.153   1.00 8.16  ? 47   THR A CA  1 
ATOM   376 C  C   . THR A 1 47 ? -2.774  5.918   5.803   1.00 8.04  ? 47   THR A C   1 
ATOM   377 O  O   . THR A 1 47 ? -1.915  5.579   4.988   1.00 7.63  ? 47   THR A O   1 
ATOM   378 C  CB  . THR A 1 47 ? -1.700  5.713   8.017   1.00 8.26  ? 47   THR A CB  1 
ATOM   379 O  OG1 . THR A 1 47 ? -1.757  5.084   9.304   1.00 8.43  ? 47   THR A OG1 1 
ATOM   380 C  CG2 . THR A 1 47 ? -1.716  7.228   8.179   1.00 8.32  ? 47   THR A CG2 1 
ATOM   381 N  N   . MET A 1 48 ? -3.631  6.916   5.601   1.00 8.06  ? 48   MET A N   1 
ATOM   382 C  CA  . MET A 1 48 ? -3.647  7.720   4.370   1.00 8.26  ? 48   MET A CA  1 
ATOM   383 C  C   . MET A 1 48 ? -3.494  6.813   3.139   1.00 7.89  ? 48   MET A C   1 
ATOM   384 O  O   . MET A 1 48 ? -4.277  5.873   2.984   1.00 7.64  ? 48   MET A O   1 
ATOM   385 C  CB  . MET A 1 48 ? -2.583  8.822   4.444   1.00 8.83  ? 48   MET A CB  1 
ATOM   386 C  CG  . MET A 1 48 ? -2.888  9.872   5.502   1.00 9.36  ? 48   MET A CG  1 
ATOM   387 S  SD  . MET A 1 48 ? -1.689  11.220  5.540   1.00 10.44 ? 48   MET A SD  1 
ATOM   388 C  CE  . MET A 1 48 ? -2.626  12.477  6.393   1.00 10.65 ? 48   MET A CE  1 
ATOM   389 N  N   . ASN A 1 49 ? -2.497  7.076   2.289   1.00 7.64  ? 49   ASN A N   1 
ATOM   390 C  CA  . ASN A 1 49 ? -2.214  6.245   1.114   1.00 7.47  ? 49   ASN A CA  1 
ATOM   391 C  C   . ASN A 1 49 ? -0.791  5.680   1.157   1.00 7.42  ? 49   ASN A C   1 
ATOM   392 O  O   . ASN A 1 49 ? -0.136  5.529   0.124   1.00 7.42  ? 49   ASN A O   1 
ATOM   393 C  CB  . ASN A 1 49 ? -2.424  7.050   -0.178  1.00 7.51  ? 49   ASN A CB  1 
ATOM   394 C  CG  . ASN A 1 49 ? -1.503  8.253   -0.276  1.00 7.53  ? 49   ASN A CG  1 
ATOM   395 O  OD1 . ASN A 1 49 ? -1.019  8.755   0.738   1.00 7.62  ? 49   ASN A OD1 1 
ATOM   396 N  ND2 . ASN A 1 49 ? -1.262  8.726   -1.499  1.00 7.54  ? 49   ASN A ND2 1 
ATOM   397 N  N   . TYR A 1 50 ? -0.320  5.363   2.358   1.00 7.35  ? 50   TYR A N   1 
ATOM   398 C  CA  . TYR A 1 50 ? 1.046   4.903   2.538   1.00 7.42  ? 50   TYR A CA  1 
ATOM   399 C  C   . TYR A 1 50 ? 1.212   3.441   2.130   1.00 7.24  ? 50   TYR A C   1 
ATOM   400 O  O   . TYR A 1 50 ? 0.335   2.611   2.376   1.00 7.08  ? 50   TYR A O   1 
ATOM   401 C  CB  . TYR A 1 50 ? 1.477   5.100   3.996   1.00 7.61  ? 50   TYR A CB  1 
ATOM   402 C  CG  . TYR A 1 50 ? 1.536   6.555   4.454   1.00 7.81  ? 50   TYR A CG  1 
ATOM   403 C  CD1 . TYR A 1 50 ? 1.749   7.594   3.548   1.00 7.96  ? 50   TYR A CD1 1 
ATOM   404 C  CD2 . TYR A 1 50 ? 1.411   6.883   5.807   1.00 8.00  ? 50   TYR A CD2 1 
ATOM   405 C  CE1 . TYR A 1 50 ? 1.826   8.913   3.970   1.00 8.14  ? 50   TYR A CE1 1 
ATOM   406 C  CE2 . TYR A 1 50 ? 1.491   8.203   6.238   1.00 8.17  ? 50   TYR A CE2 1 
ATOM   407 C  CZ  . TYR A 1 50 ? 1.690   9.213   5.315   1.00 8.24  ? 50   TYR A CZ  1 
ATOM   408 O  OH  . TYR A 1 50 ? 1.774   10.537  5.716   1.00 8.80  ? 50   TYR A OH  1 
ATOM   409 N  N   . CYS A 1 51 ? 2.348   3.139   1.506   1.00 7.16  ? 51   CYS A N   1 
ATOM   410 C  CA  . CYS A 1 51 ? 2.662   1.778   1.073   1.00 7.17  ? 51   CYS A CA  1 
ATOM   411 C  C   . CYS A 1 51 ? 2.693   0.824   2.249   1.00 7.03  ? 51   CYS A C   1 
ATOM   412 O  O   . CYS A 1 51 ? 3.358   1.087   3.243   1.00 6.91  ? 51   CYS A O   1 
ATOM   413 C  CB  . CYS A 1 51 ? 4.027   1.741   0.393   1.00 7.29  ? 51   CYS A CB  1 
ATOM   414 S  SG  . CYS A 1 51 ? 4.101   2.728   -1.109  1.00 7.56  ? 51   CYS A SG  1 
ATOM   415 N  N   . ARG A 1 52 ? 1.984   -0.290  2.121   1.00 7.05  ? 52   ARG A N   1 
ATOM   416 C  CA  . ARG A 1 52 ? 1.876   -1.256  3.203   1.00 7.03  ? 52   ARG A CA  1 
ATOM   417 C  C   . ARG A 1 52 ? 1.811   -2.675  2.653   1.00 7.13  ? 52   ARG A C   1 
ATOM   418 O  O   . ARG A 1 52 ? 1.503   -2.888  1.478   1.00 7.06  ? 52   ARG A O   1 
ATOM   419 C  CB  . ARG A 1 52 ? 0.640   -0.965  4.057   1.00 6.97  ? 52   ARG A CB  1 
ATOM   420 C  CG  . ARG A 1 52 ? 0.685   0.344   4.848   1.00 6.90  ? 52   ARG A CG  1 
ATOM   421 C  CD  . ARG A 1 52 ? 1.674   0.302   6.009   1.00 6.98  ? 52   ARG A CD  1 
ATOM   422 N  NE  . ARG A 1 52 ? 1.694   1.563   6.760   1.00 7.03  ? 52   ARG A NE  1 
ATOM   423 C  CZ  . ARG A 1 52 ? 2.520   2.588   6.533   1.00 7.04  ? 52   ARG A CZ  1 
ATOM   424 N  NH1 . ARG A 1 52 ? 3.434   2.534   5.572   1.00 7.12  ? 52   ARG A NH1 1 
ATOM   425 N  NH2 . ARG A 1 52 ? 2.434   3.681   7.287   1.00 7.15  ? 52   ARG A NH2 1 
ATOM   426 N  N   . ASN A 1 53 ? 2.120   -3.647  3.507   1.00 7.40  ? 53   ASN A N   1 
ATOM   427 C  CA  . ASN A 1 53 ? 1.947   -5.049  3.147   1.00 7.59  ? 53   ASN A CA  1 
ATOM   428 C  C   . ASN A 1 53 ? 1.083   -5.766  4.183   1.00 7.92  ? 53   ASN A C   1 
ATOM   429 O  O   . ASN A 1 53 ? 1.613   -6.453  5.054   1.00 7.96  ? 53   ASN A O   1 
ATOM   430 C  CB  . ASN A 1 53 ? 3.305   -5.744  2.986   1.00 7.52  ? 53   ASN A CB  1 
ATOM   431 C  CG  . ASN A 1 53 ? 3.171   -7.212  2.596   1.00 7.54  ? 53   ASN A CG  1 
ATOM   432 O  OD1 . ASN A 1 53 ? 2.105   -7.673  2.191   1.00 7.33  ? 53   ASN A OD1 1 
ATOM   433 N  ND2 . ASN A 1 53 ? 4.266   -7.949  2.711   1.00 7.63  ? 53   ASN A ND2 1 
ATOM   434 N  N   . PRO A 1 54 ? -0.252  -5.594  4.099   1.00 8.26  ? 54   PRO A N   1 
ATOM   435 C  CA  . PRO A 1 54 ? -1.097  -6.217  5.112   1.00 8.59  ? 54   PRO A CA  1 
ATOM   436 C  C   . PRO A 1 54 ? -1.432  -7.688  4.857   1.00 8.87  ? 54   PRO A C   1 
ATOM   437 O  O   . PRO A 1 54 ? -2.052  -8.317  5.714   1.00 9.40  ? 54   PRO A O   1 
ATOM   438 C  CB  . PRO A 1 54 ? -2.379  -5.388  5.033   1.00 8.46  ? 54   PRO A CB  1 
ATOM   439 C  CG  . PRO A 1 54 ? -2.463  -4.990  3.608   1.00 8.39  ? 54   PRO A CG  1 
ATOM   440 C  CD  . PRO A 1 54 ? -1.041  -4.716  3.206   1.00 8.31  ? 54   PRO A CD  1 
ATOM   441 N  N   . ASP A 1 55 ? -1.041  -8.236  3.706   1.00 9.02  ? 55   ASP A N   1 
ATOM   442 C  CA  . ASP A 1 55 ? -1.484  -9.567  3.309   1.00 9.06  ? 55   ASP A CA  1 
ATOM   443 C  C   . ASP A 1 55 ? -0.332  -10.520 3.014   1.00 9.12  ? 55   ASP A C   1 
ATOM   444 O  O   . ASP A 1 55 ? -0.494  -11.493 2.268   1.00 9.18  ? 55   ASP A O   1 
ATOM   445 C  CB  . ASP A 1 55 ? -2.445  -9.476  2.116   1.00 9.21  ? 55   ASP A CB  1 
ATOM   446 C  CG  . ASP A 1 55 ? -1.786  -8.948  0.858   1.00 9.28  ? 55   ASP A CG  1 
ATOM   447 O  OD1 . ASP A 1 55 ? -0.678  -8.373  0.942   1.00 9.29  ? 55   ASP A OD1 1 
ATOM   448 O  OD2 . ASP A 1 55 ? -2.387  -9.114  -0.224  1.00 9.56  ? 55   ASP A OD2 1 
ATOM   449 N  N   . ALA A 1 56 ? 0.822   -10.256 3.616   1.00 9.29  ? 56   ALA A N   1 
ATOM   450 C  CA  . ALA A 1 56 ? 1.975   -11.135 3.485   1.00 9.32  ? 56   ALA A CA  1 
ATOM   451 C  C   . ALA A 1 56 ? 2.345   -11.362 2.014   1.00 9.51  ? 56   ALA A C   1 
ATOM   452 O  O   . ALA A 1 56 ? 2.653   -12.485 1.588   1.00 9.37  ? 56   ALA A O   1 
ATOM   453 C  CB  . ALA A 1 56 ? 1.717   -12.453 4.203   1.00 9.34  ? 56   ALA A CB  1 
ATOM   454 N  N   . ASP A 1 57 ? 2.319   -10.280 1.247   1.00 9.49  ? 57   ASP A N   1 
ATOM   455 C  CA  . ASP A 1 57 ? 2.919   -10.291 -0.062  1.00 9.67  ? 57   ASP A CA  1 
ATOM   456 C  C   . ASP A 1 57 ? 4.420   -10.172 0.175   1.00 9.93  ? 57   ASP A C   1 
ATOM   457 O  O   . ASP A 1 57 ? 4.881   -10.402 1.282   1.00 9.95  ? 57   ASP A O   1 
ATOM   458 C  CB  . ASP A 1 57 ? 2.354   -9.161  -0.947  1.00 9.64  ? 57   ASP A CB  1 
ATOM   459 C  CG  . ASP A 1 57 ? 2.417   -9.482  -2.430  1.00 9.70  ? 57   ASP A CG  1 
ATOM   460 O  OD1 . ASP A 1 57 ? 3.495   -9.835  -2.892  1.00 9.88  ? 57   ASP A OD1 1 
ATOM   461 O  OD2 . ASP A 1 57 ? 1.408   -9.356  -3.118  1.00 9.66  ? 57   ASP A OD2 1 
ATOM   462 N  N   . THR A 1 58 ? 5.175   -9.827  -0.855  1.00 10.25 ? 58   THR A N   1 
ATOM   463 C  CA  . THR A 1 58 ? 6.611   -9.856  -0.719  1.00 10.57 ? 58   THR A CA  1 
ATOM   464 C  C   . THR A 1 58 ? 7.264   -8.495  -0.701  1.00 10.78 ? 58   THR A C   1 
ATOM   465 O  O   . THR A 1 58 ? 8.460   -8.379  -0.644  1.00 11.32 ? 58   THR A O   1 
ATOM   466 C  CB  . THR A 1 58 ? 7.237   -10.793 -1.747  1.00 10.79 ? 58   THR A CB  1 
ATOM   467 O  OG1 . THR A 1 58 ? 6.795   -10.419 -3.040  1.00 11.11 ? 58   THR A OG1 1 
ATOM   468 C  CG2 . THR A 1 58 ? 6.805   -12.216 -1.456  1.00 10.92 ? 58   THR A CG2 1 
ATOM   469 N  N   . GLY A 1 59 ? 6.428   -7.470  -0.716  1.00 6.96  ? 60   GLY A N   1 
ATOM   470 C  CA  . GLY A 1 59 ? 6.866   -6.117  -0.488  1.00 6.81  ? 60   GLY A CA  1 
ATOM   471 C  C   . GLY A 1 59 ? 5.670   -5.220  -0.237  1.00 6.71  ? 60   GLY A C   1 
ATOM   472 O  O   . GLY A 1 59 ? 4.566   -5.558  -0.519  1.00 6.67  ? 60   GLY A O   1 
ATOM   473 N  N   . PRO A 1 60 ? 6.013   -3.991  0.338   1.00 6.60  ? 61   PRO A N   1 
ATOM   474 C  CA  . PRO A 1 60 ? 4.881   -3.066  0.483   1.00 6.54  ? 61   PRO A CA  1 
ATOM   475 C  C   . PRO A 1 60 ? 4.268   -2.690  -0.871  1.00 6.56  ? 61   PRO A C   1 
ATOM   476 O  O   . PRO A 1 60 ? 4.987   -2.591  -1.828  1.00 6.71  ? 61   PRO A O   1 
ATOM   477 C  CB  . PRO A 1 60 ? 5.504   -1.830  1.134   1.00 6.52  ? 61   PRO A CB  1 
ATOM   478 C  CG  . PRO A 1 60 ? 6.680   -2.324  1.891   1.00 6.52  ? 61   PRO A CG  1 
ATOM   479 C  CD  . PRO A 1 60 ? 7.262   -3.310  0.962   1.00 6.58  ? 61   PRO A CD  1 
ATOM   480 N  N   . TRP A 1 61 ? 2.952   -2.516  -0.912  1.00 6.49  ? 62   TRP A N   1 
ATOM   481 C  CA  . TRP A 1 61 ? 2.221   -2.256  -2.145  1.00 6.43  ? 62   TRP A CA  1 
ATOM   482 C  C   . TRP A 1 61 ? 1.077   -1.297  -1.822  1.00 6.37  ? 62   TRP A C   1 
ATOM   483 O  O   . TRP A 1 61 ? 0.908   -0.899  -0.700  1.00 6.28  ? 62   TRP A O   1 
ATOM   484 C  CB  . TRP A 1 61 ? 1.657   -3.564  -2.735  1.00 6.52  ? 62   TRP A CB  1 
ATOM   485 C  CG  . TRP A 1 61 ? 0.774   -4.345  -1.778  1.00 6.54  ? 62   TRP A CG  1 
ATOM   486 C  CD1 . TRP A 1 61 ? 1.170   -5.274  -0.870  1.00 6.56  ? 62   TRP A CD1 1 
ATOM   487 C  CD2 . TRP A 1 61 ? -0.648  -4.247  -1.645  1.00 6.56  ? 62   TRP A CD2 1 
ATOM   488 N  NE1 . TRP A 1 61 ? 0.083   -5.767  -0.186  1.00 6.68  ? 62   TRP A NE1 1 
ATOM   489 C  CE2 . TRP A 1 61 ? -1.041  -5.140  -0.640  1.00 6.65  ? 62   TRP A CE2 1 
ATOM   490 C  CE3 . TRP A 1 61 ? -1.619  -3.489  -2.278  1.00 6.61  ? 62   TRP A CE3 1 
ATOM   491 C  CZ2 . TRP A 1 61 ? -2.376  -5.293  -0.262  1.00 6.67  ? 62   TRP A CZ2 1 
ATOM   492 C  CZ3 . TRP A 1 61 ? -2.918  -3.630  -1.904  1.00 6.62  ? 62   TRP A CZ3 1 
ATOM   493 C  CH2 . TRP A 1 61 ? -3.295  -4.523  -0.909  1.00 6.67  ? 62   TRP A CH2 1 
ATOM   494 N  N   . CYS A 1 62 ? 0.319   -0.929  -2.840  1.00 6.34  ? 63   CYS A N   1 
ATOM   495 C  CA  . CYS A 1 62 ? -0.889  -0.147  -2.638  1.00 6.40  ? 63   CYS A CA  1 
ATOM   496 C  C   . CYS A 1 62 ? -1.788  -0.265  -3.851  1.00 6.52  ? 63   CYS A C   1 
ATOM   497 O  O   . CYS A 1 62 ? -1.332  -0.649  -4.933  1.00 6.51  ? 63   CYS A O   1 
ATOM   498 C  CB  . CYS A 1 62 ? -0.541  1.324   -2.432  1.00 6.43  ? 63   CYS A CB  1 
ATOM   499 S  SG  . CYS A 1 62 ? 0.377   2.047   -3.813  1.00 6.45  ? 63   CYS A SG  1 
ATOM   500 N  N   . PHE A 1 63 ? -3.068  0.051   -3.665  1.00 6.59  ? 64   PHE A N   1 
ATOM   501 C  CA  . PHE A 1 63 ? -3.949  0.297   -4.801  1.00 6.76  ? 64   PHE A CA  1 
ATOM   502 C  C   . PHE A 1 63 ? -3.500  1.594   -5.443  1.00 6.86  ? 64   PHE A C   1 
ATOM   503 O  O   . PHE A 1 63 ? -3.016  2.483   -4.744  1.00 6.91  ? 64   PHE A O   1 
ATOM   504 C  CB  . PHE A 1 63 ? -5.393  0.405   -4.349  1.00 6.80  ? 64   PHE A CB  1 
ATOM   505 C  CG  . PHE A 1 63 ? -5.888  -0.824  -3.675  1.00 6.81  ? 64   PHE A CG  1 
ATOM   506 C  CD1 . PHE A 1 63 ? -6.265  -1.928  -4.423  1.00 6.84  ? 64   PHE A CD1 1 
ATOM   507 C  CD2 . PHE A 1 63 ? -5.957  -0.895  -2.293  1.00 6.82  ? 64   PHE A CD2 1 
ATOM   508 C  CE1 . PHE A 1 63 ? -6.709  -3.080  -3.802  1.00 6.85  ? 64   PHE A CE1 1 
ATOM   509 C  CE2 . PHE A 1 63 ? -6.412  -2.041  -1.670  1.00 6.86  ? 64   PHE A CE2 1 
ATOM   510 C  CZ  . PHE A 1 63 ? -6.781  -3.133  -2.424  1.00 6.87  ? 64   PHE A CZ  1 
ATOM   511 N  N   . THR A 1 64 ? -3.635  1.711   -6.761  1.00 7.13  ? 65   THR A N   1 
ATOM   512 C  CA  . THR A 1 64 ? -3.099  2.888   -7.453  1.00 7.37  ? 65   THR A CA  1 
ATOM   513 C  C   . THR A 1 64 ? -4.204  3.819   -7.913  1.00 7.78  ? 65   THR A C   1 
ATOM   514 O  O   . THR A 1 64 ? -5.353  3.415   -8.094  1.00 7.83  ? 65   THR A O   1 
ATOM   515 C  CB  . THR A 1 64 ? -2.211  2.544   -8.677  1.00 7.28  ? 65   THR A CB  1 
ATOM   516 O  OG1 . THR A 1 64 ? -2.997  2.544   -9.875  1.00 7.08  ? 65   THR A OG1 1 
ATOM   517 C  CG2 . THR A 1 64 ? -1.501  1.202   -8.505  1.00 7.22  ? 65   THR A CG2 1 
ATOM   518 N  N   . MET A 1 65 ? -3.826  5.076   -8.125  1.00 8.25  ? 66   MET A N   1 
ATOM   519 C  CA  . MET A 1 65 ? -4.774  6.089   -8.577  1.00 8.61  ? 66   MET A CA  1 
ATOM   520 C  C   . MET A 1 65 ? -5.030  6.020   -10.077 1.00 8.86  ? 66   MET A C   1 
ATOM   521 O  O   . MET A 1 65 ? -5.869  6.760   -10.599 1.00 8.97  ? 66   MET A O   1 
ATOM   522 C  CB  . MET A 1 65 ? -4.279  7.471   -8.166  1.00 8.76  ? 66   MET A CB  1 
ATOM   523 C  CG  . MET A 1 65 ? -4.364  7.702   -6.667  1.00 8.85  ? 66   MET A CG  1 
ATOM   524 S  SD  . MET A 1 65 ? -6.061  7.686   -6.038  1.00 9.12  ? 66   MET A SD  1 
ATOM   525 C  CE  . MET A 1 65 ? -6.672  9.240   -6.696  1.00 9.13  ? 66   MET A CE  1 
ATOM   526 N  N   . ASP A 1 66 ? -4.320  5.130   -10.771 1.00 9.11  ? 67   ASP A N   1 
ATOM   527 C  CA  . ASP A 1 66 ? -4.606  4.846   -12.168 1.00 9.48  ? 67   ASP A CA  1 
ATOM   528 C  C   . ASP A 1 66 ? -5.775  3.858   -12.190 1.00 9.66  ? 67   ASP A C   1 
ATOM   529 O  O   . ASP A 1 66 ? -5.637  2.728   -11.717 1.00 9.63  ? 67   ASP A O   1 
ATOM   530 C  CB  . ASP A 1 66 ? -3.370  4.259   -12.852 1.00 9.59  ? 67   ASP A CB  1 
ATOM   531 C  CG  . ASP A 1 66 ? -3.552  4.065   -14.344 1.00 9.66  ? 67   ASP A CG  1 
ATOM   532 O  OD1 . ASP A 1 66 ? -4.665  3.734   -14.793 1.00 10.02 ? 67   ASP A OD1 1 
ATOM   533 O  OD2 . ASP A 1 66 ? -2.559  4.217   -15.073 1.00 9.70  ? 67   ASP A OD2 1 
ATOM   534 N  N   . PRO A 1 67 ? -6.936  4.279   -12.723 1.00 10.08 ? 68   PRO A N   1 
ATOM   535 C  CA  . PRO A 1 67 ? -8.112  3.397   -12.710 1.00 10.18 ? 68   PRO A CA  1 
ATOM   536 C  C   . PRO A 1 67 ? -7.933  2.067   -13.449 1.00 10.29 ? 68   PRO A C   1 
ATOM   537 O  O   . PRO A 1 67 ? -8.689  1.124   -13.208 1.00 10.66 ? 68   PRO A O   1 
ATOM   538 C  CB  . PRO A 1 67 ? -9.201  4.227   -13.404 1.00 10.28 ? 68   PRO A CB  1 
ATOM   539 C  CG  . PRO A 1 67 ? -8.686  5.615   -13.481 1.00 10.31 ? 68   PRO A CG  1 
ATOM   540 C  CD  . PRO A 1 67 ? -7.198  5.553   -13.422 1.00 10.09 ? 68   PRO A CD  1 
ATOM   541 N  N   . SER A 1 68 ? -6.966  2.003   -14.361 1.00 10.32 ? 69   SER A N   1 
ATOM   542 C  CA  . SER A 1 68 ? -6.689  0.782   -15.116 1.00 10.33 ? 69   SER A CA  1 
ATOM   543 C  C   . SER A 1 68 ? -5.725  -0.185  -14.416 1.00 10.14 ? 69   SER A C   1 
ATOM   544 O  O   . SER A 1 68 ? -5.548  -1.308  -14.883 1.00 10.51 ? 69   SER A O   1 
ATOM   545 C  CB  . SER A 1 68 ? -6.131  1.135   -16.500 1.00 10.45 ? 69   SER A CB  1 
ATOM   546 O  OG  . SER A 1 68 ? -4.794  1.605   -16.424 1.00 10.59 ? 69   SER A OG  1 
ATOM   547 N  N   . ILE A 1 69 ? -5.104  0.247   -13.318 1.00 9.70  ? 70   ILE A N   1 
ATOM   548 C  CA  . ILE A 1 69 ? -4.115  -0.564  -12.602 1.00 9.24  ? 70   ILE A CA  1 
ATOM   549 C  C   . ILE A 1 69 ? -4.539  -0.682  -11.139 1.00 8.97  ? 70   ILE A C   1 
ATOM   550 O  O   . ILE A 1 69 ? -4.379  0.261   -10.357 1.00 8.64  ? 70   ILE A O   1 
ATOM   551 C  CB  . ILE A 1 69 ? -2.698  0.066   -12.663 1.00 9.33  ? 70   ILE A CB  1 
ATOM   552 C  CG1 . ILE A 1 69 ? -2.279  0.403   -14.106 1.00 9.36  ? 70   ILE A CG1 1 
ATOM   553 C  CG2 . ILE A 1 69 ? -1.674  -0.837  -11.977 1.00 9.31  ? 70   ILE A CG2 1 
ATOM   554 C  CD1 . ILE A 1 69 ? -2.108  -0.786  -15.027 1.00 9.28  ? 70   ILE A CD1 1 
ATOM   555 N  N   . ARG A 1 70 ? -5.081  -1.836  -10.764 1.00 8.51  ? 71   ARG A N   1 
ATOM   556 C  CA  . ARG A 1 70 ? -5.663  -1.984  -9.430  1.00 8.41  ? 71   ARG A CA  1 
ATOM   557 C  C   . ARG A 1 70 ? -4.632  -1.803  -8.311  1.00 7.85  ? 71   ARG A C   1 
ATOM   558 O  O   . ARG A 1 70 ? -4.867  -1.053  -7.365  1.00 7.55  ? 71   ARG A O   1 
ATOM   559 C  CB  . ARG A 1 70 ? -6.360  -3.333  -9.290  1.00 8.63  ? 71   ARG A CB  1 
ATOM   560 C  CG  . ARG A 1 70 ? -7.046  -3.521  -7.950  1.00 8.91  ? 71   ARG A CG  1 
ATOM   561 C  CD  . ARG A 1 70 ? -7.874  -4.794  -7.931  1.00 9.18  ? 71   ARG A CD  1 
ATOM   562 N  NE  . ARG A 1 70 ? -8.540  -4.973  -6.646  1.00 9.48  ? 71   ARG A NE  1 
ATOM   563 C  CZ  . ARG A 1 70 ? -9.659  -4.356  -6.265  1.00 9.56  ? 71   ARG A CZ  1 
ATOM   564 N  NH1 . ARG A 1 70 ? -10.273 -3.494  -7.060  1.00 9.71  ? 71   ARG A NH1 1 
ATOM   565 N  NH2 . ARG A 1 70 ? -10.170 -4.608  -5.071  1.00 9.74  ? 71   ARG A NH2 1 
ATOM   566 N  N   . TRP A 1 71 ? -3.505  -2.493  -8.410  1.00 7.40  ? 72   TRP A N   1 
ATOM   567 C  CA  . TRP A 1 71 ? -2.472  -2.386  -7.378  1.00 7.22  ? 72   TRP A CA  1 
ATOM   568 C  C   . TRP A 1 71 ? -1.088  -2.648  -7.950  1.00 7.06  ? 72   TRP A C   1 
ATOM   569 O  O   . TRP A 1 71 ? -0.951  -3.278  -9.000  1.00 6.99  ? 72   TRP A O   1 
ATOM   570 C  CB  . TRP A 1 71 ? -2.760  -3.350  -6.216  1.00 7.21  ? 72   TRP A CB  1 
ATOM   571 C  CG  . TRP A 1 71 ? -2.537  -4.786  -6.579  1.00 7.23  ? 72   TRP A CG  1 
ATOM   572 C  CD1 . TRP A 1 71 ? -3.429  -5.638  -7.171  1.00 7.34  ? 72   TRP A CD1 1 
ATOM   573 C  CD2 . TRP A 1 71 ? -1.332  -5.535  -6.390  1.00 7.23  ? 72   TRP A CD2 1 
ATOM   574 N  NE1 . TRP A 1 71 ? -2.850  -6.867  -7.365  1.00 7.31  ? 72   TRP A NE1 1 
ATOM   575 C  CE2 . TRP A 1 71 ? -1.566  -6.834  -6.889  1.00 7.31  ? 72   TRP A CE2 1 
ATOM   576 C  CE3 . TRP A 1 71 ? -0.078  -5.234  -5.844  1.00 7.29  ? 72   TRP A CE3 1 
ATOM   577 C  CZ2 . TRP A 1 71 ? -0.591  -7.836  -6.854  1.00 7.39  ? 72   TRP A CZ2 1 
ATOM   578 C  CZ3 . TRP A 1 71 ? 0.888   -6.228  -5.805  1.00 7.38  ? 72   TRP A CZ3 1 
ATOM   579 C  CH2 . TRP A 1 71 ? 0.622   -7.516  -6.309  1.00 7.43  ? 72   TRP A CH2 1 
ATOM   580 N  N   . GLU A 1 72 ? -0.076  -2.148  -7.248  1.00 6.98  ? 73   GLU A N   1 
ATOM   581 C  CA  . GLU A 1 72 ? 1.316   -2.383  -7.591  1.00 6.97  ? 73   GLU A CA  1 
ATOM   582 C  C   . GLU A 1 72 ? 2.192   -2.392  -6.352  1.00 6.96  ? 73   GLU A C   1 
ATOM   583 O  O   . GLU A 1 72 ? 1.837   -1.810  -5.322  1.00 7.03  ? 73   GLU A O   1 
ATOM   584 C  CB  . GLU A 1 72 ? 1.833   -1.258  -8.470  1.00 7.05  ? 73   GLU A CB  1 
ATOM   585 C  CG  . GLU A 1 72 ? 1.259   -1.185  -9.862  1.00 7.14  ? 73   GLU A CG  1 
ATOM   586 C  CD  . GLU A 1 72 ? 1.881   -0.038  -10.616 1.00 7.24  ? 73   GLU A CD  1 
ATOM   587 O  OE1 . GLU A 1 72 ? 1.525   1.122   -10.340 1.00 7.23  ? 73   GLU A OE1 1 
ATOM   588 O  OE2 . GLU A 1 72 ? 2.763   -0.293  -11.449 1.00 7.53  ? 73   GLU A OE2 1 
ATOM   589 N  N   . TYR A 1 73 ? 3.364   -3.008  -6.472  1.00 6.95  ? 74   TYR A N   1 
ATOM   590 C  CA  . TYR A 1 73 ? 4.399   -2.851  -5.467  1.00 7.07  ? 74   TYR A CA  1 
ATOM   591 C  C   . TYR A 1 73 ? 4.907   -1.418  -5.505  1.00 7.22  ? 74   TYR A C   1 
ATOM   592 O  O   . TYR A 1 73 ? 4.910   -0.765  -6.557  1.00 7.12  ? 74   TYR A O   1 
ATOM   593 C  CB  . TYR A 1 73 ? 5.569   -3.803  -5.709  1.00 7.05  ? 74   TYR A CB  1 
ATOM   594 C  CG  . TYR A 1 73 ? 5.197   -5.254  -5.586  1.00 7.12  ? 74   TYR A CG  1 
ATOM   595 C  CD1 . TYR A 1 73 ? 4.962   -5.824  -4.341  1.00 7.18  ? 74   TYR A CD1 1 
ATOM   596 C  CD2 . TYR A 1 73 ? 5.085   -6.060  -6.716  1.00 7.22  ? 74   TYR A CD2 1 
ATOM   597 C  CE1 . TYR A 1 73 ? 4.612   -7.160  -4.221  1.00 7.32  ? 74   TYR A CE1 1 
ATOM   598 C  CE2 . TYR A 1 73 ? 4.739   -7.395  -6.610  1.00 7.27  ? 74   TYR A CE2 1 
ATOM   599 C  CZ  . TYR A 1 73 ? 4.508   -7.945  -5.367  1.00 7.30  ? 74   TYR A CZ  1 
ATOM   600 O  OH  . TYR A 1 73 ? 4.162   -9.277  -5.290  1.00 7.50  ? 74   TYR A OH  1 
ATOM   601 N  N   . CYS A 1 74 ? 5.324   -0.937  -4.342  1.00 7.49  ? 75   CYS A N   1 
ATOM   602 C  CA  . CYS A 1 74 ? 5.893   0.391   -4.229  1.00 7.82  ? 75   CYS A CA  1 
ATOM   603 C  C   . CYS A 1 74 ? 7.362   0.400   -4.575  1.00 8.41  ? 75   CYS A C   1 
ATOM   604 O  O   . CYS A 1 74 ? 8.032   -0.624  -4.477  1.00 8.26  ? 75   CYS A O   1 
ATOM   605 C  CB  . CYS A 1 74 ? 5.681   0.926   -2.831  1.00 7.72  ? 75   CYS A CB  1 
ATOM   606 S  SG  . CYS A 1 74 ? 3.957   1.336   -2.560  1.00 7.58  ? 75   CYS A SG  1 
ATOM   607 N  N   . ALA A 1 75 ? 7.852   1.578   -4.965  1.00 9.26  ? 76   ALA A N   1 
ATOM   608 C  CA  . ALA A 1 75 ? 9.249   1.770   -5.353  1.00 10.12 ? 76   ALA A CA  1 
ATOM   609 C  C   . ALA A 1 75 ? 10.124  1.933   -4.118  1.00 11.22 ? 76   ALA A C   1 
ATOM   610 O  O   . ALA A 1 75 ? 10.734  2.982   -3.898  1.00 11.30 ? 76   ALA A O   1 
ATOM   611 C  CB  . ALA A 1 75 ? 9.388   2.980   -6.276  1.00 10.00 ? 76   ALA A CB  1 
ATOM   612 N  N   . LEU A 1 76 ? 10.158  0.873   -3.317  1.00 12.76 ? 77   LEU A N   1 
ATOM   613 C  CA  . LEU A 1 76 ? 10.960  0.788   -2.110  1.00 14.38 ? 77   LEU A CA  1 
ATOM   614 C  C   . LEU A 1 76 ? 11.905  -0.366  -2.291  1.00 15.74 ? 77   LEU A C   1 
ATOM   615 O  O   . LEU A 1 76 ? 11.613  -1.302  -3.026  1.00 16.08 ? 77   LEU A O   1 
ATOM   616 C  CB  . LEU A 1 76 ? 10.086  0.498   -0.898  1.00 14.48 ? 77   LEU A CB  1 
ATOM   617 C  CG  . LEU A 1 76 ? 9.152   1.618   -0.480  1.00 14.64 ? 77   LEU A CG  1 
ATOM   618 C  CD1 . LEU A 1 76 ? 8.057   1.088   0.435   1.00 14.71 ? 77   LEU A CD1 1 
ATOM   619 C  CD2 . LEU A 1 76 ? 9.954   2.720   0.192   1.00 14.82 ? 77   LEU A CD2 1 
ATOM   620 N  N   . THR A 1 77 ? 13.025  -0.298  -1.582  1.00 18.14 ? 78   THR A N   1 
ATOM   621 C  CA  . THR A 1 77 ? 14.045  -1.325  -1.633  1.00 19.74 ? 78   THR A CA  1 
ATOM   622 C  C   . THR A 1 77 ? 14.045  -2.127  -0.316  1.00 19.67 ? 78   THR A C   1 
ATOM   623 O  O   . THR A 1 77 ? 13.736  -1.576  0.745   1.00 19.34 ? 78   THR A O   1 
ATOM   624 C  CB  . THR A 1 77 ? 15.431  -0.691  -1.914  1.00 20.80 ? 78   THR A CB  1 
ATOM   625 O  OG1 . THR A 1 77 ? 16.388  -1.714  -2.202  1.00 22.21 ? 78   THR A OG1 1 
ATOM   626 C  CG2 . THR A 1 77 ? 15.922  0.137   -0.738  1.00 21.39 ? 78   THR A CG2 1 
ATOM   627 N  N   . ARG A 1 78 ? 14.370  -3.416  -0.395  1.00 20.12 ? 79   ARG A N   1 
ATOM   628 C  CA  . ARG A 1 78 ? 14.531  -4.250  0.806   1.00 20.77 ? 79   ARG A CA  1 
ATOM   629 C  C   . ARG A 1 78 ? 15.790  -3.817  1.566   1.00 20.52 ? 79   ARG A C   1 
ATOM   630 O  O   . ARG A 1 78 ? 16.809  -3.520  0.952   1.00 20.32 ? 79   ARG A O   1 
ATOM   631 C  CB  . ARG A 1 78 ? 14.628  -5.745  0.450   1.00 21.83 ? 79   ARG A CB  1 
ATOM   632 C  CG  . ARG A 1 78 ? 14.434  -6.665  1.656   1.00 22.87 ? 79   ARG A CG  1 
ATOM   633 C  CD  . ARG A 1 78 ? 14.822  -8.130  1.436   1.00 24.26 ? 79   ARG A CD  1 
ATOM   634 N  NE  . ARG A 1 78 ? 14.817  -8.850  2.718   1.00 25.16 ? 79   ARG A NE  1 
ATOM   635 C  CZ  . ARG A 1 78 ? 15.176  -10.123 2.911   1.00 26.35 ? 79   ARG A CZ  1 
ATOM   636 N  NH1 . ARG A 1 78 ? 15.589  -10.886 1.909   1.00 26.96 ? 79   ARG A NH1 1 
ATOM   637 N  NH2 . ARG A 1 78 ? 15.122  -10.638 4.135   1.00 26.60 ? 79   ARG A NH2 1 
ATOM   638 N  N   . CYS A 1 79 ? 15.720  -3.783  2.894   1.00 20.58 ? 80   CYS A N   1 
ATOM   639 C  CA  . CYS A 1 79 ? 16.883  -3.416  3.713   1.00 21.04 ? 80   CYS A CA  1 
ATOM   640 C  C   . CYS A 1 79 ? 17.974  -4.466  3.603   1.00 21.29 ? 80   CYS A C   1 
ATOM   641 O  O   . CYS A 1 79 ? 19.149  -4.135  3.733   1.00 22.23 ? 80   CYS A O   1 
ATOM   642 C  CB  . CYS A 1 79 ? 16.508  -3.284  5.186   1.00 21.15 ? 80   CYS A CB  1 
ATOM   643 S  SG  . CYS A 1 79 ? 15.394  -1.924  5.590   1.00 21.44 ? 80   CYS A SG  1 
ATOM   644 O  OXT . CYS A 1 79 ? 17.701  -5.651  3.414   1.00 20.78 ? 80   CYS A OXT 1 
HETATM 645 CL CL  . CL  B 2 .  ? 10.106  -2.557  7.710   1.00 27.12 ? 1081 CL  A CL  1 
HETATM 646 C  C1  . BV5 C 3 .  ? -10.743 -10.858 -1.790  1.00 16.80 ? 1082 BV5 A C1  1 
HETATM 647 C  C2  . BV5 C 3 .  ? -11.151 -10.019 -2.806  1.00 16.30 ? 1082 BV5 A C2  1 
HETATM 648 C  C3  . BV5 C 3 .  ? -10.769 -8.694  -2.796  1.00 16.09 ? 1082 BV5 A C3  1 
HETATM 649 C  C4  . BV5 C 3 .  ? -9.980  -8.246  -1.759  1.00 15.72 ? 1082 BV5 A C4  1 
HETATM 650 C  C5  . BV5 C 3 .  ? -9.577  -9.075  -0.737  1.00 16.98 ? 1082 BV5 A C5  1 
HETATM 651 C  C6  . BV5 C 3 .  ? -9.955  -10.402 -0.753  1.00 16.83 ? 1082 BV5 A C6  1 
HETATM 652 O  O7  . BV5 C 3 .  ? -8.775  -8.527  0.255   1.00 18.47 ? 1082 BV5 A O7  1 
HETATM 653 C  C8  . BV5 C 3 .  ? -9.297  -8.660  1.582   1.00 19.33 ? 1082 BV5 A C8  1 
HETATM 654 F  F9  . BV5 C 3 .  ? -10.653 -8.520  1.664   1.00 19.75 ? 1082 BV5 A F9  1 
HETATM 655 F  F10 . BV5 C 3 .  ? -8.725  -7.682  2.349   1.00 19.51 ? 1082 BV5 A F10 1 
HETATM 656 F  F11 . BV5 C 3 .  ? -8.943  -9.881  2.076   1.00 19.92 ? 1082 BV5 A F11 1 
HETATM 657 S  S12 . BV5 C 3 .  ? -9.479  -6.553  -1.716  1.00 14.17 ? 1082 BV5 A S12 1 
HETATM 658 O  O13 . BV5 C 3 .  ? -9.594  -6.111  -0.341  1.00 15.44 ? 1082 BV5 A O13 1 
HETATM 659 O  O14 . BV5 C 3 .  ? -10.221 -5.850  -2.747  1.00 14.76 ? 1082 BV5 A O14 1 
HETATM 660 N  N15 . BV5 C 3 .  ? -7.830  -6.709  -2.129  1.00 14.23 ? 1082 BV5 A N15 1 
HETATM 661 C  C16 . BV5 C 3 .  ? -7.391  -6.660  -3.474  1.00 13.40 ? 1082 BV5 A C16 1 
HETATM 662 O  O17 . BV5 C 3 .  ? -8.156  -6.616  -4.421  1.00 13.44 ? 1082 BV5 A O17 1 
HETATM 663 C  C18 . BV5 C 3 .  ? -5.901  -6.652  -3.619  1.00 13.18 ? 1082 BV5 A C18 1 
HETATM 664 C  C19 . BV5 C 3 .  ? -5.422  -8.081  -3.690  1.00 12.62 ? 1082 BV5 A C19 1 
HETATM 665 C  C20 . BV5 C 3 .  ? -3.934  -8.203  -3.982  1.00 12.30 ? 1082 BV5 A C20 1 
HETATM 666 C  C21 . BV5 C 3 .  ? -3.099  -7.192  -3.200  1.00 12.01 ? 1082 BV5 A C21 1 
HETATM 667 C  C22 . BV5 C 3 .  ? -1.613  -7.515  -3.246  1.00 11.88 ? 1082 BV5 A C22 1 
HETATM 668 N  N23 . BV5 C 3 .  ? -1.380  -8.861  -2.717  1.00 11.80 ? 1082 BV5 A N23 1 
HETATM 669 C  C24 . BV5 C 3 .  ? -2.027  -9.798  -3.633  1.00 11.91 ? 1082 BV5 A C24 1 
HETATM 670 C  C25 . BV5 C 3 .  ? -3.534  -9.612  -3.603  1.00 11.99 ? 1082 BV5 A C25 1 
HETATM 671 C  C1  . PEG D 4 .  ? -1.899  -7.453  -11.253 1.00 24.29 ? 1083 PEG A C1  1 
HETATM 672 O  O1  . PEG D 4 .  ? -1.282  -6.185  -10.999 1.00 25.24 ? 1083 PEG A O1  1 
HETATM 673 C  C2  . PEG D 4 .  ? -0.830  -8.517  -11.506 1.00 23.62 ? 1083 PEG A C2  1 
HETATM 674 O  O2  . PEG D 4 .  ? -1.345  -9.839  -11.376 1.00 22.95 ? 1083 PEG A O2  1 
HETATM 675 C  C3  . PEG D 4 .  ? -1.618  -10.142 -10.001 1.00 23.54 ? 1083 PEG A C3  1 
HETATM 676 C  C4  . PEG D 4 .  ? -2.315  -11.477 -9.885  1.00 23.22 ? 1083 PEG A C4  1 
HETATM 677 O  O4  . PEG D 4 .  ? -1.586  -12.400 -9.073  1.00 24.28 ? 1083 PEG A O4  1 
HETATM 678 O  O   . HOH E 5 .  ? 10.076  5.214   3.485   1.00 19.63 ? 2001 HOH A O   1 
HETATM 679 O  O   . HOH E 5 .  ? 13.545  2.341   -0.055  1.00 22.70 ? 2002 HOH A O   1 
HETATM 680 O  O   . HOH E 5 .  ? 8.872   7.495   5.810   1.00 15.15 ? 2003 HOH A O   1 
HETATM 681 O  O   . HOH E 5 .  ? 8.848   1.583   8.872   1.00 16.00 ? 2004 HOH A O   1 
HETATM 682 O  O   . HOH E 5 .  ? 9.726   7.753   2.553   1.00 30.03 ? 2005 HOH A O   1 
HETATM 683 O  O   . HOH E 5 .  ? 11.120  0.160   7.690   1.00 29.45 ? 2006 HOH A O   1 
HETATM 684 O  O   . HOH E 5 .  ? -2.950  -10.807 9.449   1.00 30.71 ? 2007 HOH A O   1 
HETATM 685 O  O   . HOH E 5 .  ? 9.771   -4.288  -3.250  1.00 24.37 ? 2008 HOH A O   1 
HETATM 686 O  O   . HOH E 5 .  ? -0.132  2.885   12.089  1.00 31.65 ? 2009 HOH A O   1 
HETATM 687 O  O   . HOH E 5 .  ? 8.744   -5.428  7.532   1.00 21.91 ? 2010 HOH A O   1 
HETATM 688 O  O   . HOH E 5 .  ? 16.450  -6.624  7.596   1.00 30.98 ? 2011 HOH A O   1 
HETATM 689 O  O   . HOH E 5 .  ? 16.622  -2.500  12.092  1.00 36.71 ? 2012 HOH A O   1 
HETATM 690 O  O   . HOH E 5 .  ? 14.976  -0.292  11.160  1.00 21.43 ? 2013 HOH A O   1 
HETATM 691 O  O   . HOH E 5 .  ? 14.639  -9.544  6.851   1.00 27.49 ? 2014 HOH A O   1 
HETATM 692 O  O   . HOH E 5 .  ? 12.198  -11.522 2.593   1.00 11.65 ? 2015 HOH A O   1 
HETATM 693 O  O   . HOH E 5 .  ? 4.207   -11.657 6.773   1.00 14.09 ? 2016 HOH A O   1 
HETATM 694 O  O   . HOH E 5 .  ? 3.481   -2.639  5.915   1.00 7.43  ? 2017 HOH A O   1 
HETATM 695 O  O   . HOH E 5 .  ? 4.366   -6.644  10.986  1.00 16.51 ? 2018 HOH A O   1 
HETATM 696 O  O   . HOH E 5 .  ? 0.840   -3.602  6.889   1.00 10.21 ? 2019 HOH A O   1 
HETATM 697 O  O   . HOH E 5 .  ? 2.057   -5.512  10.598  1.00 17.93 ? 2020 HOH A O   1 
HETATM 698 O  O   . HOH E 5 .  ? 0.518   -5.843  8.532   1.00 18.28 ? 2021 HOH A O   1 
HETATM 699 O  O   . HOH E 5 .  ? -1.998  -8.511  8.466   1.00 27.11 ? 2022 HOH A O   1 
HETATM 700 O  O   . HOH E 5 .  ? 8.508   0.077   11.250  1.00 27.90 ? 2023 HOH A O   1 
HETATM 701 O  O   . HOH E 5 .  ? -12.580 -6.357  -7.673  1.00 25.20 ? 2024 HOH A O   1 
HETATM 702 O  O   . HOH E 5 .  ? -15.659 -4.180  -10.168 1.00 26.84 ? 2025 HOH A O   1 
HETATM 703 O  O   . HOH E 5 .  ? -15.998 -4.510  -5.783  1.00 31.72 ? 2026 HOH A O   1 
HETATM 704 O  O   . HOH E 5 .  ? 0.769   0.267   12.823  1.00 31.62 ? 2027 HOH A O   1 
HETATM 705 O  O   . HOH E 5 .  ? 0.576   -2.153  14.124  1.00 33.60 ? 2028 HOH A O   1 
HETATM 706 O  O   . HOH E 5 .  ? -11.637 -12.572 2.355   1.00 31.13 ? 2029 HOH A O   1 
HETATM 707 O  O   . HOH E 5 .  ? -12.581 -13.655 -0.195  1.00 29.06 ? 2030 HOH A O   1 
HETATM 708 O  O   . HOH E 5 .  ? -13.337 -7.922  -5.381  1.00 30.89 ? 2031 HOH A O   1 
HETATM 709 O  O   . HOH E 5 .  ? -6.004  -11.782 0.275   1.00 34.31 ? 2032 HOH A O   1 
HETATM 710 O  O   . HOH E 5 .  ? 4.812   -3.544  13.539  1.00 34.96 ? 2033 HOH A O   1 
HETATM 711 O  O   . HOH E 5 .  ? 8.089   9.563   2.146   1.00 25.38 ? 2034 HOH A O   1 
HETATM 712 O  O   . HOH E 5 .  ? -8.932  -12.883 3.205   1.00 34.08 ? 2035 HOH A O   1 
HETATM 713 O  O   . HOH E 5 .  ? 5.857   8.727   -2.221  1.00 8.84  ? 2036 HOH A O   1 
HETATM 714 O  O   . HOH E 5 .  ? 2.232   10.069  -3.391  1.00 13.64 ? 2037 HOH A O   1 
HETATM 715 O  O   . HOH E 5 .  ? 4.484   11.265  -2.626  1.00 13.64 ? 2038 HOH A O   1 
HETATM 716 O  O   . HOH E 5 .  ? 3.299   9.655   -5.966  1.00 8.64  ? 2039 HOH A O   1 
HETATM 717 O  O   . HOH E 5 .  ? 8.660   4.983   -9.491  1.00 11.77 ? 2040 HOH A O   1 
HETATM 718 O  O   . HOH E 5 .  ? 10.899  2.637   -10.222 1.00 25.08 ? 2041 HOH A O   1 
HETATM 719 O  O   . HOH E 5 .  ? -4.974  -12.261 3.192   1.00 30.86 ? 2042 HOH A O   1 
HETATM 720 O  O   . HOH E 5 .  ? 2.121   9.548   -9.776  1.00 11.17 ? 2043 HOH A O   1 
HETATM 721 O  O   . HOH E 5 .  ? 2.405   -0.669  -16.180 1.00 31.23 ? 2044 HOH A O   1 
HETATM 722 O  O   . HOH E 5 .  ? 1.227   0.094   -18.153 1.00 33.40 ? 2045 HOH A O   1 
HETATM 723 O  O   . HOH E 5 .  ? 0.576   2.553   -19.319 1.00 32.45 ? 2046 HOH A O   1 
HETATM 724 O  O   . HOH E 5 .  ? -1.165  7.797   -10.447 1.00 12.68 ? 2047 HOH A O   1 
HETATM 725 O  O   . HOH E 5 .  ? -4.785  0.121   -20.357 1.00 31.79 ? 2048 HOH A O   1 
HETATM 726 O  O   . HOH E 5 .  ? -3.796  1.639   -1.283  1.00 7.50  ? 2049 HOH A O   1 
HETATM 727 O  O   . HOH E 5 .  ? 1.946   -6.142  -8.942  1.00 25.47 ? 2050 HOH A O   1 
HETATM 728 O  O   . HOH E 5 .  ? -7.206  8.105   -2.573  1.00 8.83  ? 2051 HOH A O   1 
HETATM 729 O  O   . HOH E 5 .  ? -6.404  5.218   4.815   1.00 6.82  ? 2052 HOH A O   1 
HETATM 730 O  O   . HOH E 5 .  ? -13.865 3.367   4.085   1.00 28.83 ? 2053 HOH A O   1 
HETATM 731 O  O   . HOH E 5 .  ? -7.880  7.661   5.360   1.00 12.57 ? 2054 HOH A O   1 
HETATM 732 O  O   . HOH E 5 .  ? -12.200 7.856   3.552   1.00 17.71 ? 2055 HOH A O   1 
HETATM 733 O  O   . HOH E 5 .  ? -9.421  8.824   -4.449  1.00 11.90 ? 2056 HOH A O   1 
HETATM 734 O  O   . HOH E 5 .  ? -14.487 6.427   -0.969  1.00 17.22 ? 2057 HOH A O   1 
HETATM 735 O  O   . HOH E 5 .  ? -11.148 9.528   -2.417  1.00 11.94 ? 2058 HOH A O   1 
HETATM 736 O  O   . HOH E 5 .  ? -16.167 3.647   -6.031  1.00 30.61 ? 2059 HOH A O   1 
HETATM 737 O  O   . HOH E 5 .  ? -15.249 -2.051  1.304   1.00 22.28 ? 2060 HOH A O   1 
HETATM 738 O  O   . HOH E 5 .  ? -13.885 -3.970  -7.698  1.00 24.80 ? 2061 HOH A O   1 
HETATM 739 O  O   . HOH E 5 .  ? -14.705 -4.653  -3.261  1.00 26.66 ? 2062 HOH A O   1 
HETATM 740 O  O   . HOH E 5 .  ? -17.646 -1.708  -0.847  1.00 20.95 ? 2063 HOH A O   1 
HETATM 741 O  O   . HOH E 5 .  ? -18.698 3.133   -0.499  1.00 38.72 ? 2064 HOH A O   1 
HETATM 742 O  O   . HOH E 5 .  ? -19.078 -0.449  -7.327  1.00 35.07 ? 2065 HOH A O   1 
HETATM 743 O  O   . HOH E 5 .  ? -13.256 -10.371 2.699   1.00 29.70 ? 2066 HOH A O   1 
HETATM 744 O  O   . HOH E 5 .  ? -13.951 -11.269 -0.769  1.00 31.53 ? 2067 HOH A O   1 
HETATM 745 O  O   . HOH E 5 .  ? -13.169 -6.548  -2.853  1.00 18.96 ? 2068 HOH A O   1 
HETATM 746 O  O   . HOH E 5 .  ? -5.989  -6.564  0.004   1.00 13.08 ? 2069 HOH A O   1 
HETATM 747 O  O   . HOH E 5 .  ? -5.174  -9.154  0.222   1.00 15.62 ? 2070 HOH A O   1 
HETATM 748 O  O   . HOH E 5 .  ? -14.524 -0.551  5.230   1.00 22.31 ? 2071 HOH A O   1 
HETATM 749 O  O   . HOH E 5 .  ? -12.290 5.220   7.332   1.00 17.09 ? 2072 HOH A O   1 
HETATM 750 O  O   . HOH E 5 .  ? -16.631 -2.368  6.857   1.00 34.58 ? 2073 HOH A O   1 
HETATM 751 O  O   . HOH E 5 .  ? -12.893 -6.658  9.310   1.00 25.04 ? 2074 HOH A O   1 
HETATM 752 O  O   . HOH E 5 .  ? -14.889 -4.853  9.772   1.00 28.05 ? 2075 HOH A O   1 
HETATM 753 O  O   . HOH E 5 .  ? -15.582 -3.668  3.457   1.00 21.03 ? 2076 HOH A O   1 
HETATM 754 O  O   . HOH E 5 .  ? -5.497  -5.643  11.263  1.00 16.13 ? 2077 HOH A O   1 
HETATM 755 O  O   . HOH E 5 .  ? -4.752  -0.185  9.663   1.00 9.74  ? 2078 HOH A O   1 
HETATM 756 O  O   . HOH E 5 .  ? -8.621  -11.056 5.282   1.00 33.81 ? 2079 HOH A O   1 
HETATM 757 O  O   . HOH E 5 .  ? -12.362 -8.716  5.326   1.00 32.75 ? 2080 HOH A O   1 
HETATM 758 O  O   . HOH E 5 .  ? -2.616  0.210   12.625  1.00 13.00 ? 2081 HOH A O   1 
HETATM 759 O  O   . HOH E 5 .  ? 0.597   -5.728  13.008  1.00 20.98 ? 2082 HOH A O   1 
HETATM 760 O  O   . HOH E 5 .  ? 1.056   3.997   9.805   1.00 13.74 ? 2083 HOH A O   1 
HETATM 761 O  O   . HOH E 5 .  ? -2.948  3.257   10.699  1.00 20.51 ? 2084 HOH A O   1 
HETATM 762 O  O   . HOH E 5 .  ? -2.243  -13.498 2.732   1.00 20.60 ? 2085 HOH A O   1 
HETATM 763 O  O   . HOH E 5 .  ? -2.820  -11.979 -0.884  1.00 25.73 ? 2086 HOH A O   1 
HETATM 764 O  O   . HOH E 5 .  ? 0.936   -11.329 -4.838  1.00 13.94 ? 2087 HOH A O   1 
HETATM 765 O  O   . HOH E 5 .  ? 10.926  -10.425 0.036   1.00 17.78 ? 2088 HOH A O   1 
HETATM 766 O  O   . HOH E 5 .  ? 7.025   -10.542 -6.107  1.00 20.36 ? 2089 HOH A O   1 
HETATM 767 O  O   . HOH E 5 .  ? 7.752   -2.596  -2.350  1.00 10.26 ? 2090 HOH A O   1 
HETATM 768 O  O   . HOH E 5 .  ? -7.857  8.663   -10.434 1.00 19.38 ? 2091 HOH A O   1 
HETATM 769 O  O   . HOH E 5 .  ? -4.127  7.713   -14.338 1.00 26.38 ? 2092 HOH A O   1 
HETATM 770 O  O   . HOH E 5 .  ? -2.450  6.532   -16.791 1.00 33.03 ? 2093 HOH A O   1 
HETATM 771 O  O   . HOH E 5 .  ? -4.694  -2.922  -17.184 1.00 19.12 ? 2094 HOH A O   1 
HETATM 772 O  O   . HOH E 5 .  ? -3.162  0.866   -18.337 1.00 27.66 ? 2095 HOH A O   1 
HETATM 773 O  O   . HOH E 5 .  ? -5.067  -4.190  -12.606 1.00 13.84 ? 2096 HOH A O   1 
HETATM 774 O  O   . HOH E 5 .  ? -3.533  -5.195  -10.379 1.00 26.33 ? 2097 HOH A O   1 
HETATM 775 O  O   . HOH E 5 .  ? 0.526   -4.868  -10.606 1.00 34.87 ? 2098 HOH A O   1 
HETATM 776 O  O   . HOH E 5 .  ? -4.549  -8.839  -8.343  1.00 17.74 ? 2099 HOH A O   1 
HETATM 777 O  O   . HOH E 5 .  ? 3.702   -2.726  -11.606 1.00 12.30 ? 2100 HOH A O   1 
HETATM 778 O  O   . HOH E 5 .  ? 1.469   -1.596  -13.883 1.00 30.57 ? 2101 HOH A O   1 
HETATM 779 O  O   . HOH E 5 .  ? 4.001   -4.026  -9.212  1.00 9.39  ? 2102 HOH A O   1 
HETATM 780 O  O   . HOH E 5 .  ? 3.036   -10.702 -7.246  1.00 22.47 ? 2103 HOH A O   1 
HETATM 781 O  O   . HOH E 5 .  ? 9.748   -2.699  -5.491  1.00 27.49 ? 2104 HOH A O   1 
HETATM 782 O  O   . HOH E 5 .  ? 11.697  5.371   -5.402  1.00 33.97 ? 2105 HOH A O   1 
HETATM 783 O  O   . HOH E 5 .  ? 14.645  -3.954  -3.032  1.00 20.22 ? 2106 HOH A O   1 
HETATM 784 O  O   . HOH E 5 .  ? 15.565  -7.026  4.967   1.00 22.15 ? 2107 HOH A O   1 
HETATM 785 O  O   . HOH E 5 .  ? 18.730  -11.911 1.472   1.00 16.18 ? 2108 HOH A O   1 
HETATM 786 O  O   . HOH E 5 .  ? 20.113  -1.299  4.754   1.00 31.32 ? 2109 HOH A O   1 
HETATM 787 O  O   . HOH E 5 .  ? -1.229  -11.904 -6.639  1.00 33.72 ? 2110 HOH A O   1 
# 
